data_6WSP
# 
_entry.id   6WSP 
# 
_audit_conform.dict_name       mmcif_pdbx.dic 
_audit_conform.dict_version    5.380 
_audit_conform.dict_location   http://mmcif.pdb.org/dictionaries/ascii/mmcif_pdbx.dic 
# 
loop_
_database_2.database_id 
_database_2.database_code 
_database_2.pdbx_database_accession 
_database_2.pdbx_DOI 
PDB   6WSP         pdb_00006wsp 10.2210/pdb6wsp/pdb 
WWPDB D_1000248899 ?            ?                   
# 
_pdbx_database_status.status_code                     REL 
_pdbx_database_status.status_code_sf                  REL 
_pdbx_database_status.status_code_mr                  ? 
_pdbx_database_status.entry_id                        6WSP 
_pdbx_database_status.recvd_initial_deposition_date   2020-05-01 
_pdbx_database_status.SG_entry                        N 
_pdbx_database_status.deposit_site                    RCSB 
_pdbx_database_status.process_site                    RCSB 
_pdbx_database_status.status_code_cs                  ? 
_pdbx_database_status.status_code_nmr_data            ? 
_pdbx_database_status.methods_development_category    ? 
_pdbx_database_status.pdb_format_compatible           Y 
# 
loop_
_audit_author.name 
_audit_author.pdbx_ordinal 
_audit_author.identifier_ORCID 
'Simmons, C.R.'      1 0000-0002-2290-6132 
'MacCulloch, T.'     2 0000-0001-5875-3361 
'Stephanopoulos, N.' 3 0000-0001-7859-410X 
'Yan, H.'            4 0000-0001-7397-9852 
# 
_citation.abstract                  ? 
_citation.abstract_id_CAS           ? 
_citation.book_id_ISBN              ? 
_citation.book_publisher            ? 
_citation.book_publisher_city       ? 
_citation.book_title                ? 
_citation.coordinate_linkage        ? 
_citation.country                   UK 
_citation.database_id_Medline       ? 
_citation.details                   ? 
_citation.id                        primary 
_citation.journal_abbrev            'Nat Commun' 
_citation.journal_id_ASTM           ? 
_citation.journal_id_CSD            ? 
_citation.journal_id_ISSN           2041-1723 
_citation.journal_full              ? 
_citation.journal_issue             ? 
_citation.journal_volume            13 
_citation.language                  ? 
_citation.page_first                3112 
_citation.page_last                 3112 
_citation.title                     'The influence of Holliday junction sequence and dynamics on DNA crystal self-assembly.' 
_citation.year                      2022 
_citation.database_id_CSD           ? 
_citation.pdbx_database_id_DOI      10.1038/s41467-022-30779-6 
_citation.pdbx_database_id_PubMed   35662248 
_citation.unpublished_flag          ? 
# 
loop_
_citation_author.citation_id 
_citation_author.name 
_citation_author.ordinal 
_citation_author.identifier_ORCID 
primary 'Simmons, C.R.'      1  ?                   
primary 'MacCulloch, T.'     2  ?                   
primary 'Krepl, M.'          3  0000-0002-9833-4281 
primary 'Matthies, M.'       4  ?                   
primary 'Buchberger, A.'     5  ?                   
primary 'Crawford, I.'       6  ?                   
primary 'Sponer, J.'         7  0000-0001-6558-6186 
primary 'Sulc, P.'           8  0000-0003-1565-6769 
primary 'Stephanopoulos, N.' 9  0000-0001-7859-410X 
primary 'Yan, H.'            10 0000-0001-7397-9852 
# 
_cell.angle_alpha                  90.000 
_cell.angle_alpha_esd              ? 
_cell.angle_beta                   90.000 
_cell.angle_beta_esd               ? 
_cell.angle_gamma                  120.000 
_cell.angle_gamma_esd              ? 
_cell.entry_id                     6WSP 
_cell.details                      ? 
_cell.formula_units_Z              ? 
_cell.length_a                     68.731 
_cell.length_a_esd                 ? 
_cell.length_b                     68.731 
_cell.length_b_esd                 ? 
_cell.length_c                     60.829 
_cell.length_c_esd                 ? 
_cell.volume                       ? 
_cell.volume_esd                   ? 
_cell.Z_PDB                        3 
_cell.reciprocal_angle_alpha       ? 
_cell.reciprocal_angle_beta        ? 
_cell.reciprocal_angle_gamma       ? 
_cell.reciprocal_angle_alpha_esd   ? 
_cell.reciprocal_angle_beta_esd    ? 
_cell.reciprocal_angle_gamma_esd   ? 
_cell.reciprocal_length_a          ? 
_cell.reciprocal_length_b          ? 
_cell.reciprocal_length_c          ? 
_cell.reciprocal_length_a_esd      ? 
_cell.reciprocal_length_b_esd      ? 
_cell.reciprocal_length_c_esd      ? 
_cell.pdbx_unique_axis             ? 
# 
_symmetry.entry_id                         6WSP 
_symmetry.cell_setting                     ? 
_symmetry.Int_Tables_number                145 
_symmetry.space_group_name_Hall            ? 
_symmetry.space_group_name_H-M             'P 32' 
_symmetry.pdbx_full_space_group_name_H-M   ? 
# 
loop_
_entity.id 
_entity.type 
_entity.src_method 
_entity.pdbx_description 
_entity.formula_weight 
_entity.pdbx_number_of_molecules 
_entity.pdbx_ec 
_entity.pdbx_mutation 
_entity.pdbx_fragment 
_entity.details 
1 polymer     syn 
;DNA (5'-D(*GP*AP*GP*CP*AP*GP*AP*CP*GP*TP*GP*AP*CP*TP*GP*CP*AP*CP*TP*CP*A)-3')
;
6457.187 1 ? ? ? ? 
2 polymer     syn 
;DNA (5'-D(P*AP*GP*TP*CP*A)-3')
;
1504.037 1 ? ? ? ? 
3 polymer     syn 
;DNA (5'-D(*TP*CP*TP*GP*AP*GP*TP*GP*C)-3')
;
2746.809 1 ? ? ? ? 
4 polymer     syn 
;DNA (5'-D(P*CP*GP*TP*CP*TP*GP*C)-3')
;
2089.385 1 ? ? ? ? 
5 non-polymer syn 'MAGNESIUM ION'                                                                 24.305   1 ? ? ? ? 
6 non-polymer syn 'CACODYLATE ION'                                                                136.989  2 ? ? ? ? 
# 
loop_
_entity_poly.entity_id 
_entity_poly.type 
_entity_poly.nstd_linkage 
_entity_poly.nstd_monomer 
_entity_poly.pdbx_seq_one_letter_code 
_entity_poly.pdbx_seq_one_letter_code_can 
_entity_poly.pdbx_strand_id 
_entity_poly.pdbx_target_identifier 
1 polydeoxyribonucleotide no no 
;(DG)(DA)(DG)(DC)(DA)(DG)(DA)(DC)(DG)(DT)(DG)(DA)(DC)(DT)(DG)(DC)(DA)(DC)(DT)(DC)
(DA)
;
GAGCAGACGTGACTGCACTCA A ? 
2 polydeoxyribonucleotide no no '(DA)(DG)(DT)(DC)(DA)'                                                                  AGTCA B ? 
3 polydeoxyribonucleotide no no '(DT)(DC)(DT)(DG)(DA)(DG)(DT)(DG)(DC)'                                                  TCTGAGTGC 
C ? 
4 polydeoxyribonucleotide no no '(DC)(DG)(DT)(DC)(DT)(DG)(DC)'                                                          CGTCTGC D 
? 
# 
loop_
_entity_poly_seq.entity_id 
_entity_poly_seq.num 
_entity_poly_seq.mon_id 
_entity_poly_seq.hetero 
1 1  DG n 
1 2  DA n 
1 3  DG n 
1 4  DC n 
1 5  DA n 
1 6  DG n 
1 7  DA n 
1 8  DC n 
1 9  DG n 
1 10 DT n 
1 11 DG n 
1 12 DA n 
1 13 DC n 
1 14 DT n 
1 15 DG n 
1 16 DC n 
1 17 DA n 
1 18 DC n 
1 19 DT n 
1 20 DC n 
1 21 DA n 
2 1  DA n 
2 2  DG n 
2 3  DT n 
2 4  DC n 
2 5  DA n 
3 1  DT n 
3 2  DC n 
3 3  DT n 
3 4  DG n 
3 5  DA n 
3 6  DG n 
3 7  DT n 
3 8  DG n 
3 9  DC n 
4 1  DC n 
4 2  DG n 
4 3  DT n 
4 4  DC n 
4 5  DT n 
4 6  DG n 
4 7  DC n 
# 
loop_
_pdbx_entity_src_syn.entity_id 
_pdbx_entity_src_syn.pdbx_src_id 
_pdbx_entity_src_syn.pdbx_alt_source_flag 
_pdbx_entity_src_syn.pdbx_beg_seq_num 
_pdbx_entity_src_syn.pdbx_end_seq_num 
_pdbx_entity_src_syn.organism_scientific 
_pdbx_entity_src_syn.organism_common_name 
_pdbx_entity_src_syn.ncbi_taxonomy_id 
_pdbx_entity_src_syn.details 
1 1 sample 1 21 'synthetic construct' ? 32630 ? 
2 1 sample 1 5  'synthetic construct' ? 32630 ? 
3 1 sample 1 9  'synthetic construct' ? 32630 ? 
4 1 sample 1 7  'synthetic construct' ? 32630 ? 
# 
loop_
_struct_ref.id 
_struct_ref.db_name 
_struct_ref.db_code 
_struct_ref.pdbx_db_accession 
_struct_ref.pdbx_db_isoform 
_struct_ref.entity_id 
_struct_ref.pdbx_seq_one_letter_code 
_struct_ref.pdbx_align_begin 
1 PDB 6WSP 6WSP ? 1 ? 1 
2 PDB 6WSP 6WSP ? 2 ? 1 
3 PDB 6WSP 6WSP ? 3 ? 1 
4 PDB 6WSP 6WSP ? 4 ? 1 
# 
loop_
_struct_ref_seq.align_id 
_struct_ref_seq.ref_id 
_struct_ref_seq.pdbx_PDB_id_code 
_struct_ref_seq.pdbx_strand_id 
_struct_ref_seq.seq_align_beg 
_struct_ref_seq.pdbx_seq_align_beg_ins_code 
_struct_ref_seq.seq_align_end 
_struct_ref_seq.pdbx_seq_align_end_ins_code 
_struct_ref_seq.pdbx_db_accession 
_struct_ref_seq.db_align_beg 
_struct_ref_seq.pdbx_db_align_beg_ins_code 
_struct_ref_seq.db_align_end 
_struct_ref_seq.pdbx_db_align_end_ins_code 
_struct_ref_seq.pdbx_auth_seq_align_beg 
_struct_ref_seq.pdbx_auth_seq_align_end 
1 1 6WSP A 1 ? 21 ? 6WSP 1  ? 21 ? 1  21 
2 2 6WSP B 1 ? 5  ? 6WSP 1  ? 5  ? 1  5  
3 3 6WSP C 1 ? 9  ? 6WSP 1  ? 9  ? 1  9  
4 4 6WSP D 1 ? 7  ? 6WSP 10 ? 16 ? 10 16 
# 
loop_
_chem_comp.id 
_chem_comp.type 
_chem_comp.mon_nstd_flag 
_chem_comp.name 
_chem_comp.pdbx_synonyms 
_chem_comp.formula 
_chem_comp.formula_weight 
CAC non-polymer   . 'CACODYLATE ION'                     dimethylarsinate 'C2 H6 As O2 -1'  136.989 
DA  'DNA linking' y "2'-DEOXYADENOSINE-5'-MONOPHOSPHATE" ?                'C10 H14 N5 O6 P' 331.222 
DC  'DNA linking' y "2'-DEOXYCYTIDINE-5'-MONOPHOSPHATE"  ?                'C9 H14 N3 O7 P'  307.197 
DG  'DNA linking' y "2'-DEOXYGUANOSINE-5'-MONOPHOSPHATE" ?                'C10 H14 N5 O7 P' 347.221 
DT  'DNA linking' y "THYMIDINE-5'-MONOPHOSPHATE"         ?                'C10 H15 N2 O8 P' 322.208 
MG  non-polymer   . 'MAGNESIUM ION'                      ?                'Mg 2'            24.305  
# 
_exptl.absorpt_coefficient_mu     ? 
_exptl.absorpt_correction_T_max   ? 
_exptl.absorpt_correction_T_min   ? 
_exptl.absorpt_correction_type    ? 
_exptl.absorpt_process_details    ? 
_exptl.entry_id                   6WSP 
_exptl.crystals_number            1 
_exptl.details                    ? 
_exptl.method                     'X-RAY DIFFRACTION' 
_exptl.method_details             ? 
# 
_exptl_crystal.colour                      ? 
_exptl_crystal.density_diffrn              ? 
_exptl_crystal.density_Matthews            6.48 
_exptl_crystal.density_method              ? 
_exptl_crystal.density_percent_sol         81.02 
_exptl_crystal.description                 ? 
_exptl_crystal.F_000                       ? 
_exptl_crystal.id                          1 
_exptl_crystal.preparation                 ? 
_exptl_crystal.size_max                    ? 
_exptl_crystal.size_mid                    ? 
_exptl_crystal.size_min                    ? 
_exptl_crystal.size_rad                    ? 
_exptl_crystal.colour_lustre               ? 
_exptl_crystal.colour_modifier             ? 
_exptl_crystal.colour_primary              ? 
_exptl_crystal.density_meas                ? 
_exptl_crystal.density_meas_esd            ? 
_exptl_crystal.density_meas_gt             ? 
_exptl_crystal.density_meas_lt             ? 
_exptl_crystal.density_meas_temp           ? 
_exptl_crystal.density_meas_temp_esd       ? 
_exptl_crystal.density_meas_temp_gt        ? 
_exptl_crystal.density_meas_temp_lt        ? 
_exptl_crystal.pdbx_crystal_image_url      ? 
_exptl_crystal.pdbx_crystal_image_format   ? 
_exptl_crystal.pdbx_mosaicity              ? 
_exptl_crystal.pdbx_mosaicity_esd          ? 
# 
_exptl_crystal_grow.apparatus       ? 
_exptl_crystal_grow.atmosphere      ? 
_exptl_crystal_grow.crystal_id      1 
_exptl_crystal_grow.details         ? 
_exptl_crystal_grow.method          'VAPOR DIFFUSION, SITTING DROP' 
_exptl_crystal_grow.method_ref      ? 
_exptl_crystal_grow.pH              ? 
_exptl_crystal_grow.pressure        ? 
_exptl_crystal_grow.pressure_esd    ? 
_exptl_crystal_grow.seeding         ? 
_exptl_crystal_grow.seeding_ref     ? 
_exptl_crystal_grow.temp            298 
_exptl_crystal_grow.temp_details    'temperature gradient generated from 60 to 25 C at 0.3 degrees per hour' 
_exptl_crystal_grow.temp_esd        ? 
_exptl_crystal_grow.time            ? 
_exptl_crystal_grow.pdbx_details    
;0.5 mL of 0.05 M Cacodylate pH 6.0, 20 mM MgCl2, 1.0 mM spermine, and 15% Ethanol was added to the reservoir with 2 uL added to the drop containing 4 uL of DNA stock
;
_exptl_crystal_grow.pdbx_pH_range   ? 
# 
_diffrn.ambient_environment              ? 
_diffrn.ambient_temp                     100 
_diffrn.ambient_temp_details             ? 
_diffrn.ambient_temp_esd                 ? 
_diffrn.crystal_id                       1 
_diffrn.crystal_support                  ? 
_diffrn.crystal_treatment                ? 
_diffrn.details                          ? 
_diffrn.id                               1 
_diffrn.ambient_pressure                 ? 
_diffrn.ambient_pressure_esd             ? 
_diffrn.ambient_pressure_gt              ? 
_diffrn.ambient_pressure_lt              ? 
_diffrn.ambient_temp_gt                  ? 
_diffrn.ambient_temp_lt                  ? 
_diffrn.pdbx_serial_crystal_experiment   N 
# 
_diffrn_detector.details                      ? 
_diffrn_detector.detector                     PIXEL 
_diffrn_detector.diffrn_id                    1 
_diffrn_detector.type                         'DECTRIS PILATUS3 6M' 
_diffrn_detector.area_resol_mean              ? 
_diffrn_detector.dtime                        ? 
_diffrn_detector.pdbx_frames_total            ? 
_diffrn_detector.pdbx_collection_time_total   ? 
_diffrn_detector.pdbx_collection_date         2018-03-15 
_diffrn_detector.pdbx_frequency               ? 
# 
_diffrn_radiation.collimation                      ? 
_diffrn_radiation.diffrn_id                        1 
_diffrn_radiation.filter_edge                      ? 
_diffrn_radiation.inhomogeneity                    ? 
_diffrn_radiation.monochromator                    ? 
_diffrn_radiation.polarisn_norm                    ? 
_diffrn_radiation.polarisn_ratio                   ? 
_diffrn_radiation.probe                            ? 
_diffrn_radiation.type                             ? 
_diffrn_radiation.xray_symbol                      ? 
_diffrn_radiation.wavelength_id                    1 
_diffrn_radiation.pdbx_monochromatic_or_laue_m_l   M 
_diffrn_radiation.pdbx_wavelength_list             ? 
_diffrn_radiation.pdbx_wavelength                  ? 
_diffrn_radiation.pdbx_diffrn_protocol             'SINGLE WAVELENGTH' 
_diffrn_radiation.pdbx_analyzer                    ? 
_diffrn_radiation.pdbx_scattering_type             x-ray 
# 
_diffrn_radiation_wavelength.id           1 
_diffrn_radiation_wavelength.wavelength   0.92 
_diffrn_radiation_wavelength.wt           1.0 
# 
_diffrn_source.current                     ? 
_diffrn_source.details                     ? 
_diffrn_source.diffrn_id                   1 
_diffrn_source.power                       ? 
_diffrn_source.size                        ? 
_diffrn_source.source                      SYNCHROTRON 
_diffrn_source.target                      ? 
_diffrn_source.type                        'APS BEAMLINE 19-ID' 
_diffrn_source.voltage                     ? 
_diffrn_source.take-off_angle              ? 
_diffrn_source.pdbx_wavelength_list        0.92 
_diffrn_source.pdbx_wavelength             ? 
_diffrn_source.pdbx_synchrotron_beamline   19-ID 
_diffrn_source.pdbx_synchrotron_site       APS 
# 
_reflns.B_iso_Wilson_estimate            110.210 
_reflns.entry_id                         6WSP 
_reflns.data_reduction_details           ? 
_reflns.data_reduction_method            ? 
_reflns.d_resolution_high                3.049 
_reflns.d_resolution_low                 50.000 
_reflns.details                          ? 
_reflns.limit_h_max                      ? 
_reflns.limit_h_min                      ? 
_reflns.limit_k_max                      ? 
_reflns.limit_k_min                      ? 
_reflns.limit_l_max                      ? 
_reflns.limit_l_min                      ? 
_reflns.number_all                       ? 
_reflns.number_obs                       5886 
_reflns.observed_criterion               ? 
_reflns.observed_criterion_F_max         ? 
_reflns.observed_criterion_F_min         ? 
_reflns.observed_criterion_I_max         ? 
_reflns.observed_criterion_I_min         ? 
_reflns.observed_criterion_sigma_F       ? 
_reflns.observed_criterion_sigma_I       ? 
_reflns.percent_possible_obs             95.900 
_reflns.R_free_details                   ? 
_reflns.Rmerge_F_all                     ? 
_reflns.Rmerge_F_obs                     ? 
_reflns.Friedel_coverage                 ? 
_reflns.number_gt                        ? 
_reflns.threshold_expression             ? 
_reflns.pdbx_redundancy                  9.700 
_reflns.pdbx_Rmerge_I_obs                0.093 
_reflns.pdbx_Rmerge_I_all                ? 
_reflns.pdbx_Rsym_value                  ? 
_reflns.pdbx_netI_over_av_sigmaI         ? 
_reflns.pdbx_netI_over_sigmaI            5.500 
_reflns.pdbx_res_netI_over_av_sigmaI_2   ? 
_reflns.pdbx_res_netI_over_sigmaI_2      ? 
_reflns.pdbx_chi_squared                 2.857 
_reflns.pdbx_scaling_rejects             ? 
_reflns.pdbx_d_res_high_opt              ? 
_reflns.pdbx_d_res_low_opt               ? 
_reflns.pdbx_d_res_opt_method            ? 
_reflns.phase_calculation_details        ? 
_reflns.pdbx_Rrim_I_all                  0.098 
_reflns.pdbx_Rpim_I_all                  0.031 
_reflns.pdbx_d_opt                       ? 
_reflns.pdbx_number_measured_all         ? 
_reflns.pdbx_diffrn_id                   1 
_reflns.pdbx_ordinal                     1 
_reflns.pdbx_CC_half                     0.972 
_reflns.pdbx_CC_star                     ? 
_reflns.pdbx_R_split                     ? 
# 
loop_
_reflns_shell.d_res_high 
_reflns_shell.d_res_low 
_reflns_shell.meanI_over_sigI_all 
_reflns_shell.meanI_over_sigI_obs 
_reflns_shell.number_measured_all 
_reflns_shell.number_measured_obs 
_reflns_shell.number_possible 
_reflns_shell.number_unique_all 
_reflns_shell.number_unique_obs 
_reflns_shell.percent_possible_all 
_reflns_shell.percent_possible_obs 
_reflns_shell.Rmerge_F_all 
_reflns_shell.Rmerge_F_obs 
_reflns_shell.Rmerge_I_all 
_reflns_shell.Rmerge_I_obs 
_reflns_shell.meanI_over_sigI_gt 
_reflns_shell.meanI_over_uI_all 
_reflns_shell.meanI_over_uI_gt 
_reflns_shell.number_measured_gt 
_reflns_shell.number_unique_gt 
_reflns_shell.percent_possible_gt 
_reflns_shell.Rmerge_F_gt 
_reflns_shell.Rmerge_I_gt 
_reflns_shell.pdbx_redundancy 
_reflns_shell.pdbx_Rsym_value 
_reflns_shell.pdbx_chi_squared 
_reflns_shell.pdbx_netI_over_sigmaI_all 
_reflns_shell.pdbx_netI_over_sigmaI_obs 
_reflns_shell.pdbx_Rrim_I_all 
_reflns_shell.pdbx_Rpim_I_all 
_reflns_shell.pdbx_rejects 
_reflns_shell.pdbx_ordinal 
_reflns_shell.pdbx_diffrn_id 
_reflns_shell.pdbx_CC_half 
_reflns_shell.pdbx_CC_star 
_reflns_shell.pdbx_R_split 
3.050 3.100  ? ? ? ? ? ? 199 66.800  ? ? ? ? 0.725 ? ? ? ? ? ? ? ? 7.700  ? 0.440  ? ? 0.770 0.251 ? 1  1 0.901 ? ? 
3.100 3.160  ? ? ? ? ? ? 226 74.300  ? ? ? ? 0.519 ? ? ? ? ? ? ? ? 7.700  ? 0.484  ? ? 0.550 0.177 ? 2  1 0.966 ? ? 
3.160 3.220  ? ? ? ? ? ? 268 86.200  ? ? ? ? 0.218 ? ? ? ? ? ? ? ? 7.100  ? 0.514  ? ? 0.232 0.079 ? 3  1 0.994 ? ? 
3.220 3.290  ? ? ? ? ? ? 289 92.600  ? ? ? ? 0.127 ? ? ? ? ? ? ? ? 6.900  ? 0.513  ? ? 0.137 0.051 ? 4  1 0.996 ? ? 
3.290 3.360  ? ? ? ? ? ? 307 99.400  ? ? ? ? 0.188 ? ? ? ? ? ? ? ? 8.800  ? 0.490  ? ? 0.198 0.061 ? 5  1 0.996 ? ? 
3.360 3.430  ? ? ? ? ? ? 314 99.700  ? ? ? ? 0.156 ? ? ? ? ? ? ? ? 9.600  ? 0.546  ? ? 0.164 0.050 ? 6  1 0.997 ? ? 
3.430 3.520  ? ? ? ? ? ? 290 100.000 ? ? ? ? 0.221 ? ? ? ? ? ? ? ? 9.600  ? 0.456  ? ? 0.232 0.072 ? 7  1 0.994 ? ? 
3.520 3.620  ? ? ? ? ? ? 315 100.000 ? ? ? ? 0.198 ? ? ? ? ? ? ? ? 10.300 ? 0.483  ? ? 0.208 0.063 ? 8  1 0.994 ? ? 
3.620 3.720  ? ? ? ? ? ? 291 100.000 ? ? ? ? 0.299 ? ? ? ? ? ? ? ? 10.200 ? 0.464  ? ? 0.314 0.096 ? 9  1 0.975 ? ? 
3.720 3.840  ? ? ? ? ? ? 334 100.000 ? ? ? ? 0.217 ? ? ? ? ? ? ? ? 10.300 ? 0.489  ? ? 0.229 0.070 ? 10 1 0.990 ? ? 
3.840 3.980  ? ? ? ? ? ? 300 99.700  ? ? ? ? 0.147 ? ? ? ? ? ? ? ? 9.900  ? 0.530  ? ? 0.155 0.048 ? 11 1 0.994 ? ? 
3.980 4.140  ? ? ? ? ? ? 291 100.000 ? ? ? ? 0.118 ? ? ? ? ? ? ? ? 9.500  ? 0.628  ? ? 0.125 0.041 ? 12 1 0.995 ? ? 
4.140 4.330  ? ? ? ? ? ? 320 100.000 ? ? ? ? 0.108 ? ? ? ? ? ? ? ? 10.800 ? 0.836  ? ? 0.113 0.034 ? 13 1 0.997 ? ? 
4.330 4.560  ? ? ? ? ? ? 313 100.000 ? ? ? ? 0.092 ? ? ? ? ? ? ? ? 10.900 ? 0.538  ? ? 0.097 0.029 ? 14 1 0.997 ? ? 
4.560 4.840  ? ? ? ? ? ? 297 99.700  ? ? ? ? 0.081 ? ? ? ? ? ? ? ? 10.600 ? 1.499  ? ? 0.085 0.026 ? 15 1 0.996 ? ? 
4.840 5.210  ? ? ? ? ? ? 303 100.000 ? ? ? ? 0.066 ? ? ? ? ? ? ? ? 10.300 ? 2.141  ? ? 0.070 0.022 ? 16 1 0.998 ? ? 
5.210 5.740  ? ? ? ? ? ? 317 100.000 ? ? ? ? 0.065 ? ? ? ? ? ? ? ? 10.300 ? 5.117  ? ? 0.068 0.021 ? 17 1 0.994 ? ? 
5.740 6.570  ? ? ? ? ? ? 302 100.000 ? ? ? ? 0.069 ? ? ? ? ? ? ? ? 11.000 ? 5.403  ? ? 0.072 0.022 ? 18 1 0.988 ? ? 
6.570 8.270  ? ? ? ? ? ? 305 100.000 ? ? ? ? 0.047 ? ? ? ? ? ? ? ? 10.200 ? 4.525  ? ? 0.049 0.015 ? 19 1 0.999 ? ? 
8.270 50.000 ? ? ? ? ? ? 305 99.000  ? ? ? ? 0.096 ? ? ? ? ? ? ? ? 10.500 ? 25.344 ? ? 0.102 0.033 ? 20 1 0.990 ? ? 
# 
_refine.aniso_B[1][1]                            ? 
_refine.aniso_B[1][2]                            ? 
_refine.aniso_B[1][3]                            ? 
_refine.aniso_B[2][2]                            ? 
_refine.aniso_B[2][3]                            ? 
_refine.aniso_B[3][3]                            ? 
_refine.B_iso_max                                173.870 
_refine.B_iso_mean                               112.7892 
_refine.B_iso_min                                63.980 
_refine.correlation_coeff_Fo_to_Fc               ? 
_refine.correlation_coeff_Fo_to_Fc_free          ? 
_refine.details                                  ? 
_refine.diff_density_max                         ? 
_refine.diff_density_max_esd                     ? 
_refine.diff_density_min                         ? 
_refine.diff_density_min_esd                     ? 
_refine.diff_density_rms                         ? 
_refine.diff_density_rms_esd                     ? 
_refine.entry_id                                 6WSP 
_refine.pdbx_refine_id                           'X-RAY DIFFRACTION' 
_refine.ls_abs_structure_details                 ? 
_refine.ls_abs_structure_Flack                   ? 
_refine.ls_abs_structure_Flack_esd               ? 
_refine.ls_abs_structure_Rogers                  ? 
_refine.ls_abs_structure_Rogers_esd              ? 
_refine.ls_d_res_high                            3.0490 
_refine.ls_d_res_low                             34.3650 
_refine.ls_extinction_coef                       ? 
_refine.ls_extinction_coef_esd                   ? 
_refine.ls_extinction_expression                 ? 
_refine.ls_extinction_method                     ? 
_refine.ls_goodness_of_fit_all                   ? 
_refine.ls_goodness_of_fit_all_esd               ? 
_refine.ls_goodness_of_fit_obs                   ? 
_refine.ls_goodness_of_fit_obs_esd               ? 
_refine.ls_hydrogen_treatment                    ? 
_refine.ls_matrix_type                           ? 
_refine.ls_number_constraints                    ? 
_refine.ls_number_parameters                     ? 
_refine.ls_number_reflns_all                     ? 
_refine.ls_number_reflns_obs                     5765 
_refine.ls_number_reflns_R_free                  568 
_refine.ls_number_reflns_R_work                  ? 
_refine.ls_number_restraints                     ? 
_refine.ls_percent_reflns_obs                    94.1500 
_refine.ls_percent_reflns_R_free                 9.8500 
_refine.ls_R_factor_all                          ? 
_refine.ls_R_factor_obs                          0.2643 
_refine.ls_R_factor_R_free                       0.2889 
_refine.ls_R_factor_R_free_error                 ? 
_refine.ls_R_factor_R_free_error_details         ? 
_refine.ls_R_factor_R_work                       0.2614 
_refine.ls_R_Fsqd_factor_obs                     ? 
_refine.ls_R_I_factor_obs                        ? 
_refine.ls_redundancy_reflns_all                 ? 
_refine.ls_redundancy_reflns_obs                 ? 
_refine.ls_restrained_S_all                      ? 
_refine.ls_restrained_S_obs                      ? 
_refine.ls_shift_over_esd_max                    ? 
_refine.ls_shift_over_esd_mean                   ? 
_refine.ls_structure_factor_coef                 ? 
_refine.ls_weighting_details                     ? 
_refine.ls_weighting_scheme                      ? 
_refine.ls_wR_factor_all                         ? 
_refine.ls_wR_factor_obs                         ? 
_refine.ls_wR_factor_R_free                      ? 
_refine.ls_wR_factor_R_work                      ? 
_refine.occupancy_max                            ? 
_refine.occupancy_min                            ? 
_refine.solvent_model_details                    ? 
_refine.solvent_model_param_bsol                 ? 
_refine.solvent_model_param_ksol                 ? 
_refine.pdbx_R_complete                          ? 
_refine.ls_R_factor_gt                           ? 
_refine.ls_goodness_of_fit_gt                    ? 
_refine.ls_goodness_of_fit_ref                   ? 
_refine.ls_shift_over_su_max                     ? 
_refine.ls_shift_over_su_max_lt                  ? 
_refine.ls_shift_over_su_mean                    ? 
_refine.ls_shift_over_su_mean_lt                 ? 
_refine.pdbx_ls_sigma_I                          ? 
_refine.pdbx_ls_sigma_F                          2.010 
_refine.pdbx_ls_sigma_Fsqd                       ? 
_refine.pdbx_data_cutoff_high_absF               ? 
_refine.pdbx_data_cutoff_high_rms_absF           ? 
_refine.pdbx_data_cutoff_low_absF                ? 
_refine.pdbx_isotropic_thermal_model             ? 
_refine.pdbx_ls_cross_valid_method               THROUGHOUT 
_refine.pdbx_method_to_determine_struct          'MOLECULAR REPLACEMENT' 
_refine.pdbx_starting_model                      5KEK 
_refine.pdbx_stereochemistry_target_values       ? 
_refine.pdbx_R_Free_selection_details            ? 
_refine.pdbx_stereochem_target_val_spec_case     ? 
_refine.pdbx_overall_ESU_R                       ? 
_refine.pdbx_overall_ESU_R_Free                  ? 
_refine.pdbx_solvent_vdw_probe_radii             1.1100 
_refine.pdbx_solvent_ion_probe_radii             ? 
_refine.pdbx_solvent_shrinkage_radii             0.9000 
_refine.pdbx_real_space_R                        ? 
_refine.pdbx_density_correlation                 ? 
_refine.pdbx_pd_number_of_powder_patterns        ? 
_refine.pdbx_pd_number_of_points                 ? 
_refine.pdbx_pd_meas_number_of_points            ? 
_refine.pdbx_pd_proc_ls_prof_R_factor            ? 
_refine.pdbx_pd_proc_ls_prof_wR_factor           ? 
_refine.pdbx_pd_Marquardt_correlation_coeff      ? 
_refine.pdbx_pd_Fsqrd_R_factor                   ? 
_refine.pdbx_pd_ls_matrix_band_width             ? 
_refine.pdbx_overall_phase_error                 43.7800 
_refine.pdbx_overall_SU_R_free_Cruickshank_DPI   ? 
_refine.pdbx_overall_SU_R_free_Blow_DPI          ? 
_refine.pdbx_overall_SU_R_Blow_DPI               ? 
_refine.pdbx_TLS_residual_ADP_flag               ? 
_refine.pdbx_diffrn_id                           1 
_refine.overall_SU_B                             ? 
_refine.overall_SU_ML                            0.3500 
_refine.overall_SU_R_Cruickshank_DPI             ? 
_refine.overall_SU_R_free                        ? 
_refine.overall_FOM_free_R_set                   ? 
_refine.overall_FOM_work_R_set                   ? 
_refine.pdbx_average_fsc_overall                 ? 
_refine.pdbx_average_fsc_work                    ? 
_refine.pdbx_average_fsc_free                    ? 
# 
_refine_hist.pdbx_refine_id                   'X-RAY DIFFRACTION' 
_refine_hist.cycle_id                         final 
_refine_hist.details                          ? 
_refine_hist.d_res_high                       3.0490 
_refine_hist.d_res_low                        34.3650 
_refine_hist.number_atoms_solvent             0 
_refine_hist.number_atoms_total               858 
_refine_hist.number_reflns_all                ? 
_refine_hist.number_reflns_obs                ? 
_refine_hist.number_reflns_R_free             ? 
_refine_hist.number_reflns_R_work             ? 
_refine_hist.R_factor_all                     ? 
_refine_hist.R_factor_obs                     ? 
_refine_hist.R_factor_R_free                  ? 
_refine_hist.R_factor_R_work                  ? 
_refine_hist.pdbx_number_residues_total       42 
_refine_hist.pdbx_B_iso_mean_ligand           115.54 
_refine_hist.pdbx_B_iso_mean_solvent          ? 
_refine_hist.pdbx_number_atoms_protein        0 
_refine_hist.pdbx_number_atoms_nucleic_acid   855 
_refine_hist.pdbx_number_atoms_ligand         3 
_refine_hist.pdbx_number_atoms_lipid          ? 
_refine_hist.pdbx_number_atoms_carb           ? 
_refine_hist.pdbx_pseudo_atom_details         ? 
# 
loop_
_refine_ls_restr.pdbx_refine_id 
_refine_ls_restr.criterion 
_refine_ls_restr.dev_ideal 
_refine_ls_restr.dev_ideal_target 
_refine_ls_restr.number 
_refine_ls_restr.rejects 
_refine_ls_restr.type 
_refine_ls_restr.weight 
_refine_ls_restr.pdbx_restraint_function 
'X-RAY DIFFRACTION' ? 0.005  ? 956  ? f_bond_d           ? ? 
'X-RAY DIFFRACTION' ? 0.710  ? 1467 ? f_angle_d          ? ? 
'X-RAY DIFFRACTION' ? 0.037  ? 166  ? f_chiral_restr     ? ? 
'X-RAY DIFFRACTION' ? 0.004  ? 42   ? f_plane_restr      ? ? 
'X-RAY DIFFRACTION' ? 34.863 ? 406  ? f_dihedral_angle_d ? ? 
# 
loop_
_refine_ls_shell.pdbx_refine_id 
_refine_ls_shell.d_res_high 
_refine_ls_shell.d_res_low 
_refine_ls_shell.number_reflns_all 
_refine_ls_shell.number_reflns_obs 
_refine_ls_shell.number_reflns_R_free 
_refine_ls_shell.number_reflns_R_work 
_refine_ls_shell.percent_reflns_obs 
_refine_ls_shell.percent_reflns_R_free 
_refine_ls_shell.R_factor_all 
_refine_ls_shell.R_factor_obs 
_refine_ls_shell.R_factor_R_free 
_refine_ls_shell.R_factor_R_free_error 
_refine_ls_shell.R_factor_R_work 
_refine_ls_shell.redundancy_reflns_all 
_refine_ls_shell.redundancy_reflns_obs 
_refine_ls_shell.wR_factor_all 
_refine_ls_shell.wR_factor_obs 
_refine_ls_shell.wR_factor_R_free 
_refine_ls_shell.wR_factor_R_work 
_refine_ls_shell.pdbx_R_complete 
_refine_ls_shell.pdbx_total_number_of_bins_used 
_refine_ls_shell.pdbx_phase_error 
_refine_ls_shell.pdbx_fsc_work 
_refine_ls_shell.pdbx_fsc_free 
'X-RAY DIFFRACTION' 3.0494 3.3561 . . 108 1112 80.0000  . . . 0.3728 0.0000 0.3328 . . . . . . . . . . . 
'X-RAY DIFFRACTION' 3.3561 3.8412 . . 145 1375 99.0000  . . . 0.3606 0.0000 0.3265 . . . . . . . . . . . 
'X-RAY DIFFRACTION' 3.8412 4.8373 . . 154 1364 100.0000 . . . 0.3874 0.0000 0.3395 . . . . . . . . . . . 
'X-RAY DIFFRACTION' 4.8373 34.365 . . 161 1346 99.0000  . . . 0.2392 0.0000 0.2121 . . . . . . . . . . . 
# 
_struct.entry_id                     6WSP 
_struct.title                        
'Self-assembly of a 3D DNA crystal lattice (4x5 duplex version) containing the J9 immobile Holliday junction' 
_struct.pdbx_model_details           ? 
_struct.pdbx_formula_weight          ? 
_struct.pdbx_formula_weight_method   ? 
_struct.pdbx_model_type_details      ? 
_struct.pdbx_CASP_flag               N 
# 
_struct_keywords.entry_id        6WSP 
_struct_keywords.text            
'Structural DNA nanotechnology, immobile Holliday junctions, 3D DNA self-assembly, designer DNA crystals, DNA' 
_struct_keywords.pdbx_keywords   DNA 
# 
loop_
_struct_asym.id 
_struct_asym.pdbx_blank_PDB_chainid_flag 
_struct_asym.pdbx_modified 
_struct_asym.entity_id 
_struct_asym.details 
A N N 1 ? 
B N N 2 ? 
C N N 3 ? 
D N N 4 ? 
E N N 5 ? 
F N N 6 ? 
G N N 6 ? 
# 
loop_
_struct_conn.id 
_struct_conn.conn_type_id 
_struct_conn.pdbx_leaving_atom_flag 
_struct_conn.pdbx_PDB_id 
_struct_conn.ptnr1_label_asym_id 
_struct_conn.ptnr1_label_comp_id 
_struct_conn.ptnr1_label_seq_id 
_struct_conn.ptnr1_label_atom_id 
_struct_conn.pdbx_ptnr1_label_alt_id 
_struct_conn.pdbx_ptnr1_PDB_ins_code 
_struct_conn.pdbx_ptnr1_standard_comp_id 
_struct_conn.ptnr1_symmetry 
_struct_conn.ptnr2_label_asym_id 
_struct_conn.ptnr2_label_comp_id 
_struct_conn.ptnr2_label_seq_id 
_struct_conn.ptnr2_label_atom_id 
_struct_conn.pdbx_ptnr2_label_alt_id 
_struct_conn.pdbx_ptnr2_PDB_ins_code 
_struct_conn.ptnr1_auth_asym_id 
_struct_conn.ptnr1_auth_comp_id 
_struct_conn.ptnr1_auth_seq_id 
_struct_conn.ptnr2_auth_asym_id 
_struct_conn.ptnr2_auth_comp_id 
_struct_conn.ptnr2_auth_seq_id 
_struct_conn.ptnr2_symmetry 
_struct_conn.pdbx_ptnr3_label_atom_id 
_struct_conn.pdbx_ptnr3_label_seq_id 
_struct_conn.pdbx_ptnr3_label_comp_id 
_struct_conn.pdbx_ptnr3_label_asym_id 
_struct_conn.pdbx_ptnr3_label_alt_id 
_struct_conn.pdbx_ptnr3_PDB_ins_code 
_struct_conn.details 
_struct_conn.pdbx_dist_value 
_struct_conn.pdbx_value_order 
_struct_conn.pdbx_role 
hydrog1  hydrog ? ? A DG 3  N1 ? ? ? 1_555 D DC 7 N3 ? ? A DG 3  D DC 16 1_555 ? ? ? ? ? ? WATSON-CRICK ? ? ? 
hydrog2  hydrog ? ? A DG 3  N2 ? ? ? 1_555 D DC 7 O2 ? ? A DG 3  D DC 16 1_555 ? ? ? ? ? ? WATSON-CRICK ? ? ? 
hydrog3  hydrog ? ? A DG 3  O6 ? ? ? 1_555 D DC 7 N4 ? ? A DG 3  D DC 16 1_555 ? ? ? ? ? ? WATSON-CRICK ? ? ? 
hydrog4  hydrog ? ? A DA 5  N1 ? ? ? 1_555 D DT 5 N3 ? ? A DA 5  D DT 14 1_555 ? ? ? ? ? ? WATSON-CRICK ? ? ? 
hydrog5  hydrog ? ? A DA 5  N6 ? ? ? 1_555 D DT 5 O4 ? ? A DA 5  D DT 14 1_555 ? ? ? ? ? ? WATSON-CRICK ? ? ? 
hydrog6  hydrog ? ? A DG 6  N1 ? ? ? 1_555 D DC 4 N3 ? ? A DG 6  D DC 13 1_555 ? ? ? ? ? ? WATSON-CRICK ? ? ? 
hydrog7  hydrog ? ? A DG 6  N2 ? ? ? 1_555 D DC 4 O2 ? ? A DG 6  D DC 13 1_555 ? ? ? ? ? ? WATSON-CRICK ? ? ? 
hydrog8  hydrog ? ? A DG 6  O6 ? ? ? 1_555 D DC 4 N4 ? ? A DG 6  D DC 13 1_555 ? ? ? ? ? ? WATSON-CRICK ? ? ? 
hydrog9  hydrog ? ? A DA 7  N1 ? ? ? 1_555 D DT 3 N3 ? ? A DA 7  D DT 12 1_555 ? ? ? ? ? ? WATSON-CRICK ? ? ? 
hydrog10 hydrog ? ? A DA 7  N6 ? ? ? 1_555 D DT 3 O4 ? ? A DA 7  D DT 12 1_555 ? ? ? ? ? ? WATSON-CRICK ? ? ? 
hydrog11 hydrog ? ? A DC 8  N3 ? ? ? 1_555 D DG 2 N1 ? ? A DC 8  D DG 11 1_555 ? ? ? ? ? ? WATSON-CRICK ? ? ? 
hydrog12 hydrog ? ? A DC 8  N4 ? ? ? 1_555 D DG 2 O6 ? ? A DC 8  D DG 11 1_555 ? ? ? ? ? ? WATSON-CRICK ? ? ? 
hydrog13 hydrog ? ? A DC 8  O2 ? ? ? 1_555 D DG 2 N2 ? ? A DC 8  D DG 11 1_555 ? ? ? ? ? ? WATSON-CRICK ? ? ? 
hydrog14 hydrog ? ? A DG 9  N1 ? ? ? 1_555 D DC 1 N3 ? ? A DG 9  D DC 10 1_555 ? ? ? ? ? ? WATSON-CRICK ? ? ? 
hydrog15 hydrog ? ? A DG 9  N2 ? ? ? 1_555 D DC 1 O2 ? ? A DG 9  D DC 10 1_555 ? ? ? ? ? ? WATSON-CRICK ? ? ? 
hydrog16 hydrog ? ? A DG 9  O6 ? ? ? 1_555 D DC 1 N4 ? ? A DG 9  D DC 10 1_555 ? ? ? ? ? ? WATSON-CRICK ? ? ? 
hydrog17 hydrog ? ? A DT 10 N3 ? ? ? 1_555 B DA 5 N1 ? ? A DT 10 B DA 5  1_555 ? ? ? ? ? ? WATSON-CRICK ? ? ? 
hydrog18 hydrog ? ? A DT 10 O4 ? ? ? 1_555 B DA 5 N6 ? ? A DT 10 B DA 5  1_555 ? ? ? ? ? ? WATSON-CRICK ? ? ? 
hydrog19 hydrog ? ? A DG 11 N1 ? ? ? 1_555 B DC 4 N3 ? ? A DG 11 B DC 4  1_555 ? ? ? ? ? ? WATSON-CRICK ? ? ? 
hydrog20 hydrog ? ? A DG 11 N2 ? ? ? 1_555 B DC 4 O2 ? ? A DG 11 B DC 4  1_555 ? ? ? ? ? ? WATSON-CRICK ? ? ? 
hydrog21 hydrog ? ? A DG 11 O6 ? ? ? 1_555 B DC 4 N4 ? ? A DG 11 B DC 4  1_555 ? ? ? ? ? ? WATSON-CRICK ? ? ? 
hydrog22 hydrog ? ? A DA 12 N1 ? ? ? 1_555 B DT 3 N3 ? ? A DA 12 B DT 3  1_555 ? ? ? ? ? ? WATSON-CRICK ? ? ? 
hydrog23 hydrog ? ? A DA 12 N6 ? ? ? 1_555 B DT 3 O4 ? ? A DA 12 B DT 3  1_555 ? ? ? ? ? ? WATSON-CRICK ? ? ? 
hydrog24 hydrog ? ? A DC 13 N3 ? ? ? 1_555 B DG 2 N1 ? ? A DC 13 B DG 2  1_555 ? ? ? ? ? ? WATSON-CRICK ? ? ? 
hydrog25 hydrog ? ? A DC 13 N4 ? ? ? 1_555 B DG 2 O6 ? ? A DC 13 B DG 2  1_555 ? ? ? ? ? ? WATSON-CRICK ? ? ? 
hydrog26 hydrog ? ? A DC 13 O2 ? ? ? 1_555 B DG 2 N2 ? ? A DC 13 B DG 2  1_555 ? ? ? ? ? ? WATSON-CRICK ? ? ? 
hydrog27 hydrog ? ? A DT 14 N3 ? ? ? 1_555 B DA 1 N1 ? ? A DT 14 B DA 1  1_555 ? ? ? ? ? ? WATSON-CRICK ? ? ? 
hydrog28 hydrog ? ? A DT 14 O4 ? ? ? 1_555 B DA 1 N6 ? ? A DT 14 B DA 1  1_555 ? ? ? ? ? ? WATSON-CRICK ? ? ? 
hydrog29 hydrog ? ? A DG 15 N1 ? ? ? 1_555 C DC 9 N3 ? ? A DG 15 C DC 9  1_555 ? ? ? ? ? ? WATSON-CRICK ? ? ? 
hydrog30 hydrog ? ? A DG 15 N2 ? ? ? 1_555 C DC 9 O2 ? ? A DG 15 C DC 9  1_555 ? ? ? ? ? ? WATSON-CRICK ? ? ? 
hydrog31 hydrog ? ? A DG 15 O6 ? ? ? 1_555 C DC 9 N4 ? ? A DG 15 C DC 9  1_555 ? ? ? ? ? ? WATSON-CRICK ? ? ? 
hydrog32 hydrog ? ? A DC 16 N3 ? ? ? 1_555 C DG 8 N1 ? ? A DC 16 C DG 8  1_555 ? ? ? ? ? ? WATSON-CRICK ? ? ? 
hydrog33 hydrog ? ? A DC 16 N4 ? ? ? 1_555 C DG 8 O6 ? ? A DC 16 C DG 8  1_555 ? ? ? ? ? ? WATSON-CRICK ? ? ? 
hydrog34 hydrog ? ? A DC 16 O2 ? ? ? 1_555 C DG 8 N2 ? ? A DC 16 C DG 8  1_555 ? ? ? ? ? ? WATSON-CRICK ? ? ? 
hydrog35 hydrog ? ? A DA 17 N1 ? ? ? 1_555 C DT 7 N3 ? ? A DA 17 C DT 7  1_555 ? ? ? ? ? ? WATSON-CRICK ? ? ? 
hydrog36 hydrog ? ? A DA 17 N6 ? ? ? 1_555 C DT 7 O4 ? ? A DA 17 C DT 7  1_555 ? ? ? ? ? ? WATSON-CRICK ? ? ? 
hydrog37 hydrog ? ? A DC 18 N3 ? ? ? 1_555 C DG 6 N1 ? ? A DC 18 C DG 6  1_555 ? ? ? ? ? ? WATSON-CRICK ? ? ? 
hydrog38 hydrog ? ? A DC 18 N4 ? ? ? 1_555 C DG 6 O6 ? ? A DC 18 C DG 6  1_555 ? ? ? ? ? ? WATSON-CRICK ? ? ? 
hydrog39 hydrog ? ? A DC 18 O2 ? ? ? 1_555 C DG 6 N2 ? ? A DC 18 C DG 6  1_555 ? ? ? ? ? ? WATSON-CRICK ? ? ? 
hydrog40 hydrog ? ? A DT 19 N3 ? ? ? 1_555 C DA 5 N1 ? ? A DT 19 C DA 5  1_555 ? ? ? ? ? ? WATSON-CRICK ? ? ? 
hydrog41 hydrog ? ? A DT 19 O4 ? ? ? 1_555 C DA 5 N6 ? ? A DT 19 C DA 5  1_555 ? ? ? ? ? ? WATSON-CRICK ? ? ? 
hydrog42 hydrog ? ? A DC 20 N3 ? ? ? 1_555 C DG 4 N1 ? ? A DC 20 C DG 4  1_555 ? ? ? ? ? ? WATSON-CRICK ? ? ? 
hydrog43 hydrog ? ? A DC 20 N4 ? ? ? 1_555 C DG 4 O6 ? ? A DC 20 C DG 4  1_555 ? ? ? ? ? ? WATSON-CRICK ? ? ? 
hydrog44 hydrog ? ? A DC 20 O2 ? ? ? 1_555 C DG 4 N2 ? ? A DC 20 C DG 4  1_555 ? ? ? ? ? ? WATSON-CRICK ? ? ? 
# 
_struct_conn_type.id          hydrog 
_struct_conn_type.criteria    ? 
_struct_conn_type.reference   ? 
# 
_atom_sites.entry_id                    6WSP 
_atom_sites.Cartn_transf_matrix[1][1]   ? 
_atom_sites.Cartn_transf_matrix[1][2]   ? 
_atom_sites.Cartn_transf_matrix[1][3]   ? 
_atom_sites.Cartn_transf_matrix[2][1]   ? 
_atom_sites.Cartn_transf_matrix[2][2]   ? 
_atom_sites.Cartn_transf_matrix[2][3]   ? 
_atom_sites.Cartn_transf_matrix[3][1]   ? 
_atom_sites.Cartn_transf_matrix[3][2]   ? 
_atom_sites.Cartn_transf_matrix[3][3]   ? 
_atom_sites.Cartn_transf_vector[1]      ? 
_atom_sites.Cartn_transf_vector[2]      ? 
_atom_sites.Cartn_transf_vector[3]      ? 
_atom_sites.fract_transf_matrix[1][1]   -0.00234625 
_atom_sites.fract_transf_matrix[1][2]   -0.00882976 
_atom_sites.fract_transf_matrix[1][3]   -0.01409836 
_atom_sites.fract_transf_matrix[2][1]   -0.01368564 
_atom_sites.fract_transf_matrix[2][2]   -0.00958979 
_atom_sites.fract_transf_matrix[2][3]   -0.00172605 
_atom_sites.fract_transf_matrix[3][1]   -0.00806854 
_atom_sites.fract_transf_matrix[3][2]   0.01270517 
_atom_sites.fract_transf_matrix[3][3]   -0.00661444 
_atom_sites.fract_transf_vector[1]      -0.045292 
_atom_sites.fract_transf_vector[2]      0.031658 
_atom_sites.fract_transf_vector[3]      0.077208 
_atom_sites.solution_primary            ? 
_atom_sites.solution_secondary          ? 
_atom_sites.solution_hydrogens          ? 
_atom_sites.special_details             ? 
# 
loop_
_atom_type.symbol 
AS 
C  
MG 
N  
O  
P  
# 
loop_
_atom_site.group_PDB 
_atom_site.id 
_atom_site.type_symbol 
_atom_site.label_atom_id 
_atom_site.label_alt_id 
_atom_site.label_comp_id 
_atom_site.label_asym_id 
_atom_site.label_entity_id 
_atom_site.label_seq_id 
_atom_site.pdbx_PDB_ins_code 
_atom_site.Cartn_x 
_atom_site.Cartn_y 
_atom_site.Cartn_z 
_atom_site.occupancy 
_atom_site.B_iso_or_equiv 
_atom_site.pdbx_formal_charge 
_atom_site.auth_seq_id 
_atom_site.auth_comp_id 
_atom_site.auth_asym_id 
_atom_site.auth_atom_id 
_atom_site.pdbx_PDB_model_num 
ATOM   1   O  "O5'" . DG  A 1 1  ? 22.344  25.627  12.548  1.00 145.38 ? 1   DG  A "O5'" 1 
ATOM   2   C  "C5'" . DG  A 1 1  ? 23.729  25.304  12.432  1.00 147.55 ? 1   DG  A "C5'" 1 
ATOM   3   C  "C4'" . DG  A 1 1  ? 24.106  24.188  13.392  1.00 148.61 ? 1   DG  A "C4'" 1 
ATOM   4   O  "O4'" . DG  A 1 1  ? 23.564  24.486  14.713  1.00 147.33 ? 1   DG  A "O4'" 1 
ATOM   5   C  "C3'" . DG  A 1 1  ? 23.562  22.804  13.014  1.00 149.22 ? 1   DG  A "C3'" 1 
ATOM   6   O  "O3'" . DG  A 1 1  ? 24.529  21.785  13.298  1.00 150.40 ? 1   DG  A "O3'" 1 
ATOM   7   C  "C2'" . DG  A 1 1  ? 22.346  22.677  13.912  1.00 146.51 ? 1   DG  A "C2'" 1 
ATOM   8   C  "C1'" . DG  A 1 1  ? 22.836  23.371  15.170  1.00 145.13 ? 1   DG  A "C1'" 1 
ATOM   9   N  N9    . DG  A 1 1  ? 21.741  23.813  16.030  1.00 141.03 ? 1   DG  A N9    1 
ATOM   10  C  C8    . DG  A 1 1  ? 20.819  24.796  15.760  1.00 138.51 ? 1   DG  A C8    1 
ATOM   11  N  N7    . DG  A 1 1  ? 19.929  24.947  16.704  1.00 137.53 ? 1   DG  A N7    1 
ATOM   12  C  C5    . DG  A 1 1  ? 20.278  23.996  17.656  1.00 138.18 ? 1   DG  A C5    1 
ATOM   13  C  C6    . DG  A 1 1  ? 19.678  23.687  18.901  1.00 137.80 ? 1   DG  A C6    1 
ATOM   14  O  O6    . DG  A 1 1  ? 18.685  24.213  19.427  1.00 135.88 ? 1   DG  A O6    1 
ATOM   15  N  N1    . DG  A 1 1  ? 20.347  22.653  19.553  1.00 139.18 ? 1   DG  A N1    1 
ATOM   16  C  C2    . DG  A 1 1  ? 21.454  21.998  19.063  1.00 139.66 ? 1   DG  A C2    1 
ATOM   17  N  N2    . DG  A 1 1  ? 21.960  21.026  19.837  1.00 140.02 ? 1   DG  A N2    1 
ATOM   18  N  N3    . DG  A 1 1  ? 22.026  22.278  17.898  1.00 139.04 ? 1   DG  A N3    1 
ATOM   19  C  C4    . DG  A 1 1  ? 21.387  23.284  17.251  1.00 139.38 ? 1   DG  A C4    1 
ATOM   20  P  P     . DA  A 1 2  ? 24.211  20.240  12.968  1.00 154.32 ? 2   DA  A P     1 
ATOM   21  O  OP1   . DA  A 1 2  ? 25.444  19.653  12.395  1.00 152.89 ? 2   DA  A OP1   1 
ATOM   22  O  OP2   . DA  A 1 2  ? 22.949  20.163  12.196  1.00 149.87 ? 2   DA  A OP2   1 
ATOM   23  O  "O5'" . DA  A 1 2  ? 23.943  19.579  14.404  1.00 142.72 ? 2   DA  A "O5'" 1 
ATOM   24  C  "C5'" . DA  A 1 2  ? 24.638  18.387  14.782  1.00 141.18 ? 2   DA  A "C5'" 1 
ATOM   25  C  "C4'" . DA  A 1 2  ? 24.100  17.833  16.088  1.00 140.04 ? 2   DA  A "C4'" 1 
ATOM   26  O  "O4'" . DA  A 1 2  ? 23.206  18.808  16.693  1.00 139.04 ? 2   DA  A "O4'" 1 
ATOM   27  C  "C3'" . DA  A 1 2  ? 23.267  16.562  15.952  1.00 139.66 ? 2   DA  A "C3'" 1 
ATOM   28  O  "O3'" . DA  A 1 2  ? 23.335  15.806  17.159  1.00 141.24 ? 2   DA  A "O3'" 1 
ATOM   29  C  "C2'" . DA  A 1 2  ? 21.877  17.135  15.748  1.00 138.54 ? 2   DA  A "C2'" 1 
ATOM   30  C  "C1'" . DA  A 1 2  ? 21.904  18.264  16.766  1.00 139.42 ? 2   DA  A "C1'" 1 
ATOM   31  N  N9    . DA  A 1 2  ? 20.937  19.314  16.487  1.00 139.63 ? 2   DA  A N9    1 
ATOM   32  C  C8    . DA  A 1 2  ? 20.989  20.226  15.477  1.00 139.22 ? 2   DA  A C8    1 
ATOM   33  N  N7    . DA  A 1 2  ? 19.973  21.056  15.458  1.00 139.45 ? 2   DA  A N7    1 
ATOM   34  C  C5    . DA  A 1 2  ? 19.196  20.653  16.531  1.00 138.42 ? 2   DA  A C5    1 
ATOM   35  C  C6    . DA  A 1 2  ? 17.976  21.129  17.050  1.00 139.24 ? 2   DA  A C6    1 
ATOM   36  N  N6    . DA  A 1 2  ? 17.307  22.163  16.525  1.00 138.97 ? 2   DA  A N6    1 
ATOM   37  N  N1    . DA  A 1 2  ? 17.468  20.500  18.134  1.00 138.87 ? 2   DA  A N1    1 
ATOM   38  C  C2    . DA  A 1 2  ? 18.144  19.465  18.655  1.00 139.04 ? 2   DA  A C2    1 
ATOM   39  N  N3    . DA  A 1 2  ? 19.298  18.929  18.253  1.00 138.92 ? 2   DA  A N3    1 
ATOM   40  C  C4    . DA  A 1 2  ? 19.775  19.577  17.176  1.00 138.72 ? 2   DA  A C4    1 
ATOM   41  P  P     . DG  A 1 3  ? 22.523  14.425  17.302  1.00 144.14 ? 3   DG  A P     1 
ATOM   42  O  OP1   . DG  A 1 3  ? 23.035  13.719  18.498  1.00 141.44 ? 3   DG  A OP1   1 
ATOM   43  O  OP2   . DG  A 1 3  ? 22.551  13.760  15.980  1.00 145.21 ? 3   DG  A OP2   1 
ATOM   44  O  "O5'" . DG  A 1 3  ? 21.014  14.873  17.586  1.00 136.40 ? 3   DG  A "O5'" 1 
ATOM   45  C  "C5'" . DG  A 1 3  ? 20.660  15.441  18.836  1.00 137.75 ? 3   DG  A "C5'" 1 
ATOM   46  C  "C4'" . DG  A 1 3  ? 19.258  15.018  19.239  1.00 139.74 ? 3   DG  A "C4'" 1 
ATOM   47  O  "O4'" . DG  A 1 3  ? 18.320  16.093  18.961  1.00 138.49 ? 3   DG  A "O4'" 1 
ATOM   48  C  "C3'" . DG  A 1 3  ? 18.708  13.803  18.498  1.00 142.99 ? 3   DG  A "C3'" 1 
ATOM   49  O  "O3'" . DG  A 1 3  ? 17.812  13.100  19.350  1.00 144.79 ? 3   DG  A "O3'" 1 
ATOM   50  C  "C2'" . DG  A 1 3  ? 17.963  14.456  17.339  1.00 140.05 ? 3   DG  A "C2'" 1 
ATOM   51  C  "C1'" . DG  A 1 3  ? 17.329  15.626  18.067  1.00 137.70 ? 3   DG  A "C1'" 1 
ATOM   52  N  N9    . DG  A 1 3  ? 16.930  16.735  17.208  1.00 134.67 ? 3   DG  A N9    1 
ATOM   53  C  C8    . DG  A 1 3  ? 17.662  17.312  16.199  1.00 133.93 ? 3   DG  A C8    1 
ATOM   54  N  N7    . DG  A 1 3  ? 17.049  18.309  15.620  1.00 134.87 ? 3   DG  A N7    1 
ATOM   55  C  C5    . DG  A 1 3  ? 15.834  18.397  16.292  1.00 136.30 ? 3   DG  A C5    1 
ATOM   56  C  C6    . DG  A 1 3  ? 14.746  19.286  16.106  1.00 136.95 ? 3   DG  A C6    1 
ATOM   57  O  O6    . DG  A 1 3  ? 14.637  20.207  15.286  1.00 138.46 ? 3   DG  A O6    1 
ATOM   58  N  N1    . DG  A 1 3  ? 13.709  19.028  17.002  1.00 134.94 ? 3   DG  A N1    1 
ATOM   59  C  C2    . DG  A 1 3  ? 13.722  18.038  17.957  1.00 134.08 ? 3   DG  A C2    1 
ATOM   60  N  N2    . DG  A 1 3  ? 12.631  17.939  18.732  1.00 133.96 ? 3   DG  A N2    1 
ATOM   61  N  N3    . DG  A 1 3  ? 14.734  17.200  18.141  1.00 131.60 ? 3   DG  A N3    1 
ATOM   62  C  C4    . DG  A 1 3  ? 15.750  17.437  17.275  1.00 133.97 ? 3   DG  A C4    1 
ATOM   63  P  P     . DC  A 1 4  ? 17.992  11.524  19.600  1.00 150.99 ? 4   DC  A P     1 
ATOM   64  O  OP1   . DC  A 1 4  ? 17.806  11.281  21.048  1.00 145.55 ? 4   DC  A OP1   1 
ATOM   65  O  OP2   . DC  A 1 4  ? 19.249  11.103  18.938  1.00 146.55 ? 4   DC  A OP2   1 
ATOM   66  O  "O5'" . DC  A 1 4  ? 16.771  10.870  18.797  1.00 147.24 ? 4   DC  A "O5'" 1 
ATOM   67  C  "C5'" . DC  A 1 4  ? 15.902  9.949   19.445  1.00 143.34 ? 4   DC  A "C5'" 1 
ATOM   68  C  "C4'" . DC  A 1 4  ? 14.717  10.667  20.067  1.00 141.19 ? 4   DC  A "C4'" 1 
ATOM   69  O  "O4'" . DC  A 1 4  ? 14.677  12.048  19.598  1.00 141.25 ? 4   DC  A "O4'" 1 
ATOM   70  C  "C3'" . DC  A 1 4  ? 13.353  10.072  19.711  1.00 138.19 ? 4   DC  A "C3'" 1 
ATOM   71  O  "O3'" . DC  A 1 4  ? 12.462  10.202  20.817  1.00 139.99 ? 4   DC  A "O3'" 1 
ATOM   72  C  "C2'" . DC  A 1 4  ? 12.923  10.953  18.550  1.00 134.49 ? 4   DC  A "C2'" 1 
ATOM   73  C  "C1'" . DC  A 1 4  ? 13.407  12.303  19.042  1.00 137.21 ? 4   DC  A "C1'" 1 
ATOM   74  N  N1    . DC  A 1 4  ? 13.531  13.322  17.958  1.00 132.16 ? 4   DC  A N1    1 
ATOM   75  C  C2    . DC  A 1 4  ? 12.484  14.226  17.742  1.00 128.75 ? 4   DC  A C2    1 
ATOM   76  O  O2    . DC  A 1 4  ? 11.482  14.169  18.464  1.00 127.92 ? 4   DC  A O2    1 
ATOM   77  N  N3    . DC  A 1 4  ? 12.600  15.142  16.747  1.00 127.21 ? 4   DC  A N3    1 
ATOM   78  C  C4    . DC  A 1 4  ? 13.698  15.168  15.991  1.00 128.90 ? 4   DC  A C4    1 
ATOM   79  N  N4    . DC  A 1 4  ? 13.770  16.088  15.024  1.00 129.45 ? 4   DC  A N4    1 
ATOM   80  C  C5    . DC  A 1 4  ? 14.771  14.251  16.192  1.00 130.60 ? 4   DC  A C5    1 
ATOM   81  C  C6    . DC  A 1 4  ? 14.647  13.355  17.177  1.00 131.86 ? 4   DC  A C6    1 
ATOM   82  P  P     . DA  A 1 5  ? 11.033  9.461   20.807  1.00 145.79 ? 5   DA  A P     1 
ATOM   83  O  OP1   . DA  A 1 5  ? 11.001  8.556   21.977  1.00 143.36 ? 5   DA  A OP1   1 
ATOM   84  O  OP2   . DA  A 1 5  ? 10.791  8.909   19.455  1.00 143.52 ? 5   DA  A OP2   1 
ATOM   85  O  "O5'" . DA  A 1 5  ? 9.984   10.648  21.043  1.00 133.85 ? 5   DA  A "O5'" 1 
ATOM   86  C  "C5'" . DA  A 1 5  ? 9.878   11.704  20.096  1.00 131.82 ? 5   DA  A "C5'" 1 
ATOM   87  C  "C4'" . DA  A 1 5  ? 8.426   11.988  19.766  1.00 134.19 ? 5   DA  A "C4'" 1 
ATOM   88  O  "O4'" . DA  A 1 5  ? 8.355   12.832  18.596  1.00 132.32 ? 5   DA  A "O4'" 1 
ATOM   89  C  "C3'" . DA  A 1 5  ? 7.606   10.769  19.397  1.00 135.53 ? 5   DA  A "C3'" 1 
ATOM   90  O  "O3'" . DA  A 1 5  ? 6.225   11.054  19.585  1.00 137.36 ? 5   DA  A "O3'" 1 
ATOM   91  C  "C2'" . DA  A 1 5  ? 7.955   10.589  17.918  1.00 130.85 ? 5   DA  A "C2'" 1 
ATOM   92  C  "C1'" . DA  A 1 5  ? 8.135   12.035  17.442  1.00 128.65 ? 5   DA  A "C1'" 1 
ATOM   93  N  N9    . DA  A 1 5  ? 9.273   12.225  16.543  1.00 125.25 ? 5   DA  A N9    1 
ATOM   94  C  C8    . DA  A 1 5  ? 10.450  11.535  16.548  1.00 125.65 ? 5   DA  A C8    1 
ATOM   95  N  N7    . DA  A 1 5  ? 11.306  11.934  15.635  1.00 123.72 ? 5   DA  A N7    1 
ATOM   96  C  C5    . DA  A 1 5  ? 10.642  12.962  14.987  1.00 123.45 ? 5   DA  A C5    1 
ATOM   97  C  C6    . DA  A 1 5  ? 11.008  13.806  13.912  1.00 125.65 ? 5   DA  A C6    1 
ATOM   98  N  N6    . DA  A 1 5  ? 12.188  13.734  13.281  1.00 123.51 ? 5   DA  A N6    1 
ATOM   99  N  N1    . DA  A 1 5  ? 10.106  14.730  13.511  1.00 126.73 ? 5   DA  A N1    1 
ATOM   100 C  C2    . DA  A 1 5  ? 8.928   14.799  14.144  1.00 125.36 ? 5   DA  A C2    1 
ATOM   101 N  N3    . DA  A 1 5  ? 8.474   14.065  15.160  1.00 123.30 ? 5   DA  A N3    1 
ATOM   102 C  C4    . DA  A 1 5  ? 9.389   13.158  15.537  1.00 123.37 ? 5   DA  A C4    1 
ATOM   103 P  P     . DG  A 1 6  ? 5.110   9.938   19.281  1.00 138.93 ? 6   DG  A P     1 
ATOM   104 O  OP1   . DG  A 1 6  ? 4.013   10.145  20.256  1.00 132.49 ? 6   DG  A OP1   1 
ATOM   105 O  OP2   . DG  A 1 6  ? 5.778   8.619   19.201  1.00 136.86 ? 6   DG  A OP2   1 
ATOM   106 O  "O5'" . DG  A 1 6  ? 4.571   10.336  17.827  1.00 133.52 ? 6   DG  A "O5'" 1 
ATOM   107 C  "C5'" . DG  A 1 6  ? 3.773   11.502  17.678  1.00 131.85 ? 6   DG  A "C5'" 1 
ATOM   108 C  "C4'" . DG  A 1 6  ? 3.870   12.078  16.275  1.00 131.78 ? 6   DG  A "C4'" 1 
ATOM   109 O  "O4'" . DG  A 1 6  ? 5.242   12.077  15.816  1.00 128.98 ? 6   DG  A "O4'" 1 
ATOM   110 C  "C3'" . DG  A 1 6  ? 3.066   11.342  15.193  1.00 133.83 ? 6   DG  A "C3'" 1 
ATOM   111 O  "O3'" . DG  A 1 6  ? 2.107   12.237  14.638  1.00 137.42 ? 6   DG  A "O3'" 1 
ATOM   112 C  "C2'" . DG  A 1 6  ? 4.128   10.933  14.154  1.00 131.70 ? 6   DG  A "C2'" 1 
ATOM   113 C  "C1'" . DG  A 1 6  ? 5.208   11.965  14.418  1.00 126.46 ? 6   DG  A "C1'" 1 
ATOM   114 N  N9    . DG  A 1 6  ? 6.543   11.616  13.932  1.00 122.96 ? 6   DG  A N9    1 
ATOM   115 C  C8    . DG  A 1 6  ? 7.409   10.685  14.458  1.00 122.78 ? 6   DG  A C8    1 
ATOM   116 N  N7    . DG  A 1 6  ? 8.548   10.615  13.820  1.00 121.44 ? 6   DG  A N7    1 
ATOM   117 C  C5    . DG  A 1 6  ? 8.433   11.564  12.809  1.00 121.66 ? 6   DG  A C5    1 
ATOM   118 C  C6    . DG  A 1 6  ? 9.354   11.942  11.796  1.00 121.66 ? 6   DG  A C6    1 
ATOM   119 O  O6    . DG  A 1 6  ? 10.493  11.498  11.583  1.00 119.83 ? 6   DG  A O6    1 
ATOM   120 N  N1    . DG  A 1 6  ? 8.835   12.947  10.977  1.00 122.18 ? 6   DG  A N1    1 
ATOM   121 C  C2    . DG  A 1 6  ? 7.587   13.515  11.121  1.00 122.84 ? 6   DG  A C2    1 
ATOM   122 N  N2    . DG  A 1 6  ? 7.256   14.470  10.237  1.00 122.33 ? 6   DG  A N2    1 
ATOM   123 N  N3    . DG  A 1 6  ? 6.720   13.168  12.065  1.00 120.67 ? 6   DG  A N3    1 
ATOM   124 C  C4    . DG  A 1 6  ? 7.207   12.192  12.869  1.00 121.00 ? 6   DG  A C4    1 
ATOM   125 P  P     . DA  A 1 7  ? 0.811   11.683  13.864  1.00 146.01 ? 7   DA  A P     1 
ATOM   126 O  OP1   . DA  A 1 7  ? -0.359  12.441  14.365  1.00 144.20 ? 7   DA  A OP1   1 
ATOM   127 O  OP2   . DA  A 1 7  ? 0.819   10.206  13.948  1.00 141.03 ? 7   DA  A OP2   1 
ATOM   128 O  "O5'" . DA  A 1 7  ? 1.068   12.105  12.341  1.00 135.86 ? 7   DA  A "O5'" 1 
ATOM   129 C  "C5'" . DA  A 1 7  ? 0.182   13.019  11.703  1.00 133.30 ? 7   DA  A "C5'" 1 
ATOM   130 C  "C4'" . DA  A 1 7  ? 0.855   13.698  10.523  1.00 133.03 ? 7   DA  A "C4'" 1 
ATOM   131 O  "O4'" . DA  A 1 7  ? 2.297   13.575  10.640  1.00 130.37 ? 7   DA  A "O4'" 1 
ATOM   132 C  "C3'" . DA  A 1 7  ? 0.474   13.133  9.155   1.00 128.63 ? 7   DA  A "C3'" 1 
ATOM   133 O  "O3'" . DA  A 1 7  ? 0.123   14.193  8.276   1.00 132.46 ? 7   DA  A "O3'" 1 
ATOM   134 C  "C2'" . DA  A 1 7  ? 1.733   12.397  8.690   1.00 125.41 ? 7   DA  A "C2'" 1 
ATOM   135 C  "C1'" . DA  A 1 7  ? 2.851   13.132  9.421   1.00 126.70 ? 7   DA  A "C1'" 1 
ATOM   136 N  N9    . DA  A 1 7  ? 3.991   12.270  9.734   1.00 123.30 ? 7   DA  A N9    1 
ATOM   137 C  C8    . DA  A 1 7  ? 4.101   11.431  10.806  1.00 123.24 ? 7   DA  A C8    1 
ATOM   138 N  N7    . DA  A 1 7  ? 5.228   10.764  10.849  1.00 119.62 ? 7   DA  A N7    1 
ATOM   139 C  C5    . DA  A 1 7  ? 5.913   11.190  9.724   1.00 117.68 ? 7   DA  A C5    1 
ATOM   140 C  C6    . DA  A 1 7  ? 7.180   10.853  9.206   1.00 114.84 ? 7   DA  A C6    1 
ATOM   141 N  N6    . DA  A 1 7  ? 7.996   9.972   9.792   1.00 115.36 ? 7   DA  A N6    1 
ATOM   142 N  N1    . DA  A 1 7  ? 7.577   11.458  8.064   1.00 113.36 ? 7   DA  A N1    1 
ATOM   143 C  C2    . DA  A 1 7  ? 6.751   12.344  7.484   1.00 116.41 ? 7   DA  A C2    1 
ATOM   144 N  N3    . DA  A 1 7  ? 5.533   12.745  7.880   1.00 118.49 ? 7   DA  A N3    1 
ATOM   145 C  C4    . DA  A 1 7  ? 5.171   12.125  9.021   1.00 119.19 ? 7   DA  A C4    1 
ATOM   146 P  P     . DC  A 1 8  ? -0.670  13.888  6.912   1.00 138.16 ? 8   DC  A P     1 
ATOM   147 O  OP1   . DC  A 1 8  ? -1.297  15.151  6.462   1.00 132.39 ? 8   DC  A OP1   1 
ATOM   148 O  OP2   . DC  A 1 8  ? -1.509  12.688  7.136   1.00 139.06 ? 8   DC  A OP2   1 
ATOM   149 O  "O5'" . DC  A 1 8  ? 0.487   13.493  5.884   1.00 129.23 ? 8   DC  A "O5'" 1 
ATOM   150 C  "C5'" . DC  A 1 8  ? 1.597   14.360  5.705   1.00 123.90 ? 8   DC  A "C5'" 1 
ATOM   151 C  "C4'" . DC  A 1 8  ? 2.561   13.790  4.685   1.00 121.57 ? 8   DC  A "C4'" 1 
ATOM   152 O  "O4'" . DC  A 1 8  ? 3.565   12.980  5.351   1.00 119.32 ? 8   DC  A "O4'" 1 
ATOM   153 C  "C3'" . DC  A 1 8  ? 1.924   12.891  3.620   1.00 119.64 ? 8   DC  A "C3'" 1 
ATOM   154 O  "O3'" . DC  A 1 8  ? 2.425   13.257  2.347   1.00 119.03 ? 8   DC  A "O3'" 1 
ATOM   155 C  "C2'" . DC  A 1 8  ? 2.379   11.487  4.032   1.00 114.80 ? 8   DC  A "C2'" 1 
ATOM   156 C  "C1'" . DC  A 1 8  ? 3.743   11.791  4.621   1.00 116.14 ? 8   DC  A "C1'" 1 
ATOM   157 N  N1    . DC  A 1 8  ? 4.270   10.735  5.538   1.00 112.65 ? 8   DC  A N1    1 
ATOM   158 C  C2    . DC  A 1 8  ? 5.475   10.095  5.230   1.00 109.01 ? 8   DC  A C2    1 
ATOM   159 O  O2    . DC  A 1 8  ? 6.072   10.416  4.195   1.00 107.78 ? 8   DC  A O2    1 
ATOM   160 N  N3    . DC  A 1 8  ? 5.950   9.143   6.070   1.00 105.91 ? 8   DC  A N3    1 
ATOM   161 C  C4    . DC  A 1 8  ? 5.270   8.831   7.177   1.00 109.70 ? 8   DC  A C4    1 
ATOM   162 N  N4    . DC  A 1 8  ? 5.775   7.885   7.977   1.00 108.58 ? 8   DC  A N4    1 
ATOM   163 C  C5    . DC  A 1 8  ? 4.039   9.473   7.509   1.00 113.18 ? 8   DC  A C5    1 
ATOM   164 C  C6    . DC  A 1 8  ? 3.583   10.411  6.670   1.00 112.71 ? 8   DC  A C6    1 
ATOM   165 P  P     . DG  A 1 9  ? 1.736   12.722  1.000   1.00 126.81 ? 9   DG  A P     1 
ATOM   166 O  OP1   . DG  A 1 9  ? 1.312   13.903  0.213   1.00 126.03 ? 9   DG  A OP1   1 
ATOM   167 O  OP2   . DG  A 1 9  ? 0.740   11.684  1.359   1.00 120.97 ? 9   DG  A OP2   1 
ATOM   168 O  "O5'" . DG  A 1 9  ? 2.954   12.039  0.223   1.00 120.86 ? 9   DG  A "O5'" 1 
ATOM   169 C  "C5'" . DG  A 1 9  ? 4.053   11.528  0.962   1.00 112.90 ? 9   DG  A "C5'" 1 
ATOM   170 C  "C4'" . DG  A 1 9  ? 5.208   11.188  0.049   1.00 112.36 ? 9   DG  A "C4'" 1 
ATOM   171 O  "O4'" . DG  A 1 9  ? 6.156   10.372  0.777   1.00 109.50 ? 9   DG  A "O4'" 1 
ATOM   172 C  "C3'" . DG  A 1 9  ? 4.836   10.349  -1.157  1.00 108.75 ? 9   DG  A "C3'" 1 
ATOM   173 O  "O3'" . DG  A 1 9  ? 5.852   10.461  -2.141  1.00 111.85 ? 9   DG  A "O3'" 1 
ATOM   174 C  "C2'" . DG  A 1 9  ? 4.799   8.954   -0.550  1.00 104.93 ? 9   DG  A "C2'" 1 
ATOM   175 C  "C1'" . DG  A 1 9  ? 5.986   9.010   0.411   1.00 104.44 ? 9   DG  A "C1'" 1 
ATOM   176 N  N9    . DG  A 1 9  ? 5.793   8.221   1.626   1.00 97.86  ? 9   DG  A N9    1 
ATOM   177 C  C8    . DG  A 1 9  ? 4.776   8.340   2.544   1.00 100.84 ? 9   DG  A C8    1 
ATOM   178 N  N7    . DG  A 1 9  ? 4.870   7.495   3.536   1.00 97.71  ? 9   DG  A N7    1 
ATOM   179 C  C5    . DG  A 1 9  ? 6.021   6.768   3.256   1.00 94.56  ? 9   DG  A C5    1 
ATOM   180 C  C6    . DG  A 1 9  ? 6.632   5.710   3.974   1.00 86.52  ? 9   DG  A C6    1 
ATOM   181 O  O6    . DG  A 1 9  ? 6.263   5.189   5.037   1.00 83.24  ? 9   DG  A O6    1 
ATOM   182 N  N1    . DG  A 1 9  ? 7.786   5.255   3.338   1.00 84.86  ? 9   DG  A N1    1 
ATOM   183 C  C2    . DG  A 1 9  ? 8.287   5.761   2.156   1.00 88.89  ? 9   DG  A C2    1 
ATOM   184 N  N2    . DG  A 1 9  ? 9.411   5.199   1.688   1.00 85.61  ? 9   DG  A N2    1 
ATOM   185 N  N3    . DG  A 1 9  ? 7.722   6.750   1.476   1.00 92.71  ? 9   DG  A N3    1 
ATOM   186 C  C4    . DG  A 1 9  ? 6.599   7.204   2.083   1.00 94.28  ? 9   DG  A C4    1 
ATOM   187 P  P     . DT  A 1 10 ? 5.635   9.865   -3.618  1.00 123.69 ? 10  DT  A P     1 
ATOM   188 O  OP1   . DT  A 1 10 ? 5.618   11.009  -4.558  1.00 112.97 ? 10  DT  A OP1   1 
ATOM   189 O  OP2   . DT  A 1 10 ? 4.486   8.929   -3.592  1.00 118.05 ? 10  DT  A OP2   1 
ATOM   190 O  "O5'" . DT  A 1 10 ? 6.961   9.004   -3.866  1.00 113.06 ? 10  DT  A "O5'" 1 
ATOM   191 C  "C5'" . DT  A 1 10 ? 7.570   8.312   -2.777  1.00 104.03 ? 10  DT  A "C5'" 1 
ATOM   192 C  "C4'" . DT  A 1 10 ? 8.123   6.980   -3.236  1.00 105.31 ? 10  DT  A "C4'" 1 
ATOM   193 O  "O4'" . DT  A 1 10 ? 8.149   6.058   -2.109  1.00 104.36 ? 10  DT  A "O4'" 1 
ATOM   194 C  "C3'" . DT  A 1 10 ? 7.287   6.289   -4.306  1.00 101.52 ? 10  DT  A "C3'" 1 
ATOM   195 O  "O3'" . DT  A 1 10 ? 8.117   5.468   -5.120  1.00 102.97 ? 10  DT  A "O3'" 1 
ATOM   196 C  "C2'" . DT  A 1 10 ? 6.336   5.456   -3.462  1.00 96.60  ? 10  DT  A "C2'" 1 
ATOM   197 C  "C1'" . DT  A 1 10 ? 7.281   4.972   -2.372  1.00 93.40  ? 10  DT  A "C1'" 1 
ATOM   198 N  N1    . DT  A 1 10 ? 6.584   4.578   -1.106  1.00 88.26  ? 10  DT  A N1    1 
ATOM   199 C  C2    . DT  A 1 10 ? 7.105   3.560   -0.337  1.00 88.86  ? 10  DT  A C2    1 
ATOM   200 O  O2    . DT  A 1 10 ? 8.124   2.956   -0.625  1.00 89.72  ? 10  DT  A O2    1 
ATOM   201 N  N3    . DT  A 1 10 ? 6.386   3.273   0.797   1.00 82.95  ? 10  DT  A N3    1 
ATOM   202 C  C4    . DT  A 1 10 ? 5.226   3.882   1.227   1.00 84.06  ? 10  DT  A C4    1 
ATOM   203 O  O4    . DT  A 1 10 ? 4.656   3.547   2.263   1.00 79.52  ? 10  DT  A O4    1 
ATOM   204 C  C5    . DT  A 1 10 ? 4.730   4.938   0.373   1.00 88.47  ? 10  DT  A C5    1 
ATOM   205 C  C7    . DT  A 1 10 ? 3.474   5.673   0.737   1.00 90.55  ? 10  DT  A C7    1 
ATOM   206 C  C6    . DT  A 1 10 ? 5.424   5.229   -0.741  1.00 86.70  ? 10  DT  A C6    1 
ATOM   207 P  P     . DG  A 1 11 ? 7.575   4.917   -6.531  1.00 109.64 ? 11  DG  A P     1 
ATOM   208 O  OP1   . DG  A 1 11 ? 7.308   6.091   -7.393  1.00 103.18 ? 11  DG  A OP1   1 
ATOM   209 O  OP2   . DG  A 1 11 ? 6.504   3.930   -6.260  1.00 100.95 ? 11  DG  A OP2   1 
ATOM   210 O  "O5'" . DG  A 1 11 ? 8.818   4.115   -7.131  1.00 95.61  ? 11  DG  A "O5'" 1 
ATOM   211 C  "C5'" . DG  A 1 11 ? 9.887   3.739   -6.282  1.00 95.64  ? 11  DG  A "C5'" 1 
ATOM   212 C  "C4'" . DG  A 1 11 ? 9.704   2.321   -5.757  1.00 97.48  ? 11  DG  A "C4'" 1 
ATOM   213 O  "O4'" . DG  A 1 11 ? 8.855   2.320   -4.588  1.00 99.73  ? 11  DG  A "O4'" 1 
ATOM   214 C  "C3'" . DG  A 1 11 ? 9.080   1.313   -6.735  1.00 96.82  ? 11  DG  A "C3'" 1 
ATOM   215 O  "O3'" . DG  A 1 11 ? 9.980   0.226   -6.905  1.00 94.22  ? 11  DG  A "O3'" 1 
ATOM   216 C  "C2'" . DG  A 1 11 ? 7.775   0.877   -6.037  1.00 94.64  ? 11  DG  A "C2'" 1 
ATOM   217 C  "C1'" . DG  A 1 11 ? 8.122   1.120   -4.580  1.00 94.14  ? 11  DG  A "C1'" 1 
ATOM   218 N  N9    . DG  A 1 11 ? 6.977   1.294   -3.685  1.00 87.73  ? 11  DG  A N9    1 
ATOM   219 C  C8    . DG  A 1 11 ? 5.981   2.232   -3.788  1.00 89.45  ? 11  DG  A C8    1 
ATOM   220 N  N7    . DG  A 1 11 ? 5.110   2.178   -2.818  1.00 86.68  ? 11  DG  A N7    1 
ATOM   221 C  C5    . DG  A 1 11 ? 5.558   1.138   -2.016  1.00 79.79  ? 11  DG  A C5    1 
ATOM   222 C  C6    . DG  A 1 11 ? 5.016   0.612   -0.818  1.00 81.54  ? 11  DG  A C6    1 
ATOM   223 O  O6    . DG  A 1 11 ? 3.993   0.973   -0.212  1.00 82.44  ? 11  DG  A O6    1 
ATOM   224 N  N1    . DG  A 1 11 ? 5.780   -0.446  -0.321  1.00 78.95  ? 11  DG  A N1    1 
ATOM   225 C  C2    . DG  A 1 11 ? 6.928   -0.929  -0.909  1.00 81.24  ? 11  DG  A C2    1 
ATOM   226 N  N2    . DG  A 1 11 ? 7.534   -1.957  -0.286  1.00 77.82  ? 11  DG  A N2    1 
ATOM   227 N  N3    . DG  A 1 11 ? 7.447   -0.443  -2.037  1.00 80.43  ? 11  DG  A N3    1 
ATOM   228 C  C4    . DG  A 1 11 ? 6.712   0.586   -2.530  1.00 80.52  ? 11  DG  A C4    1 
ATOM   229 P  P     . DA  A 1 12 ? 9.599   -1.036  -7.821  1.00 106.07 ? 12  DA  A P     1 
ATOM   230 O  OP1   . DA  A 1 12 ? 10.864  -1.561  -8.384  1.00 100.99 ? 12  DA  A OP1   1 
ATOM   231 O  OP2   . DA  A 1 12 ? 8.492   -0.656  -8.731  1.00 105.67 ? 12  DA  A OP2   1 
ATOM   232 O  "O5'" . DA  A 1 12 ? 9.053   -2.104  -6.767  1.00 98.39  ? 12  DA  A "O5'" 1 
ATOM   233 C  "C5'" . DA  A 1 12 ? 9.930   -2.629  -5.779  1.00 90.46  ? 12  DA  A "C5'" 1 
ATOM   234 C  "C4'" . DA  A 1 12 ? 9.201   -3.614  -4.886  1.00 91.93  ? 12  DA  A "C4'" 1 
ATOM   235 O  "O4'" . DA  A 1 12 ? 8.207   -2.907  -4.094  1.00 96.02  ? 12  DA  A "O4'" 1 
ATOM   236 C  "C3'" . DA  A 1 12 ? 8.443   -4.722  -5.627  1.00 85.88  ? 12  DA  A "C3'" 1 
ATOM   237 O  "O3'" . DA  A 1 12 ? 8.682   -5.975  -5.000  1.00 90.52  ? 12  DA  A "O3'" 1 
ATOM   238 C  "C2'" . DA  A 1 12 ? 6.984   -4.299  -5.485  1.00 84.71  ? 12  DA  A "C2'" 1 
ATOM   239 C  "C1'" . DA  A 1 12 ? 7.008   -3.638  -4.120  1.00 85.60  ? 12  DA  A "C1'" 1 
ATOM   240 N  N9    . DA  A 1 12 ? 5.882   -2.735  -3.881  1.00 82.09  ? 12  DA  A N9    1 
ATOM   241 C  C8    . DA  A 1 12 ? 5.457   -1.703  -4.675  1.00 83.84  ? 12  DA  A C8    1 
ATOM   242 N  N7    . DA  A 1 12 ? 4.402   -1.071  -4.204  1.00 85.11  ? 12  DA  A N7    1 
ATOM   243 C  C5    . DA  A 1 12 ? 4.116   -1.737  -3.019  1.00 80.53  ? 12  DA  A C5    1 
ATOM   244 C  C6    . DA  A 1 12 ? 3.111   -1.561  -2.041  1.00 77.41  ? 12  DA  A C6    1 
ATOM   245 N  N6    . DA  A 1 12 ? 2.174   -0.607  -2.109  1.00 77.73  ? 12  DA  A N6    1 
ATOM   246 N  N1    . DA  A 1 12 ? 3.114   -2.403  -0.981  1.00 74.81  ? 12  DA  A N1    1 
ATOM   247 C  C2    . DA  A 1 12 ? 4.056   -3.352  -0.917  1.00 75.68  ? 12  DA  A C2    1 
ATOM   248 N  N3    . DA  A 1 12 ? 5.042   -3.616  -1.774  1.00 75.32  ? 12  DA  A N3    1 
ATOM   249 C  C4    . DA  A 1 12 ? 5.018   -2.764  -2.808  1.00 78.62  ? 12  DA  A C4    1 
ATOM   250 P  P     . DC  A 1 13 ? 8.464   -7.343  -5.817  1.00 104.25 ? 13  DC  A P     1 
ATOM   251 O  OP1   . DC  A 1 13 ? 8.731   -8.467  -4.889  1.00 92.64  ? 13  DC  A OP1   1 
ATOM   252 O  OP2   . DC  A 1 13 ? 9.221   -7.235  -7.087  1.00 98.46  ? 13  DC  A OP2   1 
ATOM   253 O  "O5'" . DC  A 1 13 ? 6.904   -7.330  -6.171  1.00 91.38  ? 13  DC  A "O5'" 1 
ATOM   254 C  "C5'" . DC  A 1 13 ? 6.055   -8.371  -5.708  1.00 87.71  ? 13  DC  A "C5'" 1 
ATOM   255 C  "C4'" . DC  A 1 13 ? 5.508   -8.049  -4.331  1.00 87.65  ? 13  DC  A "C4'" 1 
ATOM   256 O  "O4'" . DC  A 1 13 ? 5.155   -6.658  -4.271  1.00 85.02  ? 13  DC  A "O4'" 1 
ATOM   257 C  "C3'" . DC  A 1 13 ? 4.225   -8.774  -3.971  1.00 92.46  ? 13  DC  A "C3'" 1 
ATOM   258 O  "O3'" . DC  A 1 13 ? 4.523   -10.039 -3.401  1.00 96.03  ? 13  DC  A "O3'" 1 
ATOM   259 C  "C2'" . DC  A 1 13 ? 3.577   -7.840  -2.942  1.00 83.90  ? 13  DC  A "C2'" 1 
ATOM   260 C  "C1'" . DC  A 1 13 ? 4.216   -6.475  -3.232  1.00 78.06  ? 13  DC  A "C1'" 1 
ATOM   261 N  N1    . DC  A 1 13 ? 3.248   -5.388  -3.639  1.00 74.85  ? 13  DC  A N1    1 
ATOM   262 C  C2    . DC  A 1 13 ? 2.137   -5.077  -2.828  1.00 80.43  ? 13  DC  A C2    1 
ATOM   263 O  O2    . DC  A 1 13 ? 1.944   -5.715  -1.782  1.00 79.12  ? 13  DC  A O2    1 
ATOM   264 N  N3    . DC  A 1 13 ? 1.299   -4.079  -3.218  1.00 77.43  ? 13  DC  A N3    1 
ATOM   265 C  C4    . DC  A 1 13 ? 1.537   -3.406  -4.345  1.00 78.65  ? 13  DC  A C4    1 
ATOM   266 N  N4    . DC  A 1 13 ? 0.681   -2.431  -4.684  1.00 81.58  ? 13  DC  A N4    1 
ATOM   267 C  C5    . DC  A 1 13 ? 2.660   -3.702  -5.175  1.00 79.71  ? 13  DC  A C5    1 
ATOM   268 C  C6    . DC  A 1 13 ? 3.479   -4.688  -4.788  1.00 78.80  ? 13  DC  A C6    1 
ATOM   269 P  P     . DT  A 1 14 ? 3.521   -11.276 -3.621  1.00 107.77 ? 14  DT  A P     1 
ATOM   270 O  OP1   . DT  A 1 14 ? 4.259   -12.511 -3.266  1.00 102.86 ? 14  DT  A OP1   1 
ATOM   271 O  OP2   . DT  A 1 14 ? 2.929   -11.138 -4.972  1.00 102.03 ? 14  DT  A OP2   1 
ATOM   272 O  "O5'" . DT  A 1 14 ? 2.350   -11.014 -2.559  1.00 91.16  ? 14  DT  A "O5'" 1 
ATOM   273 C  "C5'" . DT  A 1 14 ? 2.664   -10.789 -1.188  1.00 90.44  ? 14  DT  A "C5'" 1 
ATOM   274 C  "C4'" . DT  A 1 14 ? 1.413   -10.453 -0.392  1.00 89.06  ? 14  DT  A "C4'" 1 
ATOM   275 O  "O4'" . DT  A 1 14 ? 0.926   -9.137  -0.768  1.00 89.41  ? 14  DT  A "O4'" 1 
ATOM   276 C  "C3'" . DT  A 1 14 ? 0.241   -11.410 -0.592  1.00 89.07  ? 14  DT  A "C3'" 1 
ATOM   277 O  "O3'" . DT  A 1 14 ? -0.410  -11.634 0.650   1.00 101.16 ? 14  DT  A "O3'" 1 
ATOM   278 C  "C2'" . DT  A 1 14 ? -0.660  -10.659 -1.573  1.00 88.34  ? 14  DT  A "C2'" 1 
ATOM   279 C  "C1'" . DT  A 1 14 ? -0.432  -9.218  -1.150  1.00 81.09  ? 14  DT  A "C1'" 1 
ATOM   280 N  N1    . DT  A 1 14 ? -0.670  -8.219  -2.236  1.00 75.63  ? 14  DT  A N1    1 
ATOM   281 C  C2    . DT  A 1 14 ? -1.757  -7.378  -2.152  1.00 79.93  ? 14  DT  A C2    1 
ATOM   282 O  O2    . DT  A 1 14 ? -2.563  -7.415  -1.237  1.00 83.12  ? 14  DT  A O2    1 
ATOM   283 N  N3    . DT  A 1 14 ? -1.880  -6.494  -3.197  1.00 76.48  ? 14  DT  A N3    1 
ATOM   284 C  C4    . DT  A 1 14 ? -1.035  -6.363  -4.283  1.00 77.78  ? 14  DT  A C4    1 
ATOM   285 O  O4    . DT  A 1 14 ? -1.226  -5.534  -5.169  1.00 80.05  ? 14  DT  A O4    1 
ATOM   286 C  C5    . DT  A 1 14 ? 0.087   -7.268  -4.306  1.00 79.04  ? 14  DT  A C5    1 
ATOM   287 C  C7    . DT  A 1 14 ? 1.068   -7.215  -5.439  1.00 77.99  ? 14  DT  A C7    1 
ATOM   288 C  C6    . DT  A 1 14 ? 0.214   -8.143  -3.293  1.00 78.41  ? 14  DT  A C6    1 
ATOM   289 P  P     . DG  A 1 15 ? -1.629  -12.674 0.750   1.00 101.96 ? 15  DG  A P     1 
ATOM   290 O  OP1   . DG  A 1 15 ? -1.706  -13.152 2.150   1.00 94.70  ? 15  DG  A OP1   1 
ATOM   291 O  OP2   . DG  A 1 15 ? -1.467  -13.646 -0.355  1.00 89.97  ? 15  DG  A OP2   1 
ATOM   292 O  "O5'" . DG  A 1 15 ? -2.919  -11.776 0.439   1.00 94.87  ? 15  DG  A "O5'" 1 
ATOM   293 C  "C5'" . DG  A 1 15 ? -3.293  -10.716 1.327   1.00 92.19  ? 15  DG  A "C5'" 1 
ATOM   294 C  "C4'" . DG  A 1 15 ? -4.765  -10.368 1.162   1.00 97.84  ? 15  DG  A "C4'" 1 
ATOM   295 O  "O4'" . DG  A 1 15 ? -4.908  -9.291  0.195   1.00 98.15  ? 15  DG  A "O4'" 1 
ATOM   296 C  "C3'" . DG  A 1 15 ? -5.635  -11.504 0.635   1.00 99.32  ? 15  DG  A "C3'" 1 
ATOM   297 O  "O3'" . DG  A 1 15 ? -6.960  -11.390 1.153   1.00 102.67 ? 15  DG  A "O3'" 1 
ATOM   298 C  "C2'" . DG  A 1 15 ? -5.600  -11.265 -0.870  1.00 94.48  ? 15  DG  A "C2'" 1 
ATOM   299 C  "C1'" . DG  A 1 15 ? -5.662  -9.748  -0.914  1.00 92.38  ? 15  DG  A "C1'" 1 
ATOM   300 N  N9    . DG  A 1 15 ? -5.116  -9.154  -2.133  1.00 84.20  ? 15  DG  A N9    1 
ATOM   301 C  C8    . DG  A 1 15 ? -4.024  -9.567  -2.865  1.00 82.60  ? 15  DG  A C8    1 
ATOM   302 N  N7    . DG  A 1 15 ? -3.786  -8.814  -3.911  1.00 76.88  ? 15  DG  A N7    1 
ATOM   303 C  C5    . DG  A 1 15 ? -4.783  -7.844  -3.860  1.00 79.09  ? 15  DG  A C5    1 
ATOM   304 C  C6    . DG  A 1 15 ? -5.054  -6.745  -4.723  1.00 77.51  ? 15  DG  A C6    1 
ATOM   305 O  O6    . DG  A 1 15 ? -4.445  -6.392  -5.748  1.00 78.38  ? 15  DG  A O6    1 
ATOM   306 N  N1    . DG  A 1 15 ? -6.169  -6.021  -4.293  1.00 72.53  ? 15  DG  A N1    1 
ATOM   307 C  C2    . DG  A 1 15 ? -6.920  -6.322  -3.180  1.00 77.02  ? 15  DG  A C2    1 
ATOM   308 N  N2    . DG  A 1 15 ? -7.957  -5.523  -2.911  1.00 70.81  ? 15  DG  A N2    1 
ATOM   309 N  N3    . DG  A 1 15 ? -6.675  -7.337  -2.375  1.00 81.48  ? 15  DG  A N3    1 
ATOM   310 C  C4    . DG  A 1 15 ? -5.602  -8.049  -2.771  1.00 81.19  ? 15  DG  A C4    1 
ATOM   311 P  P     . DC  A 1 16 ? -7.855  -12.711 1.334   1.00 110.21 ? 16  DC  A P     1 
ATOM   312 O  OP1   . DC  A 1 16 ? -7.113  -13.605 2.254   1.00 114.40 ? 16  DC  A OP1   1 
ATOM   313 O  OP2   . DC  A 1 16 ? -8.199  -13.196 -0.021  1.00 102.13 ? 16  DC  A OP2   1 
ATOM   314 O  "O5'" . DC  A 1 16 ? -9.182  -12.210 2.085   1.00 98.45  ? 16  DC  A "O5'" 1 
ATOM   315 C  "C5'" . DC  A 1 16 ? -9.638  -10.869 1.940   1.00 96.30  ? 16  DC  A "C5'" 1 
ATOM   316 C  "C4'" . DC  A 1 16 ? -10.528 -10.714 0.717   1.00 99.38  ? 16  DC  A "C4'" 1 
ATOM   317 O  "O4'" . DC  A 1 16 ? -9.734  -10.272 -0.405  1.00 97.23  ? 16  DC  A "O4'" 1 
ATOM   318 C  "C3'" . DC  A 1 16 ? -11.258 -11.990 0.245   1.00 101.72 ? 16  DC  A "C3'" 1 
ATOM   319 O  "O3'" . DC  A 1 16 ? -12.720 -11.847 0.415   1.00 100.76 ? 16  DC  A "O3'" 1 
ATOM   320 C  "C2'" . DC  A 1 16 ? -10.820 -12.150 -1.234  1.00 95.77  ? 16  DC  A "C2'" 1 
ATOM   321 C  "C1'" . DC  A 1 16 ? -10.354 -10.733 -1.567  1.00 95.83  ? 16  DC  A "C1'" 1 
ATOM   322 N  N1    . DC  A 1 16 ? -9.419  -10.600 -2.716  1.00 91.28  ? 16  DC  A N1    1 
ATOM   323 C  C2    . DC  A 1 16 ? -9.657  -9.603  -3.681  1.00 92.06  ? 16  DC  A C2    1 
ATOM   324 O  O2    . DC  A 1 16 ? -10.653 -8.869  -3.561  1.00 90.65  ? 16  DC  A O2    1 
ATOM   325 N  N3    . DC  A 1 16 ? -8.793  -9.473  -4.720  1.00 89.42  ? 16  DC  A N3    1 
ATOM   326 C  C4    . DC  A 1 16 ? -7.734  -10.286 -4.809  1.00 88.56  ? 16  DC  A C4    1 
ATOM   327 N  N4    . DC  A 1 16 ? -6.908  -10.122 -5.848  1.00 84.50  ? 16  DC  A N4    1 
ATOM   328 C  C5    . DC  A 1 16 ? -7.476  -11.299 -3.833  1.00 88.98  ? 16  DC  A C5    1 
ATOM   329 C  C6    . DC  A 1 16 ? -8.336  -11.417 -2.814  1.00 88.41  ? 16  DC  A C6    1 
ATOM   330 P  P     . DA  A 1 17 ? -13.679 -11.540 -0.846  1.00 110.80 ? 17  DA  A P     1 
ATOM   331 O  OP1   . DA  A 1 17 ? -13.926 -12.793 -1.602  1.00 111.51 ? 17  DA  A OP1   1 
ATOM   332 O  OP2   . DA  A 1 17 ? -13.143 -10.318 -1.460  1.00 103.21 ? 17  DA  A OP2   1 
ATOM   333 O  "O5'" . DA  A 1 17 ? -15.044 -10.962 -0.243  1.00 106.45 ? 17  DA  A "O5'" 1 
ATOM   334 C  "C5'" . DA  A 1 17 ? -15.252 -9.529  -0.220  1.00 106.65 ? 17  DA  A "C5'" 1 
ATOM   335 C  "C4'" . DA  A 1 17 ? -15.851 -8.978  -1.532  1.00 107.54 ? 17  DA  A "C4'" 1 
ATOM   336 O  "O4'" . DA  A 1 17 ? -14.844 -8.833  -2.581  1.00 108.46 ? 17  DA  A "O4'" 1 
ATOM   337 C  "C3'" . DA  A 1 17 ? -17.002 -9.758  -2.137  1.00 110.21 ? 17  DA  A "C3'" 1 
ATOM   338 O  "O3'" . DA  A 1 17 ? -18.051 -8.822  -2.439  1.00 114.70 ? 17  DA  A "O3'" 1 
ATOM   339 C  "C2'" . DA  A 1 17 ? -16.378 -10.427 -3.385  1.00 106.47 ? 17  DA  A "C2'" 1 
ATOM   340 C  "C1'" . DA  A 1 17 ? -15.280 -9.445  -3.790  1.00 105.30 ? 17  DA  A "C1'" 1 
ATOM   341 N  N9    . DA  A 1 17 ? -14.096 -10.068 -4.429  1.00 103.71 ? 17  DA  A N9    1 
ATOM   342 C  C8    . DA  A 1 17 ? -13.423 -11.178 -3.998  1.00 102.28 ? 17  DA  A C8    1 
ATOM   343 N  N7    . DA  A 1 17 ? -12.374 -11.494 -4.713  1.00 100.18 ? 17  DA  A N7    1 
ATOM   344 C  C5    . DA  A 1 17 ? -12.343 -10.532 -5.704  1.00 98.57  ? 17  DA  A C5    1 
ATOM   345 C  C6    . DA  A 1 17 ? -11.464 -10.331 -6.789  1.00 96.11  ? 17  DA  A C6    1 
ATOM   346 N  N6    . DA  A 1 17 ? -10.421 -11.135 -7.042  1.00 93.90  ? 17  DA  A N6    1 
ATOM   347 N  N1    . DA  A 1 17 ? -11.705 -9.280  -7.608  1.00 96.27  ? 17  DA  A N1    1 
ATOM   348 C  C2    . DA  A 1 17 ? -12.758 -8.480  -7.341  1.00 96.74  ? 17  DA  A C2    1 
ATOM   349 N  N3    . DA  A 1 17 ? -13.658 -8.573  -6.345  1.00 98.86  ? 17  DA  A N3    1 
ATOM   350 C  C4    . DA  A 1 17 ? -13.392 -9.632  -5.552  1.00 100.99 ? 17  DA  A C4    1 
ATOM   351 P  P     . DC  A 1 18 ? -19.085 -9.041  -3.646  1.00 123.71 ? 18  DC  A P     1 
ATOM   352 O  OP1   . DC  A 1 18 ? -20.130 -8.002  -3.477  1.00 121.46 ? 18  DC  A OP1   1 
ATOM   353 O  OP2   . DC  A 1 18 ? -19.474 -10.469 -3.699  1.00 123.61 ? 18  DC  A OP2   1 
ATOM   354 O  "O5'" . DC  A 1 18 ? -18.236 -8.667  -4.944  1.00 104.57 ? 18  DC  A "O5'" 1 
ATOM   355 C  "C5'" . DC  A 1 18 ? -18.417 -9.393  -6.135  1.00 109.01 ? 18  DC  A "C5'" 1 
ATOM   356 C  "C4'" . DC  A 1 18 ? -17.935 -8.586  -7.317  1.00 108.48 ? 18  DC  A "C4'" 1 
ATOM   357 O  "O4'" . DC  A 1 18 ? -16.517 -8.822  -7.520  1.00 106.24 ? 18  DC  A "O4'" 1 
ATOM   358 C  "C3'" . DC  A 1 18 ? -18.598 -8.935  -8.633  1.00 110.65 ? 18  DC  A "C3'" 1 
ATOM   359 O  "O3'" . DC  A 1 18 ? -18.614 -7.789  -9.466  1.00 115.47 ? 18  DC  A "O3'" 1 
ATOM   360 C  "C2'" . DC  A 1 18 ? -17.676 -10.023 -9.178  1.00 112.91 ? 18  DC  A "C2'" 1 
ATOM   361 C  "C1'" . DC  A 1 18 ? -16.313 -9.495  -8.750  1.00 107.88 ? 18  DC  A "C1'" 1 
ATOM   362 N  N1    . DC  A 1 18 ? -15.281 -10.555 -8.533  1.00 103.55 ? 18  DC  A N1    1 
ATOM   363 C  C2    . DC  A 1 18 ? -14.178 -10.634 -9.394  1.00 103.52 ? 18  DC  A C2    1 
ATOM   364 O  O2    . DC  A 1 18 ? -14.090 -9.829  -10.329 1.00 104.57 ? 18  DC  A O2    1 
ATOM   365 N  N3    . DC  A 1 18 ? -13.240 -11.593 -9.176  1.00 100.85 ? 18  DC  A N3    1 
ATOM   366 C  C4    . DC  A 1 18 ? -13.377 -12.441 -8.154  1.00 103.05 ? 18  DC  A C4    1 
ATOM   367 N  N4    . DC  A 1 18 ? -12.425 -13.369 -7.977  1.00 105.95 ? 18  DC  A N4    1 
ATOM   368 C  C5    . DC  A 1 18 ? -14.493 -12.371 -7.263  1.00 103.21 ? 18  DC  A C5    1 
ATOM   369 C  C6    . DC  A 1 18 ? -15.409 -11.420 -7.486  1.00 102.51 ? 18  DC  A C6    1 
ATOM   370 P  P     . DT  A 1 19 ? -19.704 -7.653  -10.637 1.00 124.05 ? 19  DT  A P     1 
ATOM   371 O  OP1   . DT  A 1 19 ? -20.005 -6.215  -10.827 1.00 121.67 ? 19  DT  A OP1   1 
ATOM   372 O  OP2   . DT  A 1 19 ? -20.799 -8.603  -10.332 1.00 121.54 ? 19  DT  A OP2   1 
ATOM   373 O  "O5'" . DT  A 1 19 ? -18.930 -8.189  -11.928 1.00 120.31 ? 19  DT  A "O5'" 1 
ATOM   374 C  "C5'" . DT  A 1 19 ? -17.544 -7.905  -12.094 1.00 112.77 ? 19  DT  A "C5'" 1 
ATOM   375 C  "C4'" . DT  A 1 19 ? -17.053 -8.442  -13.422 1.00 117.00 ? 19  DT  A "C4'" 1 
ATOM   376 O  "O4'" . DT  A 1 19 ? -16.015 -9.437  -13.208 1.00 117.14 ? 19  DT  A "O4'" 1 
ATOM   377 C  "C3'" . DT  A 1 19 ? -18.117 -9.138  -14.255 1.00 123.10 ? 19  DT  A "C3'" 1 
ATOM   378 O  "O3'" . DT  A 1 19 ? -17.821 -8.968  -15.624 1.00 123.73 ? 19  DT  A "O3'" 1 
ATOM   379 C  "C2'" . DT  A 1 19 ? -17.948 -10.596 -13.829 1.00 124.63 ? 19  DT  A "C2'" 1 
ATOM   380 C  "C1'" . DT  A 1 19 ? -16.431 -10.682 -13.743 1.00 121.30 ? 19  DT  A "C1'" 1 
ATOM   381 N  N1    . DT  A 1 19 ? -15.913 -11.772 -12.853 1.00 115.62 ? 19  DT  A N1    1 
ATOM   382 C  C2    . DT  A 1 19 ? -14.658 -12.286 -13.094 1.00 115.89 ? 19  DT  A C2    1 
ATOM   383 O  O2    . DT  A 1 19 ? -13.950 -11.911 -14.014 1.00 114.85 ? 19  DT  A O2    1 
ATOM   384 N  N3    . DT  A 1 19 ? -14.258 -13.266 -12.222 1.00 114.82 ? 19  DT  A N3    1 
ATOM   385 C  C4    . DT  A 1 19 ? -14.971 -13.770 -11.148 1.00 113.83 ? 19  DT  A C4    1 
ATOM   386 O  O4    . DT  A 1 19 ? -14.522 -14.653 -10.418 1.00 113.83 ? 19  DT  A O4    1 
ATOM   387 C  C5    . DT  A 1 19 ? -16.279 -13.186 -10.944 1.00 110.25 ? 19  DT  A C5    1 
ATOM   388 C  C7    . DT  A 1 19 ? -17.143 -13.655 -9.809  1.00 104.66 ? 19  DT  A C7    1 
ATOM   389 C  C6    . DT  A 1 19 ? -16.684 -12.223 -11.796 1.00 111.02 ? 19  DT  A C6    1 
ATOM   390 P  P     . DC  A 1 20 ? -18.178 -7.593  -16.373 1.00 127.45 ? 20  DC  A P     1 
ATOM   391 O  OP1   . DC  A 1 20 ? -17.308 -6.525  -15.829 1.00 129.55 ? 20  DC  A OP1   1 
ATOM   392 O  OP2   . DC  A 1 20 ? -19.651 -7.426  -16.333 1.00 127.18 ? 20  DC  A OP2   1 
ATOM   393 O  "O5'" . DC  A 1 20 ? -17.750 -7.887  -17.884 1.00 128.66 ? 20  DC  A "O5'" 1 
ATOM   394 C  "C5'" . DC  A 1 20 ? -18.248 -9.050  -18.538 1.00 133.34 ? 20  DC  A "C5'" 1 
ATOM   395 C  "C4'" . DC  A 1 20 ? -17.117 -9.954  -18.998 1.00 133.48 ? 20  DC  A "C4'" 1 
ATOM   396 O  "O4'" . DC  A 1 20 ? -16.664 -10.789 -17.890 1.00 130.82 ? 20  DC  A "O4'" 1 
ATOM   397 C  "C3'" . DC  A 1 20 ? -17.507 -10.937 -20.093 1.00 135.21 ? 20  DC  A "C3'" 1 
ATOM   398 O  "O3'" . DC  A 1 20 ? -16.365 -11.251 -20.875 1.00 139.13 ? 20  DC  A "O3'" 1 
ATOM   399 C  "C2'" . DC  A 1 20 ? -17.956 -12.138 -19.274 1.00 133.14 ? 20  DC  A "C2'" 1 
ATOM   400 C  "C1'" . DC  A 1 20 ? -16.865 -12.153 -18.225 1.00 131.97 ? 20  DC  A "C1'" 1 
ATOM   401 N  N1    . DC  A 1 20 ? -17.207 -12.907 -16.980 1.00 130.34 ? 20  DC  A N1    1 
ATOM   402 C  C2    . DC  A 1 20 ? -16.211 -13.647 -16.329 1.00 128.07 ? 20  DC  A C2    1 
ATOM   403 O  O2    . DC  A 1 20 ? -15.072 -13.683 -16.807 1.00 128.77 ? 20  DC  A O2    1 
ATOM   404 N  N3    . DC  A 1 20 ? -16.524 -14.324 -15.198 1.00 125.50 ? 20  DC  A N3    1 
ATOM   405 C  C4    . DC  A 1 20 ? -17.763 -14.271 -14.707 1.00 124.42 ? 20  DC  A C4    1 
ATOM   406 N  N4    . DC  A 1 20 ? -18.018 -14.952 -13.583 1.00 120.64 ? 20  DC  A N4    1 
ATOM   407 C  C5    . DC  A 1 20 ? -18.796 -13.520 -15.353 1.00 126.65 ? 20  DC  A C5    1 
ATOM   408 C  C6    . DC  A 1 20 ? -18.476 -12.857 -16.475 1.00 129.17 ? 20  DC  A C6    1 
ATOM   409 P  P     . DA  A 1 21 ? -16.329 -10.892 -22.439 1.00 144.14 ? 21  DA  A P     1 
ATOM   410 O  OP1   . DA  A 1 21 ? -15.627 -9.596  -22.576 1.00 144.00 ? 21  DA  A OP1   1 
ATOM   411 O  OP2   . DA  A 1 21 ? -17.704 -11.045 -22.970 1.00 144.15 ? 21  DA  A OP2   1 
ATOM   412 O  "O5'" . DA  A 1 21 ? -15.417 -12.046 -23.072 1.00 142.11 ? 21  DA  A "O5'" 1 
ATOM   413 C  "C5'" . DA  A 1 21 ? -14.072 -12.213 -22.633 1.00 141.42 ? 21  DA  A "C5'" 1 
ATOM   414 C  "C4'" . DA  A 1 21 ? -13.812 -13.656 -22.241 1.00 140.90 ? 21  DA  A "C4'" 1 
ATOM   415 O  "O4'" . DA  A 1 21 ? -14.462 -13.935 -20.978 1.00 138.61 ? 21  DA  A "O4'" 1 
ATOM   416 C  "C3'" . DA  A 1 21 ? -14.364 -14.687 -23.209 1.00 141.34 ? 21  DA  A "C3'" 1 
ATOM   417 O  "O3'" . DA  A 1 21 ? -13.405 -14.963 -24.225 1.00 142.46 ? 21  DA  A "O3'" 1 
ATOM   418 C  "C2'" . DA  A 1 21 ? -14.585 -15.898 -22.307 1.00 140.37 ? 21  DA  A "C2'" 1 
ATOM   419 C  "C1'" . DA  A 1 21 ? -14.980 -15.255 -20.978 1.00 138.06 ? 21  DA  A "C1'" 1 
ATOM   420 N  N9    . DA  A 1 21 ? -16.424 -15.185 -20.757 1.00 137.18 ? 21  DA  A N9    1 
ATOM   421 C  C8    . DA  A 1 21 ? -17.364 -14.638 -21.588 1.00 137.12 ? 21  DA  A C8    1 
ATOM   422 N  N7    . DA  A 1 21 ? -18.590 -14.715 -21.123 1.00 135.86 ? 21  DA  A N7    1 
ATOM   423 C  C5    . DA  A 1 21 ? -18.443 -15.353 -19.901 1.00 134.08 ? 21  DA  A C5    1 
ATOM   424 C  C6    . DA  A 1 21 ? -19.371 -15.730 -18.910 1.00 132.86 ? 21  DA  A C6    1 
ATOM   425 N  N6    . DA  A 1 21 ? -20.687 -15.507 -19.011 1.00 130.46 ? 21  DA  A N6    1 
ATOM   426 N  N1    . DA  A 1 21 ? -18.891 -16.349 -17.809 1.00 133.05 ? 21  DA  A N1    1 
ATOM   427 C  C2    . DA  A 1 21 ? -17.574 -16.570 -17.714 1.00 132.30 ? 21  DA  A C2    1 
ATOM   428 N  N3    . DA  A 1 21 ? -16.608 -16.261 -18.578 1.00 132.70 ? 21  DA  A N3    1 
ATOM   429 C  C4    . DA  A 1 21 ? -17.114 -15.647 -19.659 1.00 134.44 ? 21  DA  A C4    1 
ATOM   430 P  P     . DA  B 2 1  ? -7.320  3.964   -2.317  1.00 95.12  ? 1   DA  B P     1 
ATOM   431 O  OP1   . DA  B 2 1  ? -6.102  4.100   -3.145  1.00 89.37  ? 1   DA  B OP1   1 
ATOM   432 O  OP2   . DA  B 2 1  ? -8.583  4.592   -2.770  1.00 82.29  ? 1   DA  B OP2   1 
ATOM   433 O  "O5'" . DA  B 2 1  ? -7.613  2.404   -2.105  1.00 87.20  ? 1   DA  B "O5'" 1 
ATOM   434 C  "C5'" . DA  B 2 1  ? -8.913  1.970   -1.702  1.00 83.10  ? 1   DA  B "C5'" 1 
ATOM   435 C  "C4'" . DA  B 2 1  ? -8.869  0.541   -1.197  1.00 76.32  ? 1   DA  B "C4'" 1 
ATOM   436 O  "O4'" . DA  B 2 1  ? -8.563  -0.336  -2.297  1.00 73.25  ? 1   DA  B "O4'" 1 
ATOM   437 C  "C3'" . DA  B 2 1  ? -7.787  0.267   -0.171  1.00 75.21  ? 1   DA  B "C3'" 1 
ATOM   438 O  "O3'" . DA  B 2 1  ? -8.269  0.577   1.133   1.00 74.65  ? 1   DA  B "O3'" 1 
ATOM   439 C  "C2'" . DA  B 2 1  ? -7.542  -1.231  -0.341  1.00 67.41  ? 1   DA  B "C2'" 1 
ATOM   440 C  "C1'" . DA  B 2 1  ? -7.831  -1.450  -1.828  1.00 66.16  ? 1   DA  B "C1'" 1 
ATOM   441 N  N9    . DA  B 2 1  ? -6.639  -1.602  -2.661  1.00 70.15  ? 1   DA  B N9    1 
ATOM   442 C  C8    . DA  B 2 1  ? -6.258  -0.815  -3.713  1.00 69.84  ? 1   DA  B C8    1 
ATOM   443 N  N7    . DA  B 2 1  ? -5.147  -1.208  -4.295  1.00 63.98  ? 1   DA  B N7    1 
ATOM   444 C  C5    . DA  B 2 1  ? -4.774  -2.327  -3.573  1.00 68.42  ? 1   DA  B C5    1 
ATOM   445 C  C6    . DA  B 2 1  ? -3.679  -3.207  -3.685  1.00 74.16  ? 1   DA  B C6    1 
ATOM   446 N  N6    . DA  B 2 1  ? -2.721  -3.078  -4.614  1.00 71.88  ? 1   DA  B N6    1 
ATOM   447 N  N1    . DA  B 2 1  ? -3.607  -4.231  -2.805  1.00 74.92  ? 1   DA  B N1    1 
ATOM   448 C  C2    . DA  B 2 1  ? -4.570  -4.356  -1.880  1.00 72.65  ? 1   DA  B C2    1 
ATOM   449 N  N3    . DA  B 2 1  ? -5.645  -3.591  -1.677  1.00 73.22  ? 1   DA  B N3    1 
ATOM   450 C  C4    . DA  B 2 1  ? -5.687  -2.586  -2.565  1.00 71.72  ? 1   DA  B C4    1 
ATOM   451 P  P     . DG  B 2 2  ? -7.322  1.344   2.180   1.00 78.99  ? 2   DG  B P     1 
ATOM   452 O  OP1   . DG  B 2 2  ? -8.167  1.890   3.268   1.00 78.39  ? 2   DG  B OP1   1 
ATOM   453 O  OP2   . DG  B 2 2  ? -6.454  2.267   1.413   1.00 88.18  ? 2   DG  B OP2   1 
ATOM   454 O  "O5'" . DG  B 2 2  ? -6.378  0.188   2.754   1.00 73.43  ? 2   DG  B "O5'" 1 
ATOM   455 C  "C5'" . DG  B 2 2  ? -6.923  -0.865  3.534   1.00 77.10  ? 2   DG  B "C5'" 1 
ATOM   456 C  "C4'" . DG  B 2 2  ? -5.991  -2.058  3.512   1.00 81.48  ? 2   DG  B "C4'" 1 
ATOM   457 O  "O4'" . DG  B 2 2  ? -5.733  -2.402  2.141   1.00 81.80  ? 2   DG  B "O4'" 1 
ATOM   458 C  "C3'" . DG  B 2 2  ? -4.617  -1.800  4.106   1.00 83.93  ? 2   DG  B "C3'" 1 
ATOM   459 O  "O3'" . DG  B 2 2  ? -4.616  -2.083  5.496   1.00 87.12  ? 2   DG  B "O3'" 1 
ATOM   460 C  "C2'" . DG  B 2 2  ? -3.722  -2.777  3.350   1.00 79.25  ? 2   DG  B "C2'" 1 
ATOM   461 C  "C1'" . DG  B 2 2  ? -4.430  -2.936  2.017   1.00 76.18  ? 2   DG  B "C1'" 1 
ATOM   462 N  N9    . DG  B 2 2  ? -3.759  -2.285  0.901   1.00 70.03  ? 2   DG  B N9    1 
ATOM   463 C  C8    . DG  B 2 2  ? -4.146  -1.138  0.250   1.00 70.41  ? 2   DG  B C8    1 
ATOM   464 N  N7    . DG  B 2 2  ? -3.361  -0.819  -0.745  1.00 72.91  ? 2   DG  B N7    1 
ATOM   465 C  C5    . DG  B 2 2  ? -2.396  -1.818  -0.750  1.00 70.65  ? 2   DG  B C5    1 
ATOM   466 C  C6    . DG  B 2 2  ? -1.276  -2.003  -1.596  1.00 75.68  ? 2   DG  B C6    1 
ATOM   467 O  O6    . DG  B 2 2  ? -0.900  -1.298  -2.546  1.00 78.99  ? 2   DG  B O6    1 
ATOM   468 N  N1    . DG  B 2 2  ? -0.557  -3.148  -1.256  1.00 75.53  ? 2   DG  B N1    1 
ATOM   469 C  C2    . DG  B 2 2  ? -0.879  -4.004  -0.226  1.00 76.82  ? 2   DG  B C2    1 
ATOM   470 N  N2    . DG  B 2 2  ? -0.068  -5.060  -0.048  1.00 78.44  ? 2   DG  B N2    1 
ATOM   471 N  N3    . DG  B 2 2  ? -1.924  -3.838  0.577   1.00 70.20  ? 2   DG  B N3    1 
ATOM   472 C  C4    . DG  B 2 2  ? -2.631  -2.729  0.257   1.00 69.61  ? 2   DG  B C4    1 
ATOM   473 P  P     . DT  B 2 3  ? -3.346  -1.663  6.388   1.00 107.49 ? 3   DT  B P     1 
ATOM   474 O  OP1   . DT  B 2 3  ? -3.697  -1.889  7.811   1.00 105.94 ? 3   DT  B OP1   1 
ATOM   475 O  OP2   . DT  B 2 3  ? -2.920  -0.321  5.920   1.00 91.71  ? 3   DT  B OP2   1 
ATOM   476 O  "O5'" . DT  B 2 3  ? -2.194  -2.694  5.949   1.00 88.98  ? 3   DT  B "O5'" 1 
ATOM   477 C  "C5'" . DT  B 2 3  ? -2.336  -4.094  6.214   1.00 81.64  ? 3   DT  B "C5'" 1 
ATOM   478 C  "C4'" . DT  B 2 3  ? -1.065  -4.843  5.849   1.00 81.65  ? 3   DT  B "C4'" 1 
ATOM   479 O  "O4'" . DT  B 2 3  ? -0.735  -4.584  4.462   1.00 79.85  ? 3   DT  B "O4'" 1 
ATOM   480 C  "C3'" . DT  B 2 3  ? 0.168   -4.460  6.669   1.00 82.92  ? 3   DT  B "C3'" 1 
ATOM   481 O  "O3'" . DT  B 2 3  ? 0.871   -5.630  7.080   1.00 82.41  ? 3   DT  B "O3'" 1 
ATOM   482 C  "C2'" . DT  B 2 3  ? 0.997   -3.600  5.713   1.00 79.31  ? 3   DT  B "C2'" 1 
ATOM   483 C  "C1'" . DT  B 2 3  ? 0.598   -4.135  4.346   1.00 73.05  ? 3   DT  B "C1'" 1 
ATOM   484 N  N1    . DT  B 2 3  ? 0.633   -3.095  3.283   1.00 69.24  ? 3   DT  B N1    1 
ATOM   485 C  C2    . DT  B 2 3  ? 1.564   -3.187  2.277   1.00 71.73  ? 3   DT  B C2    1 
ATOM   486 O  O2    . DT  B 2 3  ? 2.381   -4.086  2.204   1.00 74.64  ? 3   DT  B O2    1 
ATOM   487 N  N3    . DT  B 2 3  ? 1.503   -2.175  1.349   1.00 72.97  ? 3   DT  B N3    1 
ATOM   488 C  C4    . DT  B 2 3  ? 0.625   -1.109  1.327   1.00 74.11  ? 3   DT  B C4    1 
ATOM   489 O  O4    . DT  B 2 3  ? 0.651   -0.250  0.448   1.00 78.76  ? 3   DT  B O4    1 
ATOM   490 C  C5    . DT  B 2 3  ? -0.327  -1.073  2.412   1.00 72.48  ? 3   DT  B C5    1 
ATOM   491 C  C7    . DT  B 2 3  ? -1.330  0.040   2.495   1.00 72.31  ? 3   DT  B C7    1 
ATOM   492 C  C6    . DT  B 2 3  ? -0.276  -2.057  3.329   1.00 73.89  ? 3   DT  B C6    1 
ATOM   493 P  P     . DC  B 2 4  ? 2.109   -5.515  8.100   1.00 90.95  ? 4   DC  B P     1 
ATOM   494 O  OP1   . DC  B 2 4  ? 2.188   -6.780  8.869   1.00 81.42  ? 4   DC  B OP1   1 
ATOM   495 O  OP2   . DC  B 2 4  ? 1.990   -4.222  8.812   1.00 87.75  ? 4   DC  B OP2   1 
ATOM   496 O  "O5'" . DC  B 2 4  ? 3.380   -5.416  7.131   1.00 81.10  ? 4   DC  B "O5'" 1 
ATOM   497 C  "C5'" . DC  B 2 4  ? 3.446   -6.236  5.975   1.00 76.53  ? 4   DC  B "C5'" 1 
ATOM   498 C  "C4'" . DC  B 2 4  ? 4.857   -6.275  5.412   1.00 78.78  ? 4   DC  B "C4'" 1 
ATOM   499 O  "O4'" . DC  B 2 4  ? 4.957   -5.397  4.261   1.00 82.76  ? 4   DC  B "O4'" 1 
ATOM   500 C  "C3'" . DC  B 2 4  ? 5.962   -5.845  6.368   1.00 80.70  ? 4   DC  B "C3'" 1 
ATOM   501 O  "O3'" . DC  B 2 4  ? 7.122   -6.640  6.126   1.00 83.82  ? 4   DC  B "O3'" 1 
ATOM   502 C  "C2'" . DC  B 2 4  ? 6.184   -4.370  6.004   1.00 76.39  ? 4   DC  B "C2'" 1 
ATOM   503 C  "C1'" . DC  B 2 4  ? 5.888   -4.353  4.507   1.00 77.98  ? 4   DC  B "C1'" 1 
ATOM   504 N  N1    . DC  B 2 4  ? 5.268   -3.082  4.014   1.00 70.13  ? 4   DC  B N1    1 
ATOM   505 C  C2    . DC  B 2 4  ? 5.740   -2.481  2.831   1.00 73.93  ? 4   DC  B C2    1 
ATOM   506 O  O2    . DC  B 2 4  ? 6.690   -2.994  2.226   1.00 76.40  ? 4   DC  B O2    1 
ATOM   507 N  N3    . DC  B 2 4  ? 5.145   -1.343  2.389   1.00 69.00  ? 4   DC  B N3    1 
ATOM   508 C  C4    . DC  B 2 4  ? 4.123   -0.821  3.066   1.00 73.96  ? 4   DC  B C4    1 
ATOM   509 N  N4    . DC  B 2 4  ? 3.566   0.302   2.591   1.00 78.15  ? 4   DC  B N4    1 
ATOM   510 C  C5    . DC  B 2 4  ? 3.624   -1.422  4.264   1.00 72.55  ? 4   DC  B C5    1 
ATOM   511 C  C6    . DC  B 2 4  ? 4.217   -2.542  4.693   1.00 68.94  ? 4   DC  B C6    1 
ATOM   512 P  P     . DA  B 2 5  ? 8.348   -6.647  7.164   1.00 85.19  ? 5   DA  B P     1 
ATOM   513 O  OP1   . DA  B 2 5  ? 8.989   -7.982  7.081   1.00 79.61  ? 5   DA  B OP1   1 
ATOM   514 O  OP2   . DA  B 2 5  ? 7.852   -6.135  8.468   1.00 81.20  ? 5   DA  B OP2   1 
ATOM   515 O  "O5'" . DA  B 2 5  ? 9.364   -5.591  6.540   1.00 74.41  ? 5   DA  B "O5'" 1 
ATOM   516 C  "C5'" . DA  B 2 5  ? 9.813   -5.757  5.210   1.00 81.24  ? 5   DA  B "C5'" 1 
ATOM   517 C  "C4'" . DA  B 2 5  ? 10.707  -4.605  4.813   1.00 85.01  ? 5   DA  B "C4'" 1 
ATOM   518 O  "O4'" . DA  B 2 5  ? 9.940   -3.646  4.062   1.00 87.82  ? 5   DA  B "O4'" 1 
ATOM   519 C  "C3'" . DA  B 2 5  ? 11.281  -3.841  5.991   1.00 84.69  ? 5   DA  B "C3'" 1 
ATOM   520 O  "O3'" . DA  B 2 5  ? 12.547  -4.379  6.331   1.00 82.47  ? 5   DA  B "O3'" 1 
ATOM   521 C  "C2'" . DA  B 2 5  ? 11.401  -2.408  5.480   1.00 83.20  ? 5   DA  B "C2'" 1 
ATOM   522 C  "C1'" . DA  B 2 5  ? 10.414  -2.342  4.313   1.00 82.22  ? 5   DA  B "C1'" 1 
ATOM   523 N  N9    . DA  B 2 5  ? 9.268   -1.490  4.569   1.00 72.34  ? 5   DA  B N9    1 
ATOM   524 C  C8    . DA  B 2 5  ? 8.408   -1.553  5.631   1.00 77.61  ? 5   DA  B C8    1 
ATOM   525 N  N7    . DA  B 2 5  ? 7.448   -0.654  5.588   1.00 74.27  ? 5   DA  B N7    1 
ATOM   526 C  C5    . DA  B 2 5  ? 7.705   0.040   4.415   1.00 73.48  ? 5   DA  B C5    1 
ATOM   527 C  C6    . DA  B 2 5  ? 7.055   1.121   3.788   1.00 73.31  ? 5   DA  B C6    1 
ATOM   528 N  N6    . DA  B 2 5  ? 5.965   1.712   4.283   1.00 71.79  ? 5   DA  B N6    1 
ATOM   529 N  N1    . DA  B 2 5  ? 7.575   1.569   2.621   1.00 76.00  ? 5   DA  B N1    1 
ATOM   530 C  C2    . DA  B 2 5  ? 8.665   0.972   2.130   1.00 76.81  ? 5   DA  B C2    1 
ATOM   531 N  N3    . DA  B 2 5  ? 9.358   -0.048  2.628   1.00 74.76  ? 5   DA  B N3    1 
ATOM   532 C  C4    . DA  B 2 5  ? 8.821   -0.467  3.780   1.00 71.75  ? 5   DA  B C4    1 
ATOM   533 O  "O5'" . DT  C 3 1  ? -28.482 -22.099 -14.830 1.00 143.06 ? 1   DT  C "O5'" 1 
ATOM   534 C  "C5'" . DT  C 3 1  ? -27.940 -21.922 -13.534 1.00 144.81 ? 1   DT  C "C5'" 1 
ATOM   535 C  "C4'" . DT  C 3 1  ? -27.179 -23.159 -13.101 1.00 146.63 ? 1   DT  C "C4'" 1 
ATOM   536 O  "O4'" . DT  C 3 1  ? -26.531 -23.751 -14.255 1.00 144.83 ? 1   DT  C "O4'" 1 
ATOM   537 C  "C3'" . DT  C 3 1  ? -26.067 -22.902 -12.099 1.00 144.13 ? 1   DT  C "C3'" 1 
ATOM   538 O  "O3'" . DT  C 3 1  ? -25.854 -24.055 -11.303 1.00 146.98 ? 1   DT  C "O3'" 1 
ATOM   539 C  "C2'" . DT  C 3 1  ? -24.872 -22.614 -13.001 1.00 143.23 ? 1   DT  C "C2'" 1 
ATOM   540 C  "C1'" . DT  C 3 1  ? -25.131 -23.540 -14.189 1.00 143.73 ? 1   DT  C "C1'" 1 
ATOM   541 N  N1    . DT  C 3 1  ? -24.686 -22.963 -15.489 1.00 141.69 ? 1   DT  C N1    1 
ATOM   542 C  C2    . DT  C 3 1  ? -23.581 -23.491 -16.117 1.00 140.19 ? 1   DT  C C2    1 
ATOM   543 O  O2    . DT  C 3 1  ? -22.935 -24.419 -15.664 1.00 138.56 ? 1   DT  C O2    1 
ATOM   544 N  N3    . DT  C 3 1  ? -23.253 -22.884 -17.300 1.00 140.13 ? 1   DT  C N3    1 
ATOM   545 C  C4    . DT  C 3 1  ? -23.907 -21.826 -17.908 1.00 141.13 ? 1   DT  C C4    1 
ATOM   546 O  O4    . DT  C 3 1  ? -23.535 -21.350 -18.979 1.00 139.12 ? 1   DT  C O4    1 
ATOM   547 C  C5    . DT  C 3 1  ? -25.058 -21.321 -17.195 1.00 141.94 ? 1   DT  C C5    1 
ATOM   548 C  C7    . DT  C 3 1  ? -25.848 -20.175 -17.752 1.00 142.02 ? 1   DT  C C7    1 
ATOM   549 C  C6    . DT  C 3 1  ? -25.386 -21.908 -16.034 1.00 141.23 ? 1   DT  C C6    1 
ATOM   550 P  P     . DC  C 3 2  ? -24.869 -23.981 -10.038 1.00 158.08 ? 2   DC  C P     1 
ATOM   551 O  OP1   . DC  C 3 2  ? -25.153 -25.144 -9.165  1.00 153.10 ? 2   DC  C OP1   1 
ATOM   552 O  OP2   . DC  C 3 2  ? -24.961 -22.607 -9.493  1.00 156.50 ? 2   DC  C OP2   1 
ATOM   553 O  "O5'" . DC  C 3 2  ? -23.413 -24.161 -10.678 1.00 149.27 ? 2   DC  C "O5'" 1 
ATOM   554 C  "C5'" . DC  C 3 2  ? -22.259 -24.076 -9.859  1.00 147.10 ? 2   DC  C "C5'" 1 
ATOM   555 C  "C4'" . DC  C 3 2  ? -21.173 -24.995 -10.379 1.00 147.19 ? 2   DC  C "C4'" 1 
ATOM   556 O  "O4'" . DC  C 3 2  ? -21.100 -24.887 -11.825 1.00 142.90 ? 2   DC  C "O4'" 1 
ATOM   557 C  "C3'" . DC  C 3 2  ? -19.773 -24.678 -9.875  1.00 145.93 ? 2   DC  C "C3'" 1 
ATOM   558 O  "O3'" . DC  C 3 2  ? -19.003 -25.870 -9.814  1.00 149.20 ? 2   DC  C "O3'" 1 
ATOM   559 C  "C2'" . DC  C 3 2  ? -19.253 -23.730 -10.948 1.00 144.42 ? 2   DC  C "C2'" 1 
ATOM   560 C  "C1'" . DC  C 3 2  ? -19.848 -24.353 -12.203 1.00 142.24 ? 2   DC  C "C1'" 1 
ATOM   561 N  N1    . DC  C 3 2  ? -20.066 -23.377 -13.301 1.00 140.30 ? 2   DC  C N1    1 
ATOM   562 C  C2    . DC  C 3 2  ? -19.073 -23.193 -14.270 1.00 140.81 ? 2   DC  C C2    1 
ATOM   563 O  O2    . DC  C 3 2  ? -18.026 -23.850 -14.196 1.00 141.46 ? 2   DC  C O2    1 
ATOM   564 N  N3    . DC  C 3 2  ? -19.288 -22.297 -15.267 1.00 139.46 ? 2   DC  C N3    1 
ATOM   565 C  C4    . DC  C 3 2  ? -20.430 -21.608 -15.312 1.00 139.22 ? 2   DC  C C4    1 
ATOM   566 N  N4    . DC  C 3 2  ? -20.594 -20.737 -16.315 1.00 136.83 ? 2   DC  C N4    1 
ATOM   567 C  C5    . DC  C 3 2  ? -21.453 -21.780 -14.331 1.00 138.66 ? 2   DC  C C5    1 
ATOM   568 C  C6    . DC  C 3 2  ? -21.232 -22.668 -13.354 1.00 138.97 ? 2   DC  C C6    1 
ATOM   569 P  P     . DT  C 3 3  ? -17.542 -25.855 -9.146  1.00 161.23 ? 3   DT  C P     1 
ATOM   570 O  OP1   . DT  C 3 3  ? -17.138 -27.261 -8.914  1.00 158.19 ? 3   DT  C OP1   1 
ATOM   571 O  OP2   . DT  C 3 3  ? -17.576 -24.904 -8.015  1.00 156.59 ? 3   DT  C OP2   1 
ATOM   572 O  "O5'" . DT  C 3 3  ? -16.611 -25.232 -10.285 1.00 150.42 ? 3   DT  C "O5'" 1 
ATOM   573 C  "C5'" . DT  C 3 3  ? -15.309 -24.783 -9.970  1.00 147.50 ? 3   DT  C "C5'" 1 
ATOM   574 C  "C4'" . DT  C 3 3  ? -14.475 -24.659 -11.228 1.00 148.31 ? 3   DT  C "C4'" 1 
ATOM   575 O  "O4'" . DT  C 3 3  ? -15.240 -23.974 -12.260 1.00 146.45 ? 3   DT  C "O4'" 1 
ATOM   576 C  "C3'" . DT  C 3 3  ? -13.182 -23.860 -11.071 1.00 150.62 ? 3   DT  C "C3'" 1 
ATOM   577 O  "O3'" . DT  C 3 3  ? -12.159 -24.469 -11.860 1.00 154.79 ? 3   DT  C "O3'" 1 
ATOM   578 C  "C2'" . DT  C 3 3  ? -13.579 -22.486 -11.609 1.00 147.58 ? 3   DT  C "C2'" 1 
ATOM   579 C  "C1'" . DT  C 3 3  ? -14.477 -22.895 -12.759 1.00 147.53 ? 3   DT  C "C1'" 1 
ATOM   580 N  N1    . DT  C 3 3  ? -15.409 -21.825 -13.239 1.00 143.70 ? 3   DT  C N1    1 
ATOM   581 C  C2    . DT  C 3 3  ? -15.127 -21.165 -14.416 1.00 141.59 ? 3   DT  C C2    1 
ATOM   582 O  O2    . DT  C 3 3  ? -14.137 -21.392 -15.091 1.00 142.29 ? 3   DT  C O2    1 
ATOM   583 N  N3    . DT  C 3 3  ? -16.050 -20.219 -14.779 1.00 137.67 ? 3   DT  C N3    1 
ATOM   584 C  C4    . DT  C 3 3  ? -17.205 -19.874 -14.100 1.00 136.20 ? 3   DT  C C4    1 
ATOM   585 O  O4    . DT  C 3 3  ? -17.973 -19.008 -14.508 1.00 131.91 ? 3   DT  C O4    1 
ATOM   586 C  C5    . DT  C 3 3  ? -17.444 -20.607 -12.877 1.00 138.02 ? 3   DT  C C5    1 
ATOM   587 C  C7    . DT  C 3 3  ? -18.666 -20.319 -12.054 1.00 135.97 ? 3   DT  C C7    1 
ATOM   588 C  C6    . DT  C 3 3  ? -16.547 -21.537 -12.511 1.00 140.38 ? 3   DT  C C6    1 
ATOM   589 P  P     . DG  C 3 4  ? -10.794 -23.688 -12.200 1.00 162.56 ? 4   DG  C P     1 
ATOM   590 O  OP1   . DG  C 3 4  ? -9.784  -24.709 -12.558 1.00 155.12 ? 4   DG  C OP1   1 
ATOM   591 O  OP2   . DG  C 3 4  ? -10.514 -22.747 -11.090 1.00 158.44 ? 4   DG  C OP2   1 
ATOM   592 O  "O5'" . DG  C 3 4  ? -11.153 -22.855 -13.521 1.00 153.46 ? 4   DG  C "O5'" 1 
ATOM   593 C  "C5'" . DG  C 3 4  ? -10.215 -22.768 -14.592 1.00 151.98 ? 4   DG  C "C5'" 1 
ATOM   594 C  "C4'" . DG  C 3 4  ? -9.683  -21.352 -14.731 1.00 149.22 ? 4   DG  C "C4'" 1 
ATOM   595 O  "O4'" . DG  C 3 4  ? -10.798 -20.415 -14.754 1.00 148.62 ? 4   DG  C "O4'" 1 
ATOM   596 C  "C3'" . DG  C 3 4  ? -8.772  -20.889 -13.593 1.00 146.78 ? 4   DG  C "C3'" 1 
ATOM   597 O  "O3'" . DG  C 3 4  ? -7.747  -20.055 -14.105 1.00 144.96 ? 4   DG  C "O3'" 1 
ATOM   598 C  "C2'" . DG  C 3 4  ? -9.727  -20.103 -12.704 1.00 145.63 ? 4   DG  C "C2'" 1 
ATOM   599 C  "C1'" . DG  C 3 4  ? -10.604 -19.438 -13.753 1.00 143.71 ? 4   DG  C "C1'" 1 
ATOM   600 N  N9    . DG  C 3 4  ? -11.908 -18.998 -13.247 1.00 138.92 ? 4   DG  C N9    1 
ATOM   601 C  C8    . DG  C 3 4  ? -12.510 -19.380 -12.072 1.00 140.07 ? 4   DG  C C8    1 
ATOM   602 N  N7    . DG  C 3 4  ? -13.672 -18.816 -11.873 1.00 136.02 ? 4   DG  C N7    1 
ATOM   603 C  C5    . DG  C 3 4  ? -13.850 -18.001 -12.984 1.00 134.30 ? 4   DG  C C5    1 
ATOM   604 C  C6    . DG  C 3 4  ? -14.926 -17.141 -13.323 1.00 131.14 ? 4   DG  C C6    1 
ATOM   605 O  O6    . DG  C 3 4  ? -15.972 -16.924 -12.686 1.00 126.93 ? 4   DG  C O6    1 
ATOM   606 N  N1    . DG  C 3 4  ? -14.706 -16.498 -14.540 1.00 129.20 ? 4   DG  C N1    1 
ATOM   607 C  C2    . DG  C 3 4  ? -13.587 -16.661 -15.330 1.00 132.10 ? 4   DG  C C2    1 
ATOM   608 N  N2    . DG  C 3 4  ? -13.551 -15.953 -16.470 1.00 129.14 ? 4   DG  C N2    1 
ATOM   609 N  N3    . DG  C 3 4  ? -12.571 -17.463 -15.022 1.00 135.20 ? 4   DG  C N3    1 
ATOM   610 C  C4    . DG  C 3 4  ? -12.770 -18.099 -13.839 1.00 135.54 ? 4   DG  C C4    1 
ATOM   611 P  P     . DA  C 3 5  ? -6.241  -20.194 -13.561 1.00 154.58 ? 5   DA  C P     1 
ATOM   612 O  OP1   . DA  C 3 5  ? -5.727  -21.507 -14.013 1.00 152.58 ? 5   DA  C OP1   1 
ATOM   613 O  OP2   . DA  C 3 5  ? -6.243  -19.856 -12.119 1.00 147.67 ? 5   DA  C OP2   1 
ATOM   614 O  "O5'" . DA  C 3 5  ? -5.454  -19.036 -14.337 1.00 147.03 ? 5   DA  C "O5'" 1 
ATOM   615 C  "C5'" . DA  C 3 5  ? -5.489  -18.992 -15.757 1.00 143.76 ? 5   DA  C "C5'" 1 
ATOM   616 C  "C4'" . DA  C 3 5  ? -6.001  -17.648 -16.245 1.00 140.06 ? 5   DA  C "C4'" 1 
ATOM   617 O  "O4'" . DA  C 3 5  ? -7.335  -17.406 -15.721 1.00 140.66 ? 5   DA  C "O4'" 1 
ATOM   618 C  "C3'" . DA  C 3 5  ? -5.155  -16.447 -15.838 1.00 138.75 ? 5   DA  C "C3'" 1 
ATOM   619 O  "O3'" . DA  C 3 5  ? -5.033  -15.562 -16.939 1.00 139.70 ? 5   DA  C "O3'" 1 
ATOM   620 C  "C2'" . DA  C 3 5  ? -5.948  -15.822 -14.687 1.00 136.09 ? 5   DA  C "C2'" 1 
ATOM   621 C  "C1'" . DA  C 3 5  ? -7.381  -16.151 -15.071 1.00 135.61 ? 5   DA  C "C1'" 1 
ATOM   622 N  N9    . DA  C 3 5  ? -8.286  -16.269 -13.926 1.00 135.31 ? 5   DA  C N9    1 
ATOM   623 C  C8    . DA  C 3 5  ? -8.149  -17.106 -12.853 1.00 136.18 ? 5   DA  C C8    1 
ATOM   624 N  N7    . DA  C 3 5  ? -9.121  -17.009 -11.974 1.00 134.69 ? 5   DA  C N7    1 
ATOM   625 C  C5    . DA  C 3 5  ? -9.959  -16.043 -12.507 1.00 131.39 ? 5   DA  C C5    1 
ATOM   626 C  C6    . DA  C 3 5  ? -11.175 -15.481 -12.054 1.00 127.66 ? 5   DA  C C6    1 
ATOM   627 N  N6    . DA  C 3 5  ? -11.771 -15.839 -10.906 1.00 124.15 ? 5   DA  C N6    1 
ATOM   628 N  N1    . DA  C 3 5  ? -11.754 -14.534 -12.828 1.00 123.38 ? 5   DA  C N1    1 
ATOM   629 C  C2    . DA  C 3 5  ? -11.153 -14.181 -13.976 1.00 122.94 ? 5   DA  C C2    1 
ATOM   630 N  N3    . DA  C 3 5  ? -10.014 -14.637 -14.504 1.00 126.69 ? 5   DA  C N3    1 
ATOM   631 C  C4    . DA  C 3 5  ? -9.462  -15.575 -13.713 1.00 130.57 ? 5   DA  C C4    1 
ATOM   632 P  P     . DG  C 3 6  ? -3.941  -14.386 -16.922 1.00 140.58 ? 6   DG  C P     1 
ATOM   633 O  OP1   . DG  C 3 6  ? -3.322  -14.330 -18.268 1.00 139.50 ? 6   DG  C OP1   1 
ATOM   634 O  OP2   . DG  C 3 6  ? -3.094  -14.559 -15.720 1.00 138.50 ? 6   DG  C OP2   1 
ATOM   635 O  "O5'" . DG  C 3 6  ? -4.820  -13.074 -16.713 1.00 132.66 ? 6   DG  C "O5'" 1 
ATOM   636 C  "C5'" . DG  C 3 6  ? -5.962  -12.863 -17.520 1.00 129.00 ? 6   DG  C "C5'" 1 
ATOM   637 C  "C4'" . DG  C 3 6  ? -6.789  -11.722 -16.973 1.00 125.88 ? 6   DG  C "C4'" 1 
ATOM   638 O  "O4'" . DG  C 3 6  ? -7.652  -12.210 -15.919 1.00 122.52 ? 6   DG  C "O4'" 1 
ATOM   639 C  "C3'" . DG  C 3 6  ? -5.973  -10.573 -16.373 1.00 123.39 ? 6   DG  C "C3'" 1 
ATOM   640 O  "O3'" . DG  C 3 6  ? -6.312  -9.361  -17.035 1.00 124.89 ? 6   DG  C "O3'" 1 
ATOM   641 C  "C2'" . DG  C 3 6  ? -6.366  -10.561 -14.886 1.00 116.84 ? 6   DG  C "C2'" 1 
ATOM   642 C  "C1'" . DG  C 3 6  ? -7.721  -11.250 -14.896 1.00 119.48 ? 6   DG  C "C1'" 1 
ATOM   643 N  N9    . DG  C 3 6  ? -8.043  -11.939 -13.649 1.00 117.45 ? 6   DG  C N9    1 
ATOM   644 C  C8    . DG  C 3 6  ? -7.321  -12.939 -13.041 1.00 118.81 ? 6   DG  C C8    1 
ATOM   645 N  N7    . DG  C 3 6  ? -7.864  -13.373 -11.935 1.00 118.66 ? 6   DG  C N7    1 
ATOM   646 C  C5    . DG  C 3 6  ? -9.024  -12.618 -11.804 1.00 114.37 ? 6   DG  C C5    1 
ATOM   647 C  C6    . DG  C 3 6  ? -10.024 -12.641 -10.797 1.00 110.33 ? 6   DG  C C6    1 
ATOM   648 O  O6    . DG  C 3 6  ? -10.086 -13.361 -9.788  1.00 109.38 ? 6   DG  C O6    1 
ATOM   649 N  N1    . DG  C 3 6  ? -11.030 -11.707 -11.049 1.00 106.75 ? 6   DG  C N1    1 
ATOM   650 C  C2    . DG  C 3 6  ? -11.062 -10.859 -12.136 1.00 108.21 ? 6   DG  C C2    1 
ATOM   651 N  N2    . DG  C 3 6  ? -12.109 -10.024 -12.218 1.00 109.49 ? 6   DG  C N2    1 
ATOM   652 N  N3    . DG  C 3 6  ? -10.133 -10.830 -13.084 1.00 108.66 ? 6   DG  C N3    1 
ATOM   653 C  C4    . DG  C 3 6  ? -9.148  -11.732 -12.853 1.00 113.32 ? 6   DG  C C4    1 
ATOM   654 P  P     . DT  C 3 7  ? -5.661  -7.964  -16.583 1.00 124.02 ? 7   DT  C P     1 
ATOM   655 O  OP1   . DT  C 3 7  ? -5.561  -7.106  -17.787 1.00 115.82 ? 7   DT  C OP1   1 
ATOM   656 O  OP2   . DT  C 3 7  ? -4.450  -8.260  -15.781 1.00 127.61 ? 7   DT  C OP2   1 
ATOM   657 O  "O5'" . DT  C 3 7  ? -6.777  -7.341  -15.626 1.00 122.47 ? 7   DT  C "O5'" 1 
ATOM   658 C  "C5'" . DT  C 3 7  ? -8.152  -7.589  -15.904 1.00 116.04 ? 7   DT  C "C5'" 1 
ATOM   659 C  "C4'" . DT  C 3 7  ? -9.049  -6.616  -15.161 1.00 112.70 ? 7   DT  C "C4'" 1 
ATOM   660 O  "O4'" . DT  C 3 7  ? -9.620  -7.264  -13.990 1.00 112.20 ? 7   DT  C "O4'" 1 
ATOM   661 C  "C3'" . DT  C 3 7  ? -8.366  -5.357  -14.641 1.00 112.41 ? 7   DT  C "C3'" 1 
ATOM   662 O  "O3'" . DT  C 3 7  ? -9.308  -4.282  -14.671 1.00 117.13 ? 7   DT  C "O3'" 1 
ATOM   663 C  "C2'" . DT  C 3 7  ? -8.008  -5.760  -13.211 1.00 103.24 ? 7   DT  C "C2'" 1 
ATOM   664 C  "C1'" . DT  C 3 7  ? -9.248  -6.556  -12.824 1.00 103.90 ? 7   DT  C "C1'" 1 
ATOM   665 N  N1    . DT  C 3 7  ? -9.019  -7.549  -11.734 1.00 100.09 ? 7   DT  C N1    1 
ATOM   666 C  C2    . DT  C 3 7  ? -9.968  -7.700  -10.733 1.00 99.96  ? 7   DT  C C2    1 
ATOM   667 O  O2    . DT  C 3 7  ? -10.998 -7.048  -10.681 1.00 100.33 ? 7   DT  C O2    1 
ATOM   668 N  N3    . DT  C 3 7  ? -9.657  -8.652  -9.787  1.00 94.78  ? 7   DT  C N3    1 
ATOM   669 C  C4    . DT  C 3 7  ? -8.518  -9.445  -9.753  1.00 95.69  ? 7   DT  C C4    1 
ATOM   670 O  O4    . DT  C 3 7  ? -8.319  -10.272 -8.868  1.00 94.35  ? 7   DT  C O4    1 
ATOM   671 C  C5    . DT  C 3 7  ? -7.576  -9.231  -10.832 1.00 98.94  ? 7   DT  C C5    1 
ATOM   672 C  C7    . DT  C 3 7  ? -6.309  -10.031 -10.897 1.00 105.03 ? 7   DT  C C7    1 
ATOM   673 C  C6    . DT  C 3 7  ? -7.871  -8.307  -11.756 1.00 96.60  ? 7   DT  C C6    1 
ATOM   674 P  P     . DG  C 3 8  ? -8.828  -2.748  -14.736 1.00 123.21 ? 8   DG  C P     1 
ATOM   675 O  OP1   . DG  C 3 8  ? -9.487  -2.119  -15.905 1.00 116.42 ? 8   DG  C OP1   1 
ATOM   676 O  OP2   . DG  C 3 8  ? -7.352  -2.708  -14.616 1.00 115.71 ? 8   DG  C OP2   1 
ATOM   677 O  "O5'" . DG  C 3 8  ? -9.466  -2.127  -13.411 1.00 110.73 ? 8   DG  C "O5'" 1 
ATOM   678 C  "C5'" . DG  C 3 8  ? -9.618  -2.951  -12.270 1.00 104.31 ? 8   DG  C "C5'" 1 
ATOM   679 C  "C4'" . DG  C 3 8  ? -10.900 -2.640  -11.538 1.00 97.95  ? 8   DG  C "C4'" 1 
ATOM   680 O  "O4'" . DG  C 3 8  ? -11.116 -3.634  -10.511 1.00 95.71  ? 8   DG  C "O4'" 1 
ATOM   681 C  "C3'" . DG  C 3 8  ? -10.863 -1.351  -10.772 1.00 91.65  ? 8   DG  C "C3'" 1 
ATOM   682 O  "O3'" . DG  C 3 8  ? -12.183 -0.998  -10.419 1.00 92.62  ? 8   DG  C "O3'" 1 
ATOM   683 C  "C2'" . DG  C 3 8  ? -10.031 -1.759  -9.554  1.00 88.46  ? 8   DG  C "C2'" 1 
ATOM   684 C  "C1'" . DG  C 3 8  ? -10.506 -3.197  -9.304  1.00 89.40  ? 8   DG  C "C1'" 1 
ATOM   685 N  N9    . DG  C 3 8  ? -9.439  -4.154  -8.976  1.00 85.20  ? 8   DG  C N9    1 
ATOM   686 C  C8    . DG  C 3 8  ? -8.275  -4.372  -9.679  1.00 85.51  ? 8   DG  C C8    1 
ATOM   687 N  N7    . DG  C 3 8  ? -7.527  -5.314  -9.174  1.00 85.14  ? 8   DG  C N7    1 
ATOM   688 C  C5    . DG  C 3 8  ? -8.243  -5.763  -8.071  1.00 81.98  ? 8   DG  C C5    1 
ATOM   689 C  C6    . DG  C 3 8  ? -7.925  -6.779  -7.136  1.00 80.96  ? 8   DG  C C6    1 
ATOM   690 O  O6    . DG  C 3 8  ? -6.919  -7.500  -7.101  1.00 85.53  ? 8   DG  C O6    1 
ATOM   691 N  N1    . DG  C 3 8  ? -8.916  -6.921  -6.169  1.00 77.78  ? 8   DG  C N1    1 
ATOM   692 C  C2    . DG  C 3 8  ? -10.071 -6.176  -6.113  1.00 83.26  ? 8   DG  C C2    1 
ATOM   693 N  N2    . DG  C 3 8  ? -10.910 -6.461  -5.104  1.00 86.01  ? 8   DG  C N2    1 
ATOM   694 N  N3    . DG  C 3 8  ? -10.383 -5.215  -6.984  1.00 80.51  ? 8   DG  C N3    1 
ATOM   695 C  C4    . DG  C 3 8  ? -9.424  -5.066  -7.935  1.00 80.99  ? 8   DG  C C4    1 
ATOM   696 P  P     . DC  C 3 9  ? -12.546 0.517   -10.046 1.00 100.58 ? 9   DC  C P     1 
ATOM   697 O  OP1   . DC  C 3 9  ? -14.017 0.653   -10.142 1.00 98.12  ? 9   DC  C OP1   1 
ATOM   698 O  OP2   . DC  C 3 9  ? -11.674 1.412   -10.842 1.00 90.31  ? 9   DC  C OP2   1 
ATOM   699 O  "O5'" . DC  C 3 9  ? -12.140 0.611   -8.507  1.00 89.90  ? 9   DC  C "O5'" 1 
ATOM   700 C  "C5'" . DC  C 3 9  ? -12.533 -0.427  -7.609  1.00 87.09  ? 9   DC  C "C5'" 1 
ATOM   701 C  "C4'" . DC  C 3 9  ? -11.661 -0.412  -6.372  1.00 91.40  ? 9   DC  C "C4'" 1 
ATOM   702 O  "O4'" . DC  C 3 9  ? -10.821 -1.578  -6.337  1.00 90.86  ? 9   DC  C "O4'" 1 
ATOM   703 C  "C3'" . DC  C 3 9  ? -10.673 0.728   -6.314  1.00 90.60  ? 9   DC  C "C3'" 1 
ATOM   704 O  "O3'" . DC  C 3 9  ? -11.321 1.905   -5.855  1.00 91.84  ? 9   DC  C "O3'" 1 
ATOM   705 C  "C2'" . DC  C 3 9  ? -9.647  0.211   -5.302  1.00 79.18  ? 9   DC  C "C2'" 1 
ATOM   706 C  "C1'" . DC  C 3 9  ? -9.754  -1.310  -5.448  1.00 76.70  ? 9   DC  C "C1'" 1 
ATOM   707 N  N1    . DC  C 3 9  ? -8.512  -1.965  -5.950  1.00 78.34  ? 9   DC  C N1    1 
ATOM   708 C  C2    . DC  C 3 9  ? -8.034  -3.083  -5.272  1.00 77.45  ? 9   DC  C C2    1 
ATOM   709 O  O2    . DC  C 3 9  ? -8.670  -3.485  -4.287  1.00 71.32  ? 9   DC  C O2    1 
ATOM   710 N  N3    . DC  C 3 9  ? -6.901  -3.690  -5.709  1.00 73.94  ? 9   DC  C N3    1 
ATOM   711 C  C4    . DC  C 3 9  ? -6.256  -3.211  -6.779  1.00 71.22  ? 9   DC  C C4    1 
ATOM   712 N  N4    . DC  C 3 9  ? -5.142  -3.849  -7.171  1.00 77.84  ? 9   DC  C N4    1 
ATOM   713 C  C5    . DC  C 3 9  ? -6.726  -2.060  -7.492  1.00 68.76  ? 9   DC  C C5    1 
ATOM   714 C  C6    . DC  C 3 9  ? -7.845  -1.469  -7.041  1.00 76.27  ? 9   DC  C C6    1 
ATOM   715 P  P     . DC  D 4 1  ? 14.787  -0.358  9.078   1.00 96.38  ? 10  DC  D P     1 
ATOM   716 O  OP1   . DC  D 4 1  ? 13.562  0.173   9.713   1.00 90.41  ? 10  DC  D OP1   1 
ATOM   717 O  OP2   . DC  D 4 1  ? 15.022  -1.821  9.069   1.00 82.44  ? 10  DC  D OP2   1 
ATOM   718 O  "O5'" . DC  D 4 1  ? 14.857  0.177   7.570   1.00 88.79  ? 10  DC  D "O5'" 1 
ATOM   719 C  "C5'" . DC  D 4 1  ? 14.139  -0.515  6.567   1.00 88.16  ? 10  DC  D "C5'" 1 
ATOM   720 C  "C4'" . DC  D 4 1  ? 14.143  0.229   5.245   1.00 86.59  ? 10  DC  D "C4'" 1 
ATOM   721 O  "O4'" . DC  D 4 1  ? 12.831  0.118   4.641   1.00 80.54  ? 10  DC  D "O4'" 1 
ATOM   722 C  "C3'" . DC  D 4 1  ? 14.426  1.718   5.334   1.00 88.06  ? 10  DC  D "C3'" 1 
ATOM   723 O  "O3'" . DC  D 4 1  ? 15.828  1.944   5.208   1.00 96.13  ? 10  DC  D "O3'" 1 
ATOM   724 C  "C2'" . DC  D 4 1  ? 13.671  2.264   4.128   1.00 83.45  ? 10  DC  D "C2'" 1 
ATOM   725 C  "C1'" . DC  D 4 1  ? 12.459  1.343   4.051   1.00 77.98  ? 10  DC  D "C1'" 1 
ATOM   726 N  N1    . DC  D 4 1  ? 11.245  1.867   4.751   1.00 78.92  ? 10  DC  D N1    1 
ATOM   727 C  C2    . DC  D 4 1  ? 10.549  2.953   4.204   1.00 77.83  ? 10  DC  D C2    1 
ATOM   728 O  O2    . DC  D 4 1  ? 10.968  3.467   3.158   1.00 77.90  ? 10  DC  D O2    1 
ATOM   729 N  N3    . DC  D 4 1  ? 9.441   3.415   4.840   1.00 74.24  ? 10  DC  D N3    1 
ATOM   730 C  C4    . DC  D 4 1  ? 9.025   2.830   5.966   1.00 72.84  ? 10  DC  D C4    1 
ATOM   731 N  N4    . DC  D 4 1  ? 7.929   3.319   6.561   1.00 68.99  ? 10  DC  D N4    1 
ATOM   732 C  C5    . DC  D 4 1  ? 9.719   1.717   6.537   1.00 73.14  ? 10  DC  D C5    1 
ATOM   733 C  C6    . DC  D 4 1  ? 10.812  1.273   5.902   1.00 74.70  ? 10  DC  D C6    1 
ATOM   734 P  P     . DG  D 4 2  ? 16.504  3.274   5.809   1.00 106.79 ? 11  DG  D P     1 
ATOM   735 O  OP1   . DG  D 4 2  ? 17.925  3.263   5.393   1.00 97.31  ? 11  DG  D OP1   1 
ATOM   736 O  OP2   . DG  D 4 2  ? 16.176  3.352   7.253   1.00 94.33  ? 11  DG  D OP2   1 
ATOM   737 O  "O5'" . DG  D 4 2  ? 15.752  4.470   5.052   1.00 93.85  ? 11  DG  D "O5'" 1 
ATOM   738 C  "C5'" . DG  D 4 2  ? 16.097  4.788   3.703   1.00 95.64  ? 11  DG  D "C5'" 1 
ATOM   739 C  "C4'" . DG  D 4 2  ? 15.092  5.758   3.110   1.00 98.51  ? 11  DG  D "C4'" 1 
ATOM   740 O  "O4'" . DG  D 4 2  ? 13.767  5.351   3.489   1.00 93.32  ? 11  DG  D "O4'" 1 
ATOM   741 C  "C3'" . DG  D 4 2  ? 15.197  7.181   3.627   1.00 103.74 ? 11  DG  D "C3'" 1 
ATOM   742 O  "O3'" . DG  D 4 2  ? 16.133  7.918   2.856   1.00 107.83 ? 11  DG  D "O3'" 1 
ATOM   743 C  "C2'" . DG  D 4 2  ? 13.781  7.724   3.437   1.00 98.38  ? 11  DG  D "C2'" 1 
ATOM   744 C  "C1'" . DG  D 4 2  ? 12.912  6.474   3.464   1.00 90.11  ? 11  DG  D "C1'" 1 
ATOM   745 N  N9    . DG  D 4 2  ? 12.019  6.409   4.609   1.00 87.38  ? 11  DG  D N9    1 
ATOM   746 C  C8    . DG  D 4 2  ? 12.165  5.638   5.736   1.00 82.59  ? 11  DG  D C8    1 
ATOM   747 N  N7    . DG  D 4 2  ? 11.189  5.780   6.590   1.00 78.92  ? 11  DG  D N7    1 
ATOM   748 C  C5    . DG  D 4 2  ? 10.345  6.706   5.989   1.00 83.47  ? 11  DG  D C5    1 
ATOM   749 C  C6    . DG  D 4 2  ? 9.119   7.252   6.441   1.00 92.40  ? 11  DG  D C6    1 
ATOM   750 O  O6    . DG  D 4 2  ? 8.519   7.022   7.502   1.00 91.48  ? 11  DG  D O6    1 
ATOM   751 N  N1    . DG  D 4 2  ? 8.587   8.156   5.520   1.00 94.74  ? 11  DG  D N1    1 
ATOM   752 C  C2    . DG  D 4 2  ? 9.167   8.486   4.315   1.00 94.97  ? 11  DG  D C2    1 
ATOM   753 N  N2    . DG  D 4 2  ? 8.512   9.375   3.555   1.00 94.58  ? 11  DG  D N2    1 
ATOM   754 N  N3    . DG  D 4 2  ? 10.313  7.978   3.883   1.00 91.09  ? 11  DG  D N3    1 
ATOM   755 C  C4    . DG  D 4 2  ? 10.842  7.099   4.769   1.00 86.21  ? 11  DG  D C4    1 
ATOM   756 P  P     . DT  D 4 3  ? 16.701  9.314   3.416   1.00 118.85 ? 12  DT  D P     1 
ATOM   757 O  OP1   . DT  D 4 3  ? 17.765  9.764   2.488   1.00 119.23 ? 12  DT  D OP1   1 
ATOM   758 O  OP2   . DT  D 4 3  ? 16.994  9.124   4.854   1.00 106.16 ? 12  DT  D OP2   1 
ATOM   759 O  "O5'" . DT  D 4 3  ? 15.453  10.321  3.316   1.00 106.55 ? 12  DT  D "O5'" 1 
ATOM   760 C  "C5'" . DT  D 4 3  ? 14.882  10.624  2.046   1.00 106.80 ? 12  DT  D "C5'" 1 
ATOM   761 C  "C4'" . DT  D 4 3  ? 13.692  11.560  2.186   1.00 109.37 ? 12  DT  D "C4'" 1 
ATOM   762 O  "O4'" . DT  D 4 3  ? 12.689  10.982  3.069   1.00 103.65 ? 12  DT  D "O4'" 1 
ATOM   763 C  "C3'" . DT  D 4 3  ? 14.009  12.941  2.761   1.00 114.62 ? 12  DT  D "C3'" 1 
ATOM   764 O  "O3'" . DT  D 4 3  ? 13.270  13.920  2.036   1.00 120.58 ? 12  DT  D "O3'" 1 
ATOM   765 C  "C2'" . DT  D 4 3  ? 13.522  12.823  4.209   1.00 114.36 ? 12  DT  D "C2'" 1 
ATOM   766 C  "C1'" . DT  D 4 3  ? 12.295  11.956  4.014   1.00 106.48 ? 12  DT  D "C1'" 1 
ATOM   767 N  N1    . DT  D 4 3  ? 11.813  11.252  5.247   1.00 99.29  ? 12  DT  D N1    1 
ATOM   768 C  C2    . DT  D 4 3  ? 10.508  11.430  5.654   1.00 104.83 ? 12  DT  D C2    1 
ATOM   769 O  O2    . DT  D 4 3  ? 9.721   12.155  5.072   1.00 110.50 ? 12  DT  D O2    1 
ATOM   770 N  N3    . DT  D 4 3  ? 10.154  10.728  6.779   1.00 104.11 ? 12  DT  D N3    1 
ATOM   771 C  C4    . DT  D 4 3  ? 10.962  9.876   7.517   1.00 102.63 ? 12  DT  D C4    1 
ATOM   772 O  O4    . DT  D 4 3  ? 10.559  9.286   8.516   1.00 103.32 ? 12  DT  D O4    1 
ATOM   773 C  C5    . DT  D 4 3  ? 12.315  9.730   7.031   1.00 96.94  ? 12  DT  D C5    1 
ATOM   774 C  C7    . DT  D 4 3  ? 13.280  8.834   7.751   1.00 91.25  ? 12  DT  D C7    1 
ATOM   775 C  C6    . DT  D 4 3  ? 12.670  10.414  5.931   1.00 98.40  ? 12  DT  D C6    1 
ATOM   776 P  P     . DC  D 4 4  ? 13.559  15.489  2.229   1.00 128.31 ? 13  DC  D P     1 
ATOM   777 O  OP1   . DC  D 4 4  ? 14.067  16.011  0.940   1.00 124.62 ? 13  DC  D OP1   1 
ATOM   778 O  OP2   . DC  D 4 4  ? 14.350  15.679  3.466   1.00 128.10 ? 13  DC  D OP2   1 
ATOM   779 O  "O5'" . DC  D 4 4  ? 12.107  16.100  2.490   1.00 121.24 ? 13  DC  D "O5'" 1 
ATOM   780 C  "C5'" . DC  D 4 4  ? 11.184  15.394  3.305   1.00 121.94 ? 13  DC  D "C5'" 1 
ATOM   781 C  "C4'" . DC  D 4 4  ? 10.072  16.308  3.773   1.00 129.40 ? 13  DC  D "C4'" 1 
ATOM   782 O  "O4'" . DC  D 4 4  ? 9.504   15.779  4.993   1.00 128.39 ? 13  DC  D "O4'" 1 
ATOM   783 C  "C3'" . DC  D 4 4  ? 10.520  17.697  4.160   1.00 135.15 ? 13  DC  D "C3'" 1 
ATOM   784 O  "O3'" . DC  D 4 4  ? 9.379   18.549  4.231   1.00 141.89 ? 13  DC  D "O3'" 1 
ATOM   785 C  "C2'" . DC  D 4 4  ? 11.109  17.429  5.542   1.00 135.07 ? 13  DC  D "C2'" 1 
ATOM   786 C  "C1'" . DC  D 4 4  ? 10.097  16.430  6.110   1.00 130.01 ? 13  DC  D "C1'" 1 
ATOM   787 N  N1    . DC  D 4 4  ? 10.695  15.379  6.980   1.00 123.42 ? 13  DC  D N1    1 
ATOM   788 C  C2    . DC  D 4 4  ? 9.873   14.673  7.866   1.00 123.10 ? 13  DC  D C2    1 
ATOM   789 O  O2    . DC  D 4 4  ? 8.670   14.951  7.926   1.00 123.53 ? 13  DC  D O2    1 
ATOM   790 N  N3    . DC  D 4 4  ? 10.419  13.708  8.645   1.00 121.51 ? 13  DC  D N3    1 
ATOM   791 C  C4    . DC  D 4 4  ? 11.722  13.435  8.553   1.00 118.49 ? 13  DC  D C4    1 
ATOM   792 N  N4    . DC  D 4 4  ? 12.215  12.470  9.342   1.00 117.29 ? 13  DC  D N4    1 
ATOM   793 C  C5    . DC  D 4 4  ? 12.578  14.138  7.649   1.00 116.76 ? 13  DC  D C5    1 
ATOM   794 C  C6    . DC  D 4 4  ? 12.027  15.091  6.887   1.00 118.97 ? 13  DC  D C6    1 
ATOM   795 P  P     . DT  D 4 5  ? 9.540   20.149  4.229   1.00 151.92 ? 14  DT  D P     1 
ATOM   796 O  OP1   . DT  D 4 5  ? 8.839   20.670  3.033   1.00 150.20 ? 14  DT  D OP1   1 
ATOM   797 O  OP2   . DT  D 4 5  ? 10.972  20.463  4.433   1.00 146.94 ? 14  DT  D OP2   1 
ATOM   798 O  "O5'" . DT  D 4 5  ? 8.751   20.605  5.544   1.00 144.98 ? 14  DT  D "O5'" 1 
ATOM   799 C  "C5'" . DT  D 4 5  ? 9.105   20.044  6.801   1.00 143.30 ? 14  DT  D "C5'" 1 
ATOM   800 C  "C4'" . DT  D 4 5  ? 7.955   20.128  7.785   1.00 147.70 ? 14  DT  D "C4'" 1 
ATOM   801 O  "O4'" . DT  D 4 5  ? 8.022   18.993  8.685   1.00 144.68 ? 14  DT  D "O4'" 1 
ATOM   802 C  "C3'" . DT  D 4 5  ? 7.996   21.336  8.701   1.00 147.47 ? 14  DT  D "C3'" 1 
ATOM   803 O  "O3'" . DT  D 4 5  ? 6.708   21.547  9.274   1.00 152.45 ? 14  DT  D "O3'" 1 
ATOM   804 C  "C2'" . DT  D 4 5  ? 8.993   20.861  9.748   1.00 144.56 ? 14  DT  D "C2'" 1 
ATOM   805 C  "C1'" . DT  D 4 5  ? 8.557   19.409  9.931   1.00 142.67 ? 14  DT  D "C1'" 1 
ATOM   806 N  N1    . DT  D 4 5  ? 9.669   18.483  10.301  1.00 137.08 ? 14  DT  D N1    1 
ATOM   807 C  C2    . DT  D 4 5  ? 9.408   17.433  11.151  1.00 135.63 ? 14  DT  D C2    1 
ATOM   808 O  O2    . DT  D 4 5  ? 8.308   17.220  11.629  1.00 135.01 ? 14  DT  D O2    1 
ATOM   809 N  N3    . DT  D 4 5  ? 10.487  16.633  11.426  1.00 134.09 ? 14  DT  D N3    1 
ATOM   810 C  C4    . DT  D 4 5  ? 11.776  16.774  10.945  1.00 133.04 ? 14  DT  D C4    1 
ATOM   811 O  O4    . DT  D 4 5  ? 12.679  15.999  11.253  1.00 129.94 ? 14  DT  D O4    1 
ATOM   812 C  C5    . DT  D 4 5  ? 11.984  17.896  10.054  1.00 133.46 ? 14  DT  D C5    1 
ATOM   813 C  C7    . DT  D 4 5  ? 13.341  18.151  9.468   1.00 129.98 ? 14  DT  D C7    1 
ATOM   814 C  C6    . DT  D 4 5  ? 10.931  18.687  9.779   1.00 134.95 ? 14  DT  D C6    1 
ATOM   815 P  P     . DG  D 4 6  ? 6.086   23.028  9.379   1.00 159.55 ? 15  DG  D P     1 
ATOM   816 O  OP1   . DG  D 4 6  ? 4.627   22.879  9.577   1.00 153.34 ? 15  DG  D OP1   1 
ATOM   817 O  OP2   . DG  D 4 6  ? 6.601   23.822  8.238   1.00 155.37 ? 15  DG  D OP2   1 
ATOM   818 O  "O5'" . DG  D 4 6  ? 6.726   23.622  10.720  1.00 152.57 ? 15  DG  D "O5'" 1 
ATOM   819 C  "C5'" . DG  D 4 6  ? 5.894   24.257  11.688  1.00 151.18 ? 15  DG  D "C5'" 1 
ATOM   820 C  "C4'" . DG  D 4 6  ? 5.763   23.395  12.932  1.00 152.60 ? 15  DG  D "C4'" 1 
ATOM   821 O  "O4'" . DG  D 4 6  ? 6.358   22.094  12.676  1.00 151.31 ? 15  DG  D "O4'" 1 
ATOM   822 C  "C3'" . DG  D 4 6  ? 6.461   23.947  14.174  1.00 152.82 ? 15  DG  D "C3'" 1 
ATOM   823 O  "O3'" . DG  D 4 6  ? 5.522   24.666  15.012  1.00 156.03 ? 15  DG  D "O3'" 1 
ATOM   824 C  "C2'" . DG  D 4 6  ? 7.013   22.700  14.860  1.00 149.88 ? 15  DG  D "C2'" 1 
ATOM   825 C  "C1'" . DG  D 4 6  ? 7.296   21.776  13.686  1.00 149.74 ? 15  DG  D "C1'" 1 
ATOM   826 N  N9    . DG  D 4 6  ? 8.645   21.901  13.131  1.00 147.01 ? 15  DG  D N9    1 
ATOM   827 C  C8    . DG  D 4 6  ? 9.127   22.914  12.334  1.00 147.28 ? 15  DG  D C8    1 
ATOM   828 N  N7    . DG  D 4 6  ? 10.370  22.747  11.973  1.00 145.60 ? 15  DG  D N7    1 
ATOM   829 C  C5    . DG  D 4 6  ? 10.739  21.547  12.569  1.00 143.51 ? 15  DG  D C5    1 
ATOM   830 C  C6    . DG  D 4 6  ? 11.973  20.854  12.534  1.00 140.55 ? 15  DG  D C6    1 
ATOM   831 O  O6    . DG  D 4 6  ? 13.019  21.175  11.949  1.00 139.33 ? 15  DG  D O6    1 
ATOM   832 N  N1    . DG  D 4 6  ? 11.922  19.675  13.274  1.00 139.97 ? 15  DG  D N1    1 
ATOM   833 C  C2    . DG  D 4 6  ? 10.819  19.223  13.959  1.00 140.84 ? 15  DG  D C2    1 
ATOM   834 N  N2    . DG  D 4 6  ? 10.963  18.062  14.616  1.00 136.78 ? 15  DG  D N2    1 
ATOM   835 N  N3    . DG  D 4 6  ? 9.655   19.862  13.999  1.00 142.68 ? 15  DG  D N3    1 
ATOM   836 C  C4    . DG  D 4 6  ? 9.688   21.013  13.283  1.00 144.38 ? 15  DG  D C4    1 
ATOM   837 P  P     . DC  D 4 7  ? 4.460   23.905  15.963  1.00 161.35 ? 16  DC  D P     1 
ATOM   838 O  OP1   . DC  D 4 7  ? 3.887   22.735  15.260  1.00 153.40 ? 16  DC  D OP1   1 
ATOM   839 O  OP2   . DC  D 4 7  ? 3.547   24.952  16.475  1.00 155.61 ? 16  DC  D OP2   1 
ATOM   840 O  "O5'" . DC  D 4 7  ? 5.322   23.388  17.212  1.00 153.09 ? 16  DC  D "O5'" 1 
ATOM   841 C  "C5'" . DC  D 4 7  ? 4.822   22.325  18.021  1.00 148.37 ? 16  DC  D "C5'" 1 
ATOM   842 C  "C4'" . DC  D 4 7  ? 5.946   21.610  18.755  1.00 146.67 ? 16  DC  D "C4'" 1 
ATOM   843 O  "O4'" . DC  D 4 7  ? 7.071   21.429  17.875  1.00 147.29 ? 16  DC  D "O4'" 1 
ATOM   844 C  "C3'" . DC  D 4 7  ? 6.501   22.352  19.970  1.00 146.08 ? 16  DC  D "C3'" 1 
ATOM   845 O  "O3'" . DC  D 4 7  ? 5.981   21.780  21.167  1.00 142.33 ? 16  DC  D "O3'" 1 
ATOM   846 C  "C2'" . DC  D 4 7  ? 8.028   22.171  19.874  1.00 146.03 ? 16  DC  D "C2'" 1 
ATOM   847 C  "C1'" . DC  D 4 7  ? 8.211   21.247  18.672  1.00 145.49 ? 16  DC  D "C1'" 1 
ATOM   848 N  N1    . DC  D 4 7  ? 9.423   21.563  17.858  1.00 145.58 ? 16  DC  D N1    1 
ATOM   849 C  C2    . DC  D 4 7  ? 10.516  20.685  17.864  1.00 143.74 ? 16  DC  D C2    1 
ATOM   850 O  O2    . DC  D 4 7  ? 10.455  19.652  18.543  1.00 144.09 ? 16  DC  D O2    1 
ATOM   851 N  N3    . DC  D 4 7  ? 11.609  20.995  17.122  1.00 143.13 ? 16  DC  D N3    1 
ATOM   852 C  C4    . DC  D 4 7  ? 11.634  22.119  16.401  1.00 144.38 ? 16  DC  D C4    1 
ATOM   853 N  N4    . DC  D 4 7  ? 12.733  22.383  15.684  1.00 143.56 ? 16  DC  D N4    1 
ATOM   854 C  C5    . DC  D 4 7  ? 10.533  23.024  16.386  1.00 146.88 ? 16  DC  D C5    1 
ATOM   855 C  C6    . DC  D 4 7  ? 9.463   22.712  17.125  1.00 147.27 ? 16  DC  D C6    1 
HETATM 856 MG MG    . MG  E 5 .  ? -2.677  -7.521  -9.039  1.00 71.47  ? 101 MG  A MG    1 
HETATM 857 AS AS    . CAC F 6 .  ? -1.966  2.191   -3.165  1.00 101.28 ? 101 CAC B AS    1 
HETATM 858 AS AS    . CAC G 6 .  ? 10.433  4.900   11.437  1.00 173.87 ? 101 CAC D AS    1 
# 
loop_
_pdbx_poly_seq_scheme.asym_id 
_pdbx_poly_seq_scheme.entity_id 
_pdbx_poly_seq_scheme.seq_id 
_pdbx_poly_seq_scheme.mon_id 
_pdbx_poly_seq_scheme.ndb_seq_num 
_pdbx_poly_seq_scheme.pdb_seq_num 
_pdbx_poly_seq_scheme.auth_seq_num 
_pdbx_poly_seq_scheme.pdb_mon_id 
_pdbx_poly_seq_scheme.auth_mon_id 
_pdbx_poly_seq_scheme.pdb_strand_id 
_pdbx_poly_seq_scheme.pdb_ins_code 
_pdbx_poly_seq_scheme.hetero 
A 1 1  DG 1  1  1  DG DG A . n 
A 1 2  DA 2  2  2  DA DA A . n 
A 1 3  DG 3  3  3  DG DG A . n 
A 1 4  DC 4  4  4  DC DC A . n 
A 1 5  DA 5  5  5  DA DA A . n 
A 1 6  DG 6  6  6  DG DG A . n 
A 1 7  DA 7  7  7  DA DA A . n 
A 1 8  DC 8  8  8  DC DC A . n 
A 1 9  DG 9  9  9  DG DG A . n 
A 1 10 DT 10 10 10 DT DT A . n 
A 1 11 DG 11 11 11 DG DG A . n 
A 1 12 DA 12 12 12 DA DA A . n 
A 1 13 DC 13 13 13 DC DC A . n 
A 1 14 DT 14 14 14 DT DT A . n 
A 1 15 DG 15 15 15 DG DG A . n 
A 1 16 DC 16 16 16 DC DC A . n 
A 1 17 DA 17 17 17 DA DA A . n 
A 1 18 DC 18 18 18 DC DC A . n 
A 1 19 DT 19 19 19 DT DT A . n 
A 1 20 DC 20 20 20 DC DC A . n 
A 1 21 DA 21 21 21 DA DA A . n 
B 2 1  DA 1  1  1  DA DA B . n 
B 2 2  DG 2  2  2  DG DG B . n 
B 2 3  DT 3  3  3  DT DT B . n 
B 2 4  DC 4  4  4  DC DC B . n 
B 2 5  DA 5  5  5  DA DA B . n 
C 3 1  DT 1  1  1  DT DT C . n 
C 3 2  DC 2  2  2  DC DC C . n 
C 3 3  DT 3  3  3  DT DT C . n 
C 3 4  DG 4  4  4  DG DG C . n 
C 3 5  DA 5  5  5  DA DA C . n 
C 3 6  DG 6  6  6  DG DG C . n 
C 3 7  DT 7  7  7  DT DT C . n 
C 3 8  DG 8  8  8  DG DG C . n 
C 3 9  DC 9  9  9  DC DC C . n 
D 4 1  DC 1  10 10 DC DC D . n 
D 4 2  DG 2  11 11 DG DG D . n 
D 4 3  DT 3  12 12 DT DT D . n 
D 4 4  DC 4  13 13 DC DC D . n 
D 4 5  DT 5  14 14 DT DT D . n 
D 4 6  DG 6  15 15 DG DG D . n 
D 4 7  DC 7  16 16 DC DC D . n 
# 
loop_
_pdbx_nonpoly_scheme.asym_id 
_pdbx_nonpoly_scheme.entity_id 
_pdbx_nonpoly_scheme.mon_id 
_pdbx_nonpoly_scheme.ndb_seq_num 
_pdbx_nonpoly_scheme.pdb_seq_num 
_pdbx_nonpoly_scheme.auth_seq_num 
_pdbx_nonpoly_scheme.pdb_mon_id 
_pdbx_nonpoly_scheme.auth_mon_id 
_pdbx_nonpoly_scheme.pdb_strand_id 
_pdbx_nonpoly_scheme.pdb_ins_code 
E 5 MG  1 101 1 MG  MG A . 
F 6 CAC 1 101 1 CAC AS B . 
G 6 CAC 1 101 2 CAC AS D . 
# 
_pdbx_struct_assembly.id                   1 
_pdbx_struct_assembly.details              author_defined_assembly 
_pdbx_struct_assembly.method_details       ? 
_pdbx_struct_assembly.oligomeric_details   tetrameric 
_pdbx_struct_assembly.oligomeric_count     4 
# 
_pdbx_struct_assembly_gen.assembly_id       1 
_pdbx_struct_assembly_gen.oper_expression   1 
_pdbx_struct_assembly_gen.asym_id_list      A,B,C,D,E,F,G 
# 
_pdbx_struct_oper_list.id                   1 
_pdbx_struct_oper_list.type                 'identity operation' 
_pdbx_struct_oper_list.name                 1_555 
_pdbx_struct_oper_list.symmetry_operation   x,y,z 
_pdbx_struct_oper_list.matrix[1][1]         1.0000000000 
_pdbx_struct_oper_list.matrix[1][2]         0.0000000000 
_pdbx_struct_oper_list.matrix[1][3]         0.0000000000 
_pdbx_struct_oper_list.vector[1]            0.0000000000 
_pdbx_struct_oper_list.matrix[2][1]         0.0000000000 
_pdbx_struct_oper_list.matrix[2][2]         1.0000000000 
_pdbx_struct_oper_list.matrix[2][3]         0.0000000000 
_pdbx_struct_oper_list.vector[2]            0.0000000000 
_pdbx_struct_oper_list.matrix[3][1]         0.0000000000 
_pdbx_struct_oper_list.matrix[3][2]         0.0000000000 
_pdbx_struct_oper_list.matrix[3][3]         1.0000000000 
_pdbx_struct_oper_list.vector[3]            0.0000000000 
# 
loop_
_pdbx_audit_revision_history.ordinal 
_pdbx_audit_revision_history.data_content_type 
_pdbx_audit_revision_history.major_revision 
_pdbx_audit_revision_history.minor_revision 
_pdbx_audit_revision_history.revision_date 
1 'Structure model' 1 0 2021-07-14 
2 'Structure model' 1 1 2022-07-06 
3 'Structure model' 1 2 2023-10-18 
# 
_pdbx_audit_revision_details.ordinal             1 
_pdbx_audit_revision_details.revision_ordinal    1 
_pdbx_audit_revision_details.data_content_type   'Structure model' 
_pdbx_audit_revision_details.provider            repository 
_pdbx_audit_revision_details.type                'Initial release' 
_pdbx_audit_revision_details.description         ? 
_pdbx_audit_revision_details.details             ? 
# 
loop_
_pdbx_audit_revision_group.ordinal 
_pdbx_audit_revision_group.revision_ordinal 
_pdbx_audit_revision_group.data_content_type 
_pdbx_audit_revision_group.group 
1 2 'Structure model' 'Database references'    
2 3 'Structure model' 'Data collection'        
3 3 'Structure model' 'Refinement description' 
# 
loop_
_pdbx_audit_revision_category.ordinal 
_pdbx_audit_revision_category.revision_ordinal 
_pdbx_audit_revision_category.data_content_type 
_pdbx_audit_revision_category.category 
1 2 'Structure model' citation                      
2 2 'Structure model' citation_author               
3 2 'Structure model' database_2                    
4 3 'Structure model' chem_comp_atom                
5 3 'Structure model' chem_comp_bond                
6 3 'Structure model' pdbx_initial_refinement_model 
# 
loop_
_pdbx_audit_revision_item.ordinal 
_pdbx_audit_revision_item.revision_ordinal 
_pdbx_audit_revision_item.data_content_type 
_pdbx_audit_revision_item.item 
1  2 'Structure model' '_citation.country'                   
2  2 'Structure model' '_citation.journal_abbrev'            
3  2 'Structure model' '_citation.journal_id_CSD'            
4  2 'Structure model' '_citation.journal_id_ISSN'           
5  2 'Structure model' '_citation.journal_volume'            
6  2 'Structure model' '_citation.page_first'                
7  2 'Structure model' '_citation.page_last'                 
8  2 'Structure model' '_citation.pdbx_database_id_DOI'      
9  2 'Structure model' '_citation.pdbx_database_id_PubMed'   
10 2 'Structure model' '_citation.title'                     
11 2 'Structure model' '_citation.year'                      
12 2 'Structure model' '_database_2.pdbx_DOI'                
13 2 'Structure model' '_database_2.pdbx_database_accession' 
# 
loop_
_software.citation_id 
_software.classification 
_software.compiler_name 
_software.compiler_version 
_software.contact_author 
_software.contact_author_email 
_software.date 
_software.description 
_software.dependencies 
_software.hardware 
_software.language 
_software.location 
_software.mods 
_software.name 
_software.os 
_software.os_version 
_software.type 
_software.version 
_software.pdbx_ordinal 
? 'data reduction'  ? ? ? ? ? ? ? ? ? ? ? HKL-2000    ? ? ? .           1 
? 'data scaling'    ? ? ? ? ? ? ? ? ? ? ? HKL-2000    ? ? ? .           2 
? refinement        ? ? ? ? ? ? ? ? ? ? ? PHENIX      ? ? ? 1.11.1_2575 3 
? 'data extraction' ? ? ? ? ? ? ? ? ? ? ? PDB_EXTRACT ? ? ? 3.25        4 
? phasing           ? ? ? ? ? ? ? ? ? ? ? PHASER      ? ? ? .           5 
# 
_pdbx_entry_details.entry_id                 6WSP 
_pdbx_entry_details.has_ligand_of_interest   N 
_pdbx_entry_details.compound_details         ? 
_pdbx_entry_details.source_details           ? 
_pdbx_entry_details.nonpolymer_details       ? 
_pdbx_entry_details.sequence_details         ? 
# 
_pdbx_validate_rmsd_angle.id                         1 
_pdbx_validate_rmsd_angle.PDB_model_num              1 
_pdbx_validate_rmsd_angle.auth_atom_id_1             "O5'" 
_pdbx_validate_rmsd_angle.auth_asym_id_1             A 
_pdbx_validate_rmsd_angle.auth_comp_id_1             DA 
_pdbx_validate_rmsd_angle.auth_seq_id_1              17 
_pdbx_validate_rmsd_angle.PDB_ins_code_1             ? 
_pdbx_validate_rmsd_angle.label_alt_id_1             ? 
_pdbx_validate_rmsd_angle.auth_atom_id_2             P 
_pdbx_validate_rmsd_angle.auth_asym_id_2             A 
_pdbx_validate_rmsd_angle.auth_comp_id_2             DA 
_pdbx_validate_rmsd_angle.auth_seq_id_2              17 
_pdbx_validate_rmsd_angle.PDB_ins_code_2             ? 
_pdbx_validate_rmsd_angle.label_alt_id_2             ? 
_pdbx_validate_rmsd_angle.auth_atom_id_3             OP2 
_pdbx_validate_rmsd_angle.auth_asym_id_3             A 
_pdbx_validate_rmsd_angle.auth_comp_id_3             DA 
_pdbx_validate_rmsd_angle.auth_seq_id_3              17 
_pdbx_validate_rmsd_angle.PDB_ins_code_3             ? 
_pdbx_validate_rmsd_angle.label_alt_id_3             ? 
_pdbx_validate_rmsd_angle.angle_value                99.71 
_pdbx_validate_rmsd_angle.angle_target_value         105.70 
_pdbx_validate_rmsd_angle.angle_deviation            -5.99 
_pdbx_validate_rmsd_angle.angle_standard_deviation   0.90 
_pdbx_validate_rmsd_angle.linker_flag                N 
# 
loop_
_pdbx_unobs_or_zero_occ_atoms.id 
_pdbx_unobs_or_zero_occ_atoms.PDB_model_num 
_pdbx_unobs_or_zero_occ_atoms.polymer_flag 
_pdbx_unobs_or_zero_occ_atoms.occupancy_flag 
_pdbx_unobs_or_zero_occ_atoms.auth_asym_id 
_pdbx_unobs_or_zero_occ_atoms.auth_comp_id 
_pdbx_unobs_or_zero_occ_atoms.auth_seq_id 
_pdbx_unobs_or_zero_occ_atoms.PDB_ins_code 
_pdbx_unobs_or_zero_occ_atoms.auth_atom_id 
_pdbx_unobs_or_zero_occ_atoms.label_alt_id 
_pdbx_unobs_or_zero_occ_atoms.label_asym_id 
_pdbx_unobs_or_zero_occ_atoms.label_comp_id 
_pdbx_unobs_or_zero_occ_atoms.label_seq_id 
_pdbx_unobs_or_zero_occ_atoms.label_atom_id 
1 1 N 1 B CAC 101 ? O1 ? F CAC 1 O1 
2 1 N 1 B CAC 101 ? O2 ? F CAC 1 O2 
3 1 N 1 B CAC 101 ? C1 ? F CAC 1 C1 
4 1 N 1 B CAC 101 ? C2 ? F CAC 1 C2 
5 1 N 1 D CAC 101 ? O1 ? G CAC 1 O1 
6 1 N 1 D CAC 101 ? O2 ? G CAC 1 O2 
7 1 N 1 D CAC 101 ? C1 ? G CAC 1 C1 
8 1 N 1 D CAC 101 ? C2 ? G CAC 1 C2 
# 
loop_
_chem_comp_atom.comp_id 
_chem_comp_atom.atom_id 
_chem_comp_atom.type_symbol 
_chem_comp_atom.pdbx_aromatic_flag 
_chem_comp_atom.pdbx_stereo_config 
_chem_comp_atom.pdbx_ordinal 
CAC AS     AS N N 1   
CAC O1     O  N N 2   
CAC O2     O  N N 3   
CAC C1     C  N N 4   
CAC C2     C  N N 5   
CAC H11    H  N N 6   
CAC H12    H  N N 7   
CAC H13    H  N N 8   
CAC H21    H  N N 9   
CAC H22    H  N N 10  
CAC H23    H  N N 11  
DA  OP3    O  N N 12  
DA  P      P  N N 13  
DA  OP1    O  N N 14  
DA  OP2    O  N N 15  
DA  "O5'"  O  N N 16  
DA  "C5'"  C  N N 17  
DA  "C4'"  C  N R 18  
DA  "O4'"  O  N N 19  
DA  "C3'"  C  N S 20  
DA  "O3'"  O  N N 21  
DA  "C2'"  C  N N 22  
DA  "C1'"  C  N R 23  
DA  N9     N  Y N 24  
DA  C8     C  Y N 25  
DA  N7     N  Y N 26  
DA  C5     C  Y N 27  
DA  C6     C  Y N 28  
DA  N6     N  N N 29  
DA  N1     N  Y N 30  
DA  C2     C  Y N 31  
DA  N3     N  Y N 32  
DA  C4     C  Y N 33  
DA  HOP3   H  N N 34  
DA  HOP2   H  N N 35  
DA  "H5'"  H  N N 36  
DA  "H5''" H  N N 37  
DA  "H4'"  H  N N 38  
DA  "H3'"  H  N N 39  
DA  "HO3'" H  N N 40  
DA  "H2'"  H  N N 41  
DA  "H2''" H  N N 42  
DA  "H1'"  H  N N 43  
DA  H8     H  N N 44  
DA  H61    H  N N 45  
DA  H62    H  N N 46  
DA  H2     H  N N 47  
DC  OP3    O  N N 48  
DC  P      P  N N 49  
DC  OP1    O  N N 50  
DC  OP2    O  N N 51  
DC  "O5'"  O  N N 52  
DC  "C5'"  C  N N 53  
DC  "C4'"  C  N R 54  
DC  "O4'"  O  N N 55  
DC  "C3'"  C  N S 56  
DC  "O3'"  O  N N 57  
DC  "C2'"  C  N N 58  
DC  "C1'"  C  N R 59  
DC  N1     N  N N 60  
DC  C2     C  N N 61  
DC  O2     O  N N 62  
DC  N3     N  N N 63  
DC  C4     C  N N 64  
DC  N4     N  N N 65  
DC  C5     C  N N 66  
DC  C6     C  N N 67  
DC  HOP3   H  N N 68  
DC  HOP2   H  N N 69  
DC  "H5'"  H  N N 70  
DC  "H5''" H  N N 71  
DC  "H4'"  H  N N 72  
DC  "H3'"  H  N N 73  
DC  "HO3'" H  N N 74  
DC  "H2'"  H  N N 75  
DC  "H2''" H  N N 76  
DC  "H1'"  H  N N 77  
DC  H41    H  N N 78  
DC  H42    H  N N 79  
DC  H5     H  N N 80  
DC  H6     H  N N 81  
DG  OP3    O  N N 82  
DG  P      P  N N 83  
DG  OP1    O  N N 84  
DG  OP2    O  N N 85  
DG  "O5'"  O  N N 86  
DG  "C5'"  C  N N 87  
DG  "C4'"  C  N R 88  
DG  "O4'"  O  N N 89  
DG  "C3'"  C  N S 90  
DG  "O3'"  O  N N 91  
DG  "C2'"  C  N N 92  
DG  "C1'"  C  N R 93  
DG  N9     N  Y N 94  
DG  C8     C  Y N 95  
DG  N7     N  Y N 96  
DG  C5     C  Y N 97  
DG  C6     C  N N 98  
DG  O6     O  N N 99  
DG  N1     N  N N 100 
DG  C2     C  N N 101 
DG  N2     N  N N 102 
DG  N3     N  N N 103 
DG  C4     C  Y N 104 
DG  HOP3   H  N N 105 
DG  HOP2   H  N N 106 
DG  "H5'"  H  N N 107 
DG  "H5''" H  N N 108 
DG  "H4'"  H  N N 109 
DG  "H3'"  H  N N 110 
DG  "HO3'" H  N N 111 
DG  "H2'"  H  N N 112 
DG  "H2''" H  N N 113 
DG  "H1'"  H  N N 114 
DG  H8     H  N N 115 
DG  H1     H  N N 116 
DG  H21    H  N N 117 
DG  H22    H  N N 118 
DT  OP3    O  N N 119 
DT  P      P  N N 120 
DT  OP1    O  N N 121 
DT  OP2    O  N N 122 
DT  "O5'"  O  N N 123 
DT  "C5'"  C  N N 124 
DT  "C4'"  C  N R 125 
DT  "O4'"  O  N N 126 
DT  "C3'"  C  N S 127 
DT  "O3'"  O  N N 128 
DT  "C2'"  C  N N 129 
DT  "C1'"  C  N R 130 
DT  N1     N  N N 131 
DT  C2     C  N N 132 
DT  O2     O  N N 133 
DT  N3     N  N N 134 
DT  C4     C  N N 135 
DT  O4     O  N N 136 
DT  C5     C  N N 137 
DT  C7     C  N N 138 
DT  C6     C  N N 139 
DT  HOP3   H  N N 140 
DT  HOP2   H  N N 141 
DT  "H5'"  H  N N 142 
DT  "H5''" H  N N 143 
DT  "H4'"  H  N N 144 
DT  "H3'"  H  N N 145 
DT  "HO3'" H  N N 146 
DT  "H2'"  H  N N 147 
DT  "H2''" H  N N 148 
DT  "H1'"  H  N N 149 
DT  H3     H  N N 150 
DT  H71    H  N N 151 
DT  H72    H  N N 152 
DT  H73    H  N N 153 
DT  H6     H  N N 154 
MG  MG     MG N N 155 
# 
loop_
_chem_comp_bond.comp_id 
_chem_comp_bond.atom_id_1 
_chem_comp_bond.atom_id_2 
_chem_comp_bond.value_order 
_chem_comp_bond.pdbx_aromatic_flag 
_chem_comp_bond.pdbx_stereo_config 
_chem_comp_bond.pdbx_ordinal 
CAC AS    O1     doub N N 1   
CAC AS    O2     sing N N 2   
CAC AS    C1     sing N N 3   
CAC AS    C2     sing N N 4   
CAC C1    H11    sing N N 5   
CAC C1    H12    sing N N 6   
CAC C1    H13    sing N N 7   
CAC C2    H21    sing N N 8   
CAC C2    H22    sing N N 9   
CAC C2    H23    sing N N 10  
DA  OP3   P      sing N N 11  
DA  OP3   HOP3   sing N N 12  
DA  P     OP1    doub N N 13  
DA  P     OP2    sing N N 14  
DA  P     "O5'"  sing N N 15  
DA  OP2   HOP2   sing N N 16  
DA  "O5'" "C5'"  sing N N 17  
DA  "C5'" "C4'"  sing N N 18  
DA  "C5'" "H5'"  sing N N 19  
DA  "C5'" "H5''" sing N N 20  
DA  "C4'" "O4'"  sing N N 21  
DA  "C4'" "C3'"  sing N N 22  
DA  "C4'" "H4'"  sing N N 23  
DA  "O4'" "C1'"  sing N N 24  
DA  "C3'" "O3'"  sing N N 25  
DA  "C3'" "C2'"  sing N N 26  
DA  "C3'" "H3'"  sing N N 27  
DA  "O3'" "HO3'" sing N N 28  
DA  "C2'" "C1'"  sing N N 29  
DA  "C2'" "H2'"  sing N N 30  
DA  "C2'" "H2''" sing N N 31  
DA  "C1'" N9     sing N N 32  
DA  "C1'" "H1'"  sing N N 33  
DA  N9    C8     sing Y N 34  
DA  N9    C4     sing Y N 35  
DA  C8    N7     doub Y N 36  
DA  C8    H8     sing N N 37  
DA  N7    C5     sing Y N 38  
DA  C5    C6     sing Y N 39  
DA  C5    C4     doub Y N 40  
DA  C6    N6     sing N N 41  
DA  C6    N1     doub Y N 42  
DA  N6    H61    sing N N 43  
DA  N6    H62    sing N N 44  
DA  N1    C2     sing Y N 45  
DA  C2    N3     doub Y N 46  
DA  C2    H2     sing N N 47  
DA  N3    C4     sing Y N 48  
DC  OP3   P      sing N N 49  
DC  OP3   HOP3   sing N N 50  
DC  P     OP1    doub N N 51  
DC  P     OP2    sing N N 52  
DC  P     "O5'"  sing N N 53  
DC  OP2   HOP2   sing N N 54  
DC  "O5'" "C5'"  sing N N 55  
DC  "C5'" "C4'"  sing N N 56  
DC  "C5'" "H5'"  sing N N 57  
DC  "C5'" "H5''" sing N N 58  
DC  "C4'" "O4'"  sing N N 59  
DC  "C4'" "C3'"  sing N N 60  
DC  "C4'" "H4'"  sing N N 61  
DC  "O4'" "C1'"  sing N N 62  
DC  "C3'" "O3'"  sing N N 63  
DC  "C3'" "C2'"  sing N N 64  
DC  "C3'" "H3'"  sing N N 65  
DC  "O3'" "HO3'" sing N N 66  
DC  "C2'" "C1'"  sing N N 67  
DC  "C2'" "H2'"  sing N N 68  
DC  "C2'" "H2''" sing N N 69  
DC  "C1'" N1     sing N N 70  
DC  "C1'" "H1'"  sing N N 71  
DC  N1    C2     sing N N 72  
DC  N1    C6     sing N N 73  
DC  C2    O2     doub N N 74  
DC  C2    N3     sing N N 75  
DC  N3    C4     doub N N 76  
DC  C4    N4     sing N N 77  
DC  C4    C5     sing N N 78  
DC  N4    H41    sing N N 79  
DC  N4    H42    sing N N 80  
DC  C5    C6     doub N N 81  
DC  C5    H5     sing N N 82  
DC  C6    H6     sing N N 83  
DG  OP3   P      sing N N 84  
DG  OP3   HOP3   sing N N 85  
DG  P     OP1    doub N N 86  
DG  P     OP2    sing N N 87  
DG  P     "O5'"  sing N N 88  
DG  OP2   HOP2   sing N N 89  
DG  "O5'" "C5'"  sing N N 90  
DG  "C5'" "C4'"  sing N N 91  
DG  "C5'" "H5'"  sing N N 92  
DG  "C5'" "H5''" sing N N 93  
DG  "C4'" "O4'"  sing N N 94  
DG  "C4'" "C3'"  sing N N 95  
DG  "C4'" "H4'"  sing N N 96  
DG  "O4'" "C1'"  sing N N 97  
DG  "C3'" "O3'"  sing N N 98  
DG  "C3'" "C2'"  sing N N 99  
DG  "C3'" "H3'"  sing N N 100 
DG  "O3'" "HO3'" sing N N 101 
DG  "C2'" "C1'"  sing N N 102 
DG  "C2'" "H2'"  sing N N 103 
DG  "C2'" "H2''" sing N N 104 
DG  "C1'" N9     sing N N 105 
DG  "C1'" "H1'"  sing N N 106 
DG  N9    C8     sing Y N 107 
DG  N9    C4     sing Y N 108 
DG  C8    N7     doub Y N 109 
DG  C8    H8     sing N N 110 
DG  N7    C5     sing Y N 111 
DG  C5    C6     sing N N 112 
DG  C5    C4     doub Y N 113 
DG  C6    O6     doub N N 114 
DG  C6    N1     sing N N 115 
DG  N1    C2     sing N N 116 
DG  N1    H1     sing N N 117 
DG  C2    N2     sing N N 118 
DG  C2    N3     doub N N 119 
DG  N2    H21    sing N N 120 
DG  N2    H22    sing N N 121 
DG  N3    C4     sing N N 122 
DT  OP3   P      sing N N 123 
DT  OP3   HOP3   sing N N 124 
DT  P     OP1    doub N N 125 
DT  P     OP2    sing N N 126 
DT  P     "O5'"  sing N N 127 
DT  OP2   HOP2   sing N N 128 
DT  "O5'" "C5'"  sing N N 129 
DT  "C5'" "C4'"  sing N N 130 
DT  "C5'" "H5'"  sing N N 131 
DT  "C5'" "H5''" sing N N 132 
DT  "C4'" "O4'"  sing N N 133 
DT  "C4'" "C3'"  sing N N 134 
DT  "C4'" "H4'"  sing N N 135 
DT  "O4'" "C1'"  sing N N 136 
DT  "C3'" "O3'"  sing N N 137 
DT  "C3'" "C2'"  sing N N 138 
DT  "C3'" "H3'"  sing N N 139 
DT  "O3'" "HO3'" sing N N 140 
DT  "C2'" "C1'"  sing N N 141 
DT  "C2'" "H2'"  sing N N 142 
DT  "C2'" "H2''" sing N N 143 
DT  "C1'" N1     sing N N 144 
DT  "C1'" "H1'"  sing N N 145 
DT  N1    C2     sing N N 146 
DT  N1    C6     sing N N 147 
DT  C2    O2     doub N N 148 
DT  C2    N3     sing N N 149 
DT  N3    C4     sing N N 150 
DT  N3    H3     sing N N 151 
DT  C4    O4     doub N N 152 
DT  C4    C5     sing N N 153 
DT  C5    C7     sing N N 154 
DT  C5    C6     doub N N 155 
DT  C7    H71    sing N N 156 
DT  C7    H72    sing N N 157 
DT  C7    H73    sing N N 158 
DT  C6    H6     sing N N 159 
# 
loop_
_ndb_struct_conf_na.entry_id 
_ndb_struct_conf_na.feature 
6WSP 'double helix'        
6WSP 'a-form double helix' 
6WSP 'b-form double helix' 
# 
loop_
_ndb_struct_na_base_pair.model_number 
_ndb_struct_na_base_pair.i_label_asym_id 
_ndb_struct_na_base_pair.i_label_comp_id 
_ndb_struct_na_base_pair.i_label_seq_id 
_ndb_struct_na_base_pair.i_symmetry 
_ndb_struct_na_base_pair.j_label_asym_id 
_ndb_struct_na_base_pair.j_label_comp_id 
_ndb_struct_na_base_pair.j_label_seq_id 
_ndb_struct_na_base_pair.j_symmetry 
_ndb_struct_na_base_pair.shear 
_ndb_struct_na_base_pair.stretch 
_ndb_struct_na_base_pair.stagger 
_ndb_struct_na_base_pair.buckle 
_ndb_struct_na_base_pair.propeller 
_ndb_struct_na_base_pair.opening 
_ndb_struct_na_base_pair.pair_number 
_ndb_struct_na_base_pair.pair_name 
_ndb_struct_na_base_pair.i_auth_asym_id 
_ndb_struct_na_base_pair.i_auth_seq_id 
_ndb_struct_na_base_pair.i_PDB_ins_code 
_ndb_struct_na_base_pair.j_auth_asym_id 
_ndb_struct_na_base_pair.j_auth_seq_id 
_ndb_struct_na_base_pair.j_PDB_ins_code 
_ndb_struct_na_base_pair.hbond_type_28 
_ndb_struct_na_base_pair.hbond_type_12 
1 A DG 3  1_555 D DC 7 1_555 -0.161 -0.173 0.403  -2.958 -10.649 -1.108 1  A_DG3:DC16_D A 3  ? D 16 ? 19 1 
1 A DA 5  1_555 D DT 5 1_555 0.054  -0.069 -0.273 -9.159 -8.776  2.939  2  A_DA5:DT14_D A 5  ? D 14 ? 20 1 
1 A DG 6  1_555 D DC 4 1_555 -0.237 -0.115 -0.637 -9.888 -7.635  2.716  3  A_DG6:DC13_D A 6  ? D 13 ? 19 1 
1 A DA 7  1_555 D DT 3 1_555 0.067  -0.029 -0.464 -7.639 -1.886  -4.562 4  A_DA7:DT12_D A 7  ? D 12 ? 20 1 
1 A DC 8  1_555 D DG 2 1_555 0.186  -0.172 0.404  -1.241 -4.317  0.273  5  A_DC8:DG11_D A 8  ? D 11 ? 19 1 
1 A DG 9  1_555 D DC 1 1_555 -0.193 -0.164 0.551  2.592  0.494   0.744  6  A_DG9:DC10_D A 9  ? D 10 ? 19 1 
1 A DT 10 1_555 B DA 5 1_555 -0.172 -0.193 0.474  1.483  -2.294  3.225  7  A_DT10:DA5_B A 10 ? B 5  ? 20 1 
1 A DG 11 1_555 B DC 4 1_555 -0.109 -0.158 0.635  2.380  -7.338  -2.525 8  A_DG11:DC4_B A 11 ? B 4  ? 19 1 
1 A DA 12 1_555 B DT 3 1_555 0.210  -0.122 0.413  0.693  -6.200  -0.211 9  A_DA12:DT3_B A 12 ? B 3  ? 20 1 
1 A DC 13 1_555 B DG 2 1_555 0.133  -0.253 0.714  0.238  -9.408  -1.953 10 A_DC13:DG2_B A 13 ? B 2  ? 19 1 
1 A DT 14 1_555 B DA 1 1_555 -0.209 -0.195 0.807  -3.203 -8.115  -4.591 11 A_DT14:DA1_B A 14 ? B 1  ? 20 1 
1 A DG 15 1_555 C DC 9 1_555 -0.222 -0.148 0.179  0.513  -3.506  4.778  12 A_DG15:DC9_C A 15 ? C 9  ? 19 1 
1 A DC 16 1_555 C DG 8 1_555 0.185  -0.233 0.880  -0.823 -5.158  -3.185 13 A_DC16:DG8_C A 16 ? C 8  ? 19 1 
1 A DA 17 1_555 C DT 7 1_555 0.098  0.032  0.293  -0.267 -9.453  -9.311 14 A_DA17:DT7_C A 17 ? C 7  ? 20 1 
1 A DC 18 1_555 C DG 6 1_555 0.191  -0.104 0.033  1.578  -4.813  1.255  15 A_DC18:DG6_C A 18 ? C 6  ? 19 1 
1 A DT 19 1_555 C DA 5 1_555 -0.050 -0.065 -0.113 5.608  -6.688  0.768  16 A_DT19:DA5_C A 19 ? C 5  ? 20 1 
1 A DC 20 1_555 C DG 4 1_555 0.264  -0.164 -0.729 7.180  -10.352 3.646  17 A_DC20:DG4_C A 20 ? C 4  ? 19 1 
# 
loop_
_ndb_struct_na_base_pair_step.model_number 
_ndb_struct_na_base_pair_step.i_label_asym_id_1 
_ndb_struct_na_base_pair_step.i_label_comp_id_1 
_ndb_struct_na_base_pair_step.i_label_seq_id_1 
_ndb_struct_na_base_pair_step.i_symmetry_1 
_ndb_struct_na_base_pair_step.j_label_asym_id_1 
_ndb_struct_na_base_pair_step.j_label_comp_id_1 
_ndb_struct_na_base_pair_step.j_label_seq_id_1 
_ndb_struct_na_base_pair_step.j_symmetry_1 
_ndb_struct_na_base_pair_step.i_label_asym_id_2 
_ndb_struct_na_base_pair_step.i_label_comp_id_2 
_ndb_struct_na_base_pair_step.i_label_seq_id_2 
_ndb_struct_na_base_pair_step.i_symmetry_2 
_ndb_struct_na_base_pair_step.j_label_asym_id_2 
_ndb_struct_na_base_pair_step.j_label_comp_id_2 
_ndb_struct_na_base_pair_step.j_label_seq_id_2 
_ndb_struct_na_base_pair_step.j_symmetry_2 
_ndb_struct_na_base_pair_step.shift 
_ndb_struct_na_base_pair_step.slide 
_ndb_struct_na_base_pair_step.rise 
_ndb_struct_na_base_pair_step.tilt 
_ndb_struct_na_base_pair_step.roll 
_ndb_struct_na_base_pair_step.twist 
_ndb_struct_na_base_pair_step.x_displacement 
_ndb_struct_na_base_pair_step.y_displacement 
_ndb_struct_na_base_pair_step.helical_rise 
_ndb_struct_na_base_pair_step.inclination 
_ndb_struct_na_base_pair_step.tip 
_ndb_struct_na_base_pair_step.helical_twist 
_ndb_struct_na_base_pair_step.step_number 
_ndb_struct_na_base_pair_step.step_name 
_ndb_struct_na_base_pair_step.i_auth_asym_id_1 
_ndb_struct_na_base_pair_step.i_auth_seq_id_1 
_ndb_struct_na_base_pair_step.i_PDB_ins_code_1 
_ndb_struct_na_base_pair_step.j_auth_asym_id_1 
_ndb_struct_na_base_pair_step.j_auth_seq_id_1 
_ndb_struct_na_base_pair_step.j_PDB_ins_code_1 
_ndb_struct_na_base_pair_step.i_auth_asym_id_2 
_ndb_struct_na_base_pair_step.i_auth_seq_id_2 
_ndb_struct_na_base_pair_step.i_PDB_ins_code_2 
_ndb_struct_na_base_pair_step.j_auth_asym_id_2 
_ndb_struct_na_base_pair_step.j_auth_seq_id_2 
_ndb_struct_na_base_pair_step.j_PDB_ins_code_2 
1 A DG 3  1_555 D DC 7 1_555 A DA 5  1_555 D DT 5 1_555 -1.272 1.091  6.712 -5.195 3.459  73.879 0.680  0.717  6.815 2.873  4.315 
74.105 1  AA_DG3DA5:DT14DC16_DD A 3  ? D 16 ? A 5  ? D 14 ? 
1 A DA 5  1_555 D DT 5 1_555 A DG 6  1_555 D DC 4 1_555 0.015  -0.053 3.499 -4.505 2.599  26.974 -0.796 -1.218 3.431 5.507  9.545 
27.462 2  AA_DA5DG6:DC13DT14_DD A 5  ? D 14 ? A 6  ? D 13 ? 
1 A DG 6  1_555 D DC 4 1_555 A DA 7  1_555 D DT 3 1_555 -0.896 -0.037 3.160 -7.481 3.082  43.871 -0.329 0.502  3.253 4.084  9.913 
44.575 3  AA_DG6DA7:DT12DC13_DD A 6  ? D 13 ? A 7  ? D 12 ? 
1 A DA 7  1_555 D DT 3 1_555 A DC 8  1_555 D DG 2 1_555 0.154  -1.242 3.208 -9.549 2.104  31.830 -2.508 -1.807 2.954 3.728  16.919 
33.261 4  AA_DA7DC8:DG11DT12_DD A 7  ? D 12 ? A 8  ? D 11 ? 
1 A DC 8  1_555 D DG 2 1_555 A DG 9  1_555 D DC 1 1_555 -0.622 -1.722 3.071 -5.540 -2.567 30.224 -2.750 0.115  3.262 -4.861 10.490 
30.820 5  AA_DC8DG9:DC10DG11_DD A 8  ? D 11 ? A 9  ? D 10 ? 
1 A DG 9  1_555 D DC 1 1_555 A DT 10 1_555 B DA 5 1_555 -0.629 -1.121 3.385 0.697  0.815  24.905 -2.846 1.671  3.328 1.888  -1.614 
24.928 6  AA_DG9DT10:DA5DC10_BD A 9  ? D 10 ? A 10 ? B 5  ? 
1 A DT 10 1_555 B DA 5 1_555 A DG 11 1_555 B DC 4 1_555 -0.391 0.384  3.302 -3.388 2.294  33.895 0.284  0.119  3.343 3.917  5.785 
34.134 7  AA_DT10DG11:DC4DA5_BB A 10 ? B 5  ? A 11 ? B 4  ? 
1 A DG 11 1_555 B DC 4 1_555 A DA 12 1_555 B DT 3 1_555 0.508  -0.695 3.220 1.106  1.574  37.153 -1.295 -0.652 3.202 2.468  -1.734 
37.201 8  AA_DG11DA12:DT3DC4_BB A 11 ? B 4  ? A 12 ? B 3  ? 
1 A DA 12 1_555 B DT 3 1_555 A DC 13 1_555 B DG 2 1_555 0.836  -1.152 3.236 -4.457 -0.472 30.000 -2.109 -2.472 3.100 -0.905 8.551 
30.326 9  AA_DA12DC13:DG2DT3_BB A 12 ? B 3  ? A 13 ? B 2  ? 
1 A DC 13 1_555 B DG 2 1_555 A DT 14 1_555 B DA 1 1_555 -0.460 -1.208 3.288 -1.563 -0.565 38.399 -1.763 0.502  3.320 -0.859 2.375 
38.434 10 AA_DC13DT14:DA1DG2_BB A 13 ? B 2  ? A 14 ? B 1  ? 
1 A DT 14 1_555 B DA 1 1_555 A DG 15 1_555 C DC 9 1_555 -0.394 -1.124 2.914 2.722  -0.203 27.764 -2.288 1.393  2.870 -0.423 -5.656 
27.895 11 AA_DT14DG15:DC9DA1_CB A 14 ? B 1  ? A 15 ? C 9  ? 
1 A DG 15 1_555 C DC 9 1_555 A DC 16 1_555 C DG 8 1_555 -1.080 0.362  3.550 -4.876 3.271  30.495 -0.025 0.972  3.692 6.147  9.163 
31.042 12 AA_DG15DC16:DG8DC9_CC A 15 ? C 9  ? A 16 ? C 8  ? 
1 A DC 16 1_555 C DG 8 1_555 A DA 17 1_555 C DT 7 1_555 -0.968 0.156  3.279 0.791  -1.733 41.041 0.410  1.465  3.252 -2.470 -1.127 
41.083 13 AA_DC16DA17:DT7DG8_CC A 16 ? C 8  ? A 17 ? C 7  ? 
1 A DA 17 1_555 C DT 7 1_555 A DC 18 1_555 C DG 6 1_555 0.898  -1.298 3.217 0.231  1.614  32.287 -2.610 -1.572 3.156 2.900  -0.415 
32.327 14 AA_DA17DC18:DG6DT7_CC A 17 ? C 7  ? A 18 ? C 6  ? 
1 A DC 18 1_555 C DG 6 1_555 A DT 19 1_555 C DA 5 1_555 -0.001 -0.633 3.154 3.167  2.423  31.497 -1.584 0.559  3.083 4.441  -5.804 
31.742 15 AA_DC18DT19:DA5DG6_CC A 18 ? C 6  ? A 19 ? C 5  ? 
1 A DT 19 1_555 C DA 5 1_555 A DC 20 1_555 C DG 4 1_555 0.459  2.124  3.288 7.750  -0.074 38.470 3.174  0.260  3.311 -0.111 
-11.618 39.214 16 AA_DT19DC20:DG4DA5_CC A 19 ? C 5  ? A 20 ? C 4  ? 
# 
loop_
_pdbx_audit_support.funding_organization 
_pdbx_audit_support.country 
_pdbx_audit_support.grant_number 
_pdbx_audit_support.ordinal 
'National Science Foundation (NSF, United States)'                                         'United States' 1360635     1 
'National Institutes of Health/National Institute of General Medical Sciences (NIH/NIGMS)' 'United States' R01GM104960 2 
'National Science Foundation (NSF, United States)'                                         'United States' NSF2004250  3 
# 
loop_
_pdbx_entity_nonpoly.entity_id 
_pdbx_entity_nonpoly.name 
_pdbx_entity_nonpoly.comp_id 
5 'MAGNESIUM ION'  MG  
6 'CACODYLATE ION' CAC 
# 
_pdbx_initial_refinement_model.id               1 
_pdbx_initial_refinement_model.entity_id_list   ? 
_pdbx_initial_refinement_model.type             'experimental model' 
_pdbx_initial_refinement_model.source_name      PDB 
_pdbx_initial_refinement_model.accession_code   5KEK 
_pdbx_initial_refinement_model.details          ? 
# 
_pdbx_struct_assembly_auth_evidence.id                     1 
_pdbx_struct_assembly_auth_evidence.assembly_id            1 
_pdbx_struct_assembly_auth_evidence.experimental_support   none 
_pdbx_struct_assembly_auth_evidence.details                ? 
# 
